data_6KKP
# 
_entry.id   6KKP 
# 
_audit_conform.dict_name       mmcif_pdbx.dic 
_audit_conform.dict_version    5.380 
_audit_conform.dict_location   http://mmcif.pdb.org/dictionaries/ascii/mmcif_pdbx.dic 
# 
loop_
_database_2.database_id 
_database_2.database_code 
_database_2.pdbx_database_accession 
_database_2.pdbx_DOI 
PDB   6KKP         pdb_00006kkp 10.2210/pdb6kkp/pdb 
WWPDB D_1300013175 ?            ?                   
# 
_pdbx_database_status.status_code                     REL 
_pdbx_database_status.status_code_sf                  REL 
_pdbx_database_status.status_code_mr                  ? 
_pdbx_database_status.entry_id                        6KKP 
_pdbx_database_status.recvd_initial_deposition_date   2019-07-26 
_pdbx_database_status.SG_entry                        N 
_pdbx_database_status.deposit_site                    PDBJ 
_pdbx_database_status.process_site                    PDBJ 
_pdbx_database_status.status_code_cs                  ? 
_pdbx_database_status.methods_development_category    ? 
_pdbx_database_status.pdb_format_compatible           Y 
_pdbx_database_status.status_code_nmr_data            ? 
# 
loop_
_audit_author.name 
_audit_author.pdbx_ordinal 
_audit_author.identifier_ORCID 
'Gan, J.H.'   1 ? 
'Yang, C.'    2 ? 
'Chen, G.K.'  3 ? 
'Liang, H.H.' 4 ? 
# 
_citation.abstract                  ? 
_citation.abstract_id_CAS           ? 
_citation.book_id_ISBN              ? 
_citation.book_publisher            ? 
_citation.book_publisher_city       ? 
_citation.book_title                ? 
_citation.coordinate_linkage        ? 
_citation.country                   UK 
_citation.database_id_Medline       ? 
_citation.details                   ? 
_citation.id                        primary 
_citation.journal_abbrev            'Embo J.' 
_citation.journal_id_ASTM           EMJODG 
_citation.journal_id_CSD            0897 
_citation.journal_id_ISSN           1460-2075 
_citation.journal_full              ? 
_citation.journal_issue             ? 
_citation.journal_volume            39 
_citation.language                  ? 
_citation.page_first                e103412 
_citation.page_last                 e103412 
_citation.title                     'The SiaA/B/C/D signaling network regulates biofilm formation in Pseudomonas aeruginosa.' 
_citation.year                      2020 
_citation.database_id_CSD           ? 
_citation.pdbx_database_id_DOI      10.15252/embj.2019103412 
_citation.pdbx_database_id_PubMed   32090355 
_citation.unpublished_flag          ? 
# 
loop_
_citation_author.citation_id 
_citation_author.name 
_citation_author.ordinal 
_citation_author.identifier_ORCID 
primary 'Chen, G.K.'  1  0000-0002-0838-5967 
primary 'Gan, J.H.'   2  0000-0002-8438-8852 
primary 'Yang, C.'    3  ?                   
primary 'Zuo, Y.L.'   4  ?                   
primary 'Peng, J.'    5  ?                   
primary 'Li, M.'      6  0000-0002-2430-9665 
primary 'Huo, W.P.'   7  ?                   
primary 'Xie, Y.P.'   8  ?                   
primary 'Zhang, Y.N.' 9  ?                   
primary 'Wang, T.T.'  10 0000-0001-8540-436X 
primary 'Deng, X.'    11 ?                   
primary 'Liang, H.H.' 12 0000-0001-9639-1867 
# 
_cell.angle_alpha                  90.000 
_cell.angle_alpha_esd              ? 
_cell.angle_beta                   90.000 
_cell.angle_beta_esd               ? 
_cell.angle_gamma                  90.000 
_cell.angle_gamma_esd              ? 
_cell.entry_id                     6KKP 
_cell.details                      ? 
_cell.formula_units_Z              ? 
_cell.length_a                     35.627 
_cell.length_a_esd                 ? 
_cell.length_b                     72.057 
_cell.length_b_esd                 ? 
_cell.length_c                     96.100 
_cell.length_c_esd                 ? 
_cell.volume                       ? 
_cell.volume_esd                   ? 
_cell.Z_PDB                        8 
_cell.reciprocal_angle_alpha       ? 
_cell.reciprocal_angle_beta        ? 
_cell.reciprocal_angle_gamma       ? 
_cell.reciprocal_angle_alpha_esd   ? 
_cell.reciprocal_angle_beta_esd    ? 
_cell.reciprocal_angle_gamma_esd   ? 
_cell.reciprocal_length_a          ? 
_cell.reciprocal_length_b          ? 
_cell.reciprocal_length_c          ? 
_cell.reciprocal_length_a_esd      ? 
_cell.reciprocal_length_b_esd      ? 
_cell.reciprocal_length_c_esd      ? 
_cell.pdbx_unique_axis             ? 
# 
_symmetry.entry_id                         6KKP 
_symmetry.cell_setting                     ? 
_symmetry.Int_Tables_number                23 
_symmetry.space_group_name_Hall            ? 
_symmetry.space_group_name_H-M             'I 2 2 2' 
_symmetry.pdbx_full_space_group_name_H-M   ? 
# 
loop_
_entity.id 
_entity.type 
_entity.src_method 
_entity.pdbx_description 
_entity.formula_weight 
_entity.pdbx_number_of_molecules 
_entity.pdbx_ec 
_entity.pdbx_mutation 
_entity.pdbx_fragment 
_entity.details 
1 polymer man 'DUF1987 domain-containing protein' 14655.237 1  ? ? ? ? 
2 water   nat water                               18.015    11 ? ? ? ? 
# 
_entity_name_com.entity_id   1 
_entity_name_com.name        SiaC 
# 
_entity_poly.entity_id                      1 
_entity_poly.type                           'polypeptide(L)' 
_entity_poly.nstd_linkage                   no 
_entity_poly.nstd_monomer                   no 
_entity_poly.pdbx_seq_one_letter_code       
;SMSDLHIPGTQSTPAIQGDWQAGRLSMQGDSYPENSYELFGQVIDWVERFLADGQRPLELDLRLLYLNTSSIKAMMDILD
LLEEAHQGGRPVSLRWHYDRRNERVAELAEEFREDCSFPFAIQAHDE
;
_entity_poly.pdbx_seq_one_letter_code_can   
;SMSDLHIPGTQSTPAIQGDWQAGRLSMQGDSYPENSYELFGQVIDWVERFLADGQRPLELDLRLLYLNTSSIKAMMDILD
LLEEAHQGGRPVSLRWHYDRRNERVAELAEEFREDCSFPFAIQAHDE
;
_entity_poly.pdbx_strand_id                 A 
_entity_poly.pdbx_target_identifier         ? 
# 
loop_
_entity_poly_seq.entity_id 
_entity_poly_seq.num 
_entity_poly_seq.mon_id 
_entity_poly_seq.hetero 
1 1   SER n 
1 2   MET n 
1 3   SER n 
1 4   ASP n 
1 5   LEU n 
1 6   HIS n 
1 7   ILE n 
1 8   PRO n 
1 9   GLY n 
1 10  THR n 
1 11  GLN n 
1 12  SER n 
1 13  THR n 
1 14  PRO n 
1 15  ALA n 
1 16  ILE n 
1 17  GLN n 
1 18  GLY n 
1 19  ASP n 
1 20  TRP n 
1 21  GLN n 
1 22  ALA n 
1 23  GLY n 
1 24  ARG n 
1 25  LEU n 
1 26  SER n 
1 27  MET n 
1 28  GLN n 
1 29  GLY n 
1 30  ASP n 
1 31  SER n 
1 32  TYR n 
1 33  PRO n 
1 34  GLU n 
1 35  ASN n 
1 36  SER n 
1 37  TYR n 
1 38  GLU n 
1 39  LEU n 
1 40  PHE n 
1 41  GLY n 
1 42  GLN n 
1 43  VAL n 
1 44  ILE n 
1 45  ASP n 
1 46  TRP n 
1 47  VAL n 
1 48  GLU n 
1 49  ARG n 
1 50  PHE n 
1 51  LEU n 
1 52  ALA n 
1 53  ASP n 
1 54  GLY n 
1 55  GLN n 
1 56  ARG n 
1 57  PRO n 
1 58  LEU n 
1 59  GLU n 
1 60  LEU n 
1 61  ASP n 
1 62  LEU n 
1 63  ARG n 
1 64  LEU n 
1 65  LEU n 
1 66  TYR n 
1 67  LEU n 
1 68  ASN n 
1 69  THR n 
1 70  SER n 
1 71  SER n 
1 72  ILE n 
1 73  LYS n 
1 74  ALA n 
1 75  MET n 
1 76  MET n 
1 77  ASP n 
1 78  ILE n 
1 79  LEU n 
1 80  ASP n 
1 81  LEU n 
1 82  LEU n 
1 83  GLU n 
1 84  GLU n 
1 85  ALA n 
1 86  HIS n 
1 87  GLN n 
1 88  GLY n 
1 89  GLY n 
1 90  ARG n 
1 91  PRO n 
1 92  VAL n 
1 93  SER n 
1 94  LEU n 
1 95  ARG n 
1 96  TRP n 
1 97  HIS n 
1 98  TYR n 
1 99  ASP n 
1 100 ARG n 
1 101 ARG n 
1 102 ASN n 
1 103 GLU n 
1 104 ARG n 
1 105 VAL n 
1 106 ALA n 
1 107 GLU n 
1 108 LEU n 
1 109 ALA n 
1 110 GLU n 
1 111 GLU n 
1 112 PHE n 
1 113 ARG n 
1 114 GLU n 
1 115 ASP n 
1 116 CYS n 
1 117 SER n 
1 118 PHE n 
1 119 PRO n 
1 120 PHE n 
1 121 ALA n 
1 122 ILE n 
1 123 GLN n 
1 124 ALA n 
1 125 HIS n 
1 126 ASP n 
1 127 GLU n 
# 
_entity_src_gen.entity_id                          1 
_entity_src_gen.pdbx_src_id                        1 
_entity_src_gen.pdbx_alt_source_flag               sample 
_entity_src_gen.pdbx_seq_type                      'Biological sequence' 
_entity_src_gen.pdbx_beg_seq_num                   1 
_entity_src_gen.pdbx_end_seq_num                   127 
_entity_src_gen.gene_src_common_name               ? 
_entity_src_gen.gene_src_genus                     ? 
_entity_src_gen.pdbx_gene_src_gene                 ? 
_entity_src_gen.gene_src_species                   ? 
_entity_src_gen.gene_src_strain                    ? 
_entity_src_gen.gene_src_tissue                    ? 
_entity_src_gen.gene_src_tissue_fraction           ? 
_entity_src_gen.gene_src_details                   ? 
_entity_src_gen.pdbx_gene_src_fragment             ? 
_entity_src_gen.pdbx_gene_src_scientific_name      'Pseudomonas aeruginosa' 
_entity_src_gen.pdbx_gene_src_ncbi_taxonomy_id     287 
_entity_src_gen.pdbx_gene_src_variant              ? 
_entity_src_gen.pdbx_gene_src_cell_line            ? 
_entity_src_gen.pdbx_gene_src_atcc                 ? 
_entity_src_gen.pdbx_gene_src_organ                ? 
_entity_src_gen.pdbx_gene_src_organelle            ? 
_entity_src_gen.pdbx_gene_src_cell                 ? 
_entity_src_gen.pdbx_gene_src_cellular_location    ? 
_entity_src_gen.host_org_common_name               ? 
_entity_src_gen.pdbx_host_org_scientific_name      'Escherichia coli' 
_entity_src_gen.pdbx_host_org_ncbi_taxonomy_id     562 
_entity_src_gen.host_org_genus                     ? 
_entity_src_gen.pdbx_host_org_gene                 ? 
_entity_src_gen.pdbx_host_org_organ                ? 
_entity_src_gen.host_org_species                   ? 
_entity_src_gen.pdbx_host_org_tissue               ? 
_entity_src_gen.pdbx_host_org_tissue_fraction      ? 
_entity_src_gen.pdbx_host_org_strain               ? 
_entity_src_gen.pdbx_host_org_variant              ? 
_entity_src_gen.pdbx_host_org_cell_line            ? 
_entity_src_gen.pdbx_host_org_atcc                 ? 
_entity_src_gen.pdbx_host_org_culture_collection   ? 
_entity_src_gen.pdbx_host_org_cell                 ? 
_entity_src_gen.pdbx_host_org_organelle            ? 
_entity_src_gen.pdbx_host_org_cellular_location    ? 
_entity_src_gen.pdbx_host_org_vector_type          ? 
_entity_src_gen.pdbx_host_org_vector               ? 
_entity_src_gen.host_org_details                   ? 
_entity_src_gen.expression_system_id               ? 
_entity_src_gen.plasmid_name                       ? 
_entity_src_gen.plasmid_details                    ? 
_entity_src_gen.pdbx_description                   ? 
# 
_struct_ref.id                         1 
_struct_ref.db_name                    UNP 
_struct_ref.db_code                    A0A072ZHB4_PSEAI 
_struct_ref.pdbx_db_accession          A0A072ZHB4 
_struct_ref.pdbx_db_isoform            ? 
_struct_ref.entity_id                  1 
_struct_ref.pdbx_seq_one_letter_code   
;MSDLHIPGTQSTPAIQGDWQAGRLSMQGDSYPENSYELFGQVIDWVERFLADGQRPLELDLRLLYLNTSSIKAMMDILDL
LEEAHQGGRPVSLRWHYDRRNERVAELAEEFREDCSFPFAIQAHDE
;
_struct_ref.pdbx_align_begin           1 
# 
_struct_ref_seq.align_id                      1 
_struct_ref_seq.ref_id                        1 
_struct_ref_seq.pdbx_PDB_id_code              6KKP 
_struct_ref_seq.pdbx_strand_id                A 
_struct_ref_seq.seq_align_beg                 2 
_struct_ref_seq.pdbx_seq_align_beg_ins_code   ? 
_struct_ref_seq.seq_align_end                 127 
_struct_ref_seq.pdbx_seq_align_end_ins_code   ? 
_struct_ref_seq.pdbx_db_accession             A0A072ZHB4 
_struct_ref_seq.db_align_beg                  1 
_struct_ref_seq.pdbx_db_align_beg_ins_code    ? 
_struct_ref_seq.db_align_end                  126 
_struct_ref_seq.pdbx_db_align_end_ins_code    ? 
_struct_ref_seq.pdbx_auth_seq_align_beg       1 
_struct_ref_seq.pdbx_auth_seq_align_end       126 
# 
_struct_ref_seq_dif.align_id                     1 
_struct_ref_seq_dif.pdbx_pdb_id_code             6KKP 
_struct_ref_seq_dif.mon_id                       SER 
_struct_ref_seq_dif.pdbx_pdb_strand_id           A 
_struct_ref_seq_dif.seq_num                      1 
_struct_ref_seq_dif.pdbx_pdb_ins_code            ? 
_struct_ref_seq_dif.pdbx_seq_db_name             UNP 
_struct_ref_seq_dif.pdbx_seq_db_accession_code   A0A072ZHB4 
_struct_ref_seq_dif.db_mon_id                    ? 
_struct_ref_seq_dif.pdbx_seq_db_seq_num          ? 
_struct_ref_seq_dif.details                      'expression tag' 
_struct_ref_seq_dif.pdbx_auth_seq_num            0 
_struct_ref_seq_dif.pdbx_ordinal                 1 
# 
loop_
_chem_comp.id 
_chem_comp.type 
_chem_comp.mon_nstd_flag 
_chem_comp.name 
_chem_comp.pdbx_synonyms 
_chem_comp.formula 
_chem_comp.formula_weight 
ALA 'L-peptide linking' y ALANINE         ? 'C3 H7 N O2'     89.093  
ARG 'L-peptide linking' y ARGININE        ? 'C6 H15 N4 O2 1' 175.209 
ASN 'L-peptide linking' y ASPARAGINE      ? 'C4 H8 N2 O3'    132.118 
ASP 'L-peptide linking' y 'ASPARTIC ACID' ? 'C4 H7 N O4'     133.103 
CYS 'L-peptide linking' y CYSTEINE        ? 'C3 H7 N O2 S'   121.158 
GLN 'L-peptide linking' y GLUTAMINE       ? 'C5 H10 N2 O3'   146.144 
GLU 'L-peptide linking' y 'GLUTAMIC ACID' ? 'C5 H9 N O4'     147.129 
GLY 'peptide linking'   y GLYCINE         ? 'C2 H5 N O2'     75.067  
HIS 'L-peptide linking' y HISTIDINE       ? 'C6 H10 N3 O2 1' 156.162 
HOH non-polymer         . WATER           ? 'H2 O'           18.015  
ILE 'L-peptide linking' y ISOLEUCINE      ? 'C6 H13 N O2'    131.173 
LEU 'L-peptide linking' y LEUCINE         ? 'C6 H13 N O2'    131.173 
LYS 'L-peptide linking' y LYSINE          ? 'C6 H15 N2 O2 1' 147.195 
MET 'L-peptide linking' y METHIONINE      ? 'C5 H11 N O2 S'  149.211 
PHE 'L-peptide linking' y PHENYLALANINE   ? 'C9 H11 N O2'    165.189 
PRO 'L-peptide linking' y PROLINE         ? 'C5 H9 N O2'     115.130 
SER 'L-peptide linking' y SERINE          ? 'C3 H7 N O3'     105.093 
THR 'L-peptide linking' y THREONINE       ? 'C4 H9 N O3'     119.119 
TRP 'L-peptide linking' y TRYPTOPHAN      ? 'C11 H12 N2 O2'  204.225 
TYR 'L-peptide linking' y TYROSINE        ? 'C9 H11 N O3'    181.189 
VAL 'L-peptide linking' y VALINE          ? 'C5 H11 N O2'    117.146 
# 
_exptl.absorpt_coefficient_mu     ? 
_exptl.absorpt_correction_T_max   ? 
_exptl.absorpt_correction_T_min   ? 
_exptl.absorpt_correction_type    ? 
_exptl.absorpt_process_details    ? 
_exptl.entry_id                   6KKP 
_exptl.crystals_number            1 
_exptl.details                    ? 
_exptl.method                     'X-RAY DIFFRACTION' 
_exptl.method_details             ? 
# 
_exptl_crystal.colour                      ? 
_exptl_crystal.density_diffrn              ? 
_exptl_crystal.density_Matthews            2.18 
_exptl_crystal.density_method              ? 
_exptl_crystal.density_percent_sol         43.5 
_exptl_crystal.description                 ? 
_exptl_crystal.F_000                       ? 
_exptl_crystal.id                          1 
_exptl_crystal.preparation                 ? 
_exptl_crystal.size_max                    ? 
_exptl_crystal.size_mid                    ? 
_exptl_crystal.size_min                    ? 
_exptl_crystal.size_rad                    ? 
_exptl_crystal.colour_lustre               ? 
_exptl_crystal.colour_modifier             ? 
_exptl_crystal.colour_primary              ? 
_exptl_crystal.density_meas                ? 
_exptl_crystal.density_meas_esd            ? 
_exptl_crystal.density_meas_gt             ? 
_exptl_crystal.density_meas_lt             ? 
_exptl_crystal.density_meas_temp           ? 
_exptl_crystal.density_meas_temp_esd       ? 
_exptl_crystal.density_meas_temp_gt        ? 
_exptl_crystal.density_meas_temp_lt        ? 
_exptl_crystal.pdbx_crystal_image_url      ? 
_exptl_crystal.pdbx_crystal_image_format   ? 
_exptl_crystal.pdbx_mosaicity              ? 
_exptl_crystal.pdbx_mosaicity_esd          ? 
# 
_exptl_crystal_grow.apparatus       ? 
_exptl_crystal_grow.atmosphere      ? 
_exptl_crystal_grow.crystal_id      1 
_exptl_crystal_grow.details         ? 
_exptl_crystal_grow.method          'VAPOR DIFFUSION, HANGING DROP' 
_exptl_crystal_grow.method_ref      ? 
_exptl_crystal_grow.pH              ? 
_exptl_crystal_grow.pressure        ? 
_exptl_crystal_grow.pressure_esd    ? 
_exptl_crystal_grow.seeding         ? 
_exptl_crystal_grow.seeding_ref     ? 
_exptl_crystal_grow.temp            291.15 
_exptl_crystal_grow.temp_details    ? 
_exptl_crystal_grow.temp_esd        ? 
_exptl_crystal_grow.time            ? 
_exptl_crystal_grow.pdbx_details    '0.4M NaH2PO4/1.6M K2HPO4, 0.1M imidazole PH 8.0, 0.2M NaCl' 
_exptl_crystal_grow.pdbx_pH_range   ? 
# 
_diffrn.ambient_environment              ? 
_diffrn.ambient_temp                     100 
_diffrn.ambient_temp_details             ? 
_diffrn.ambient_temp_esd                 ? 
_diffrn.crystal_id                       1 
_diffrn.crystal_support                  ? 
_diffrn.crystal_treatment                ? 
_diffrn.details                          ? 
_diffrn.id                               1 
_diffrn.ambient_pressure                 ? 
_diffrn.ambient_pressure_esd             ? 
_diffrn.ambient_pressure_gt              ? 
_diffrn.ambient_pressure_lt              ? 
_diffrn.ambient_temp_gt                  ? 
_diffrn.ambient_temp_lt                  ? 
_diffrn.pdbx_serial_crystal_experiment   N 
# 
_diffrn_detector.details                      ? 
_diffrn_detector.detector                     PIXEL 
_diffrn_detector.diffrn_id                    1 
_diffrn_detector.type                         'DECTRIS PILATUS3 S 6M' 
_diffrn_detector.area_resol_mean              ? 
_diffrn_detector.dtime                        ? 
_diffrn_detector.pdbx_frames_total            ? 
_diffrn_detector.pdbx_collection_time_total   ? 
_diffrn_detector.pdbx_collection_date         2019-01-10 
_diffrn_detector.pdbx_frequency               ? 
# 
_diffrn_radiation.collimation                      ? 
_diffrn_radiation.diffrn_id                        1 
_diffrn_radiation.filter_edge                      ? 
_diffrn_radiation.inhomogeneity                    ? 
_diffrn_radiation.monochromator                    ? 
_diffrn_radiation.polarisn_norm                    ? 
_diffrn_radiation.polarisn_ratio                   ? 
_diffrn_radiation.probe                            ? 
_diffrn_radiation.type                             ? 
_diffrn_radiation.xray_symbol                      ? 
_diffrn_radiation.wavelength_id                    1 
_diffrn_radiation.pdbx_monochromatic_or_laue_m_l   M 
_diffrn_radiation.pdbx_wavelength_list             ? 
_diffrn_radiation.pdbx_wavelength                  ? 
_diffrn_radiation.pdbx_diffrn_protocol             'SINGLE WAVELENGTH' 
_diffrn_radiation.pdbx_analyzer                    ? 
_diffrn_radiation.pdbx_scattering_type             x-ray 
# 
_diffrn_radiation_wavelength.id           1 
_diffrn_radiation_wavelength.wavelength   0.979 
_diffrn_radiation_wavelength.wt           1.0 
# 
_diffrn_source.current                     ? 
_diffrn_source.details                     ? 
_diffrn_source.diffrn_id                   1 
_diffrn_source.power                       ? 
_diffrn_source.size                        ? 
_diffrn_source.source                      SYNCHROTRON 
_diffrn_source.target                      ? 
_diffrn_source.type                        'SSRF BEAMLINE BL17U' 
_diffrn_source.voltage                     ? 
_diffrn_source.take-off_angle              ? 
_diffrn_source.pdbx_wavelength_list        0.979 
_diffrn_source.pdbx_wavelength             ? 
_diffrn_source.pdbx_synchrotron_beamline   BL17U 
_diffrn_source.pdbx_synchrotron_site       SSRF 
# 
_reflns.B_iso_Wilson_estimate            ? 
_reflns.entry_id                         6KKP 
_reflns.data_reduction_details           ? 
_reflns.data_reduction_method            ? 
_reflns.d_resolution_high                2.5 
_reflns.d_resolution_low                 30 
_reflns.details                          ? 
_reflns.limit_h_max                      ? 
_reflns.limit_h_min                      ? 
_reflns.limit_k_max                      ? 
_reflns.limit_k_min                      ? 
_reflns.limit_l_max                      ? 
_reflns.limit_l_min                      ? 
_reflns.number_all                       ? 
_reflns.number_obs                       4479 
_reflns.observed_criterion               ? 
_reflns.observed_criterion_F_max         ? 
_reflns.observed_criterion_F_min         ? 
_reflns.observed_criterion_I_max         ? 
_reflns.observed_criterion_I_min         ? 
_reflns.observed_criterion_sigma_F       ? 
_reflns.observed_criterion_sigma_I       ? 
_reflns.percent_possible_obs             98.5 
_reflns.R_free_details                   ? 
_reflns.Rmerge_F_all                     ? 
_reflns.Rmerge_F_obs                     ? 
_reflns.Friedel_coverage                 ? 
_reflns.number_gt                        ? 
_reflns.threshold_expression             ? 
_reflns.pdbx_redundancy                  6.4 
_reflns.pdbx_Rmerge_I_obs                ? 
_reflns.pdbx_Rmerge_I_all                ? 
_reflns.pdbx_Rsym_value                  ? 
_reflns.pdbx_netI_over_av_sigmaI         ? 
_reflns.pdbx_netI_over_sigmaI            15.4 
_reflns.pdbx_res_netI_over_av_sigmaI_2   ? 
_reflns.pdbx_res_netI_over_sigmaI_2      ? 
_reflns.pdbx_chi_squared                 ? 
_reflns.pdbx_scaling_rejects             ? 
_reflns.pdbx_d_res_high_opt              ? 
_reflns.pdbx_d_res_low_opt               ? 
_reflns.pdbx_d_res_opt_method            ? 
_reflns.phase_calculation_details        ? 
_reflns.pdbx_Rrim_I_all                  ? 
_reflns.pdbx_Rpim_I_all                  ? 
_reflns.pdbx_d_opt                       ? 
_reflns.pdbx_number_measured_all         ? 
_reflns.pdbx_diffrn_id                   1 
_reflns.pdbx_ordinal                     1 
_reflns.pdbx_CC_half                     0.971 
_reflns.pdbx_R_split                     ? 
# 
_reflns_shell.d_res_high                  2.5 
_reflns_shell.d_res_low                   2.59 
_reflns_shell.meanI_over_sigI_all         ? 
_reflns_shell.meanI_over_sigI_obs         4.5 
_reflns_shell.number_measured_all         ? 
_reflns_shell.number_measured_obs         ? 
_reflns_shell.number_possible             ? 
_reflns_shell.number_unique_all           ? 
_reflns_shell.number_unique_obs           415 
_reflns_shell.percent_possible_all        ? 
_reflns_shell.percent_possible_obs        ? 
_reflns_shell.Rmerge_F_all                ? 
_reflns_shell.Rmerge_F_obs                ? 
_reflns_shell.Rmerge_I_all                ? 
_reflns_shell.Rmerge_I_obs                ? 
_reflns_shell.meanI_over_sigI_gt          ? 
_reflns_shell.meanI_over_uI_all           ? 
_reflns_shell.meanI_over_uI_gt            ? 
_reflns_shell.number_measured_gt          ? 
_reflns_shell.number_unique_gt            ? 
_reflns_shell.percent_possible_gt         ? 
_reflns_shell.Rmerge_F_gt                 ? 
_reflns_shell.Rmerge_I_gt                 ? 
_reflns_shell.pdbx_redundancy             ? 
_reflns_shell.pdbx_Rsym_value             ? 
_reflns_shell.pdbx_chi_squared            ? 
_reflns_shell.pdbx_netI_over_sigmaI_all   ? 
_reflns_shell.pdbx_netI_over_sigmaI_obs   ? 
_reflns_shell.pdbx_Rrim_I_all             ? 
_reflns_shell.pdbx_Rpim_I_all             ? 
_reflns_shell.pdbx_rejects                ? 
_reflns_shell.pdbx_ordinal                1 
_reflns_shell.pdbx_diffrn_id              1 
_reflns_shell.pdbx_CC_half                0.939 
_reflns_shell.pdbx_R_split                ? 
# 
_refine.aniso_B[1][1]                            -0.0400 
_refine.aniso_B[1][2]                            0.0000 
_refine.aniso_B[1][3]                            -0.0000 
_refine.aniso_B[2][2]                            0.1100 
_refine.aniso_B[2][3]                            -0.0000 
_refine.aniso_B[3][3]                            -0.0700 
_refine.B_iso_max                                64.910 
_refine.B_iso_mean                               31.9020 
_refine.B_iso_min                                14.240 
_refine.correlation_coeff_Fo_to_Fc               0.9240 
_refine.correlation_coeff_Fo_to_Fc_free          0.9060 
_refine.details                                  
'HYDROGENS HAVE BEEN ADDED IN THE RIDING POSITIONS U VALUES      : REFINED INDIVIDUALLY' 
_refine.diff_density_max                         ? 
_refine.diff_density_max_esd                     ? 
_refine.diff_density_min                         ? 
_refine.diff_density_min_esd                     ? 
_refine.diff_density_rms                         ? 
_refine.diff_density_rms_esd                     ? 
_refine.entry_id                                 6KKP 
_refine.pdbx_refine_id                           'X-RAY DIFFRACTION' 
_refine.ls_abs_structure_details                 ? 
_refine.ls_abs_structure_Flack                   ? 
_refine.ls_abs_structure_Flack_esd               ? 
_refine.ls_abs_structure_Rogers                  ? 
_refine.ls_abs_structure_Rogers_esd              ? 
_refine.ls_d_res_high                            2.5000 
_refine.ls_d_res_low                             30.0000 
_refine.ls_extinction_coef                       ? 
_refine.ls_extinction_coef_esd                   ? 
_refine.ls_extinction_expression                 ? 
_refine.ls_extinction_method                     ? 
_refine.ls_goodness_of_fit_all                   ? 
_refine.ls_goodness_of_fit_all_esd               ? 
_refine.ls_goodness_of_fit_obs                   ? 
_refine.ls_goodness_of_fit_obs_esd               ? 
_refine.ls_hydrogen_treatment                    ? 
_refine.ls_matrix_type                           ? 
_refine.ls_number_constraints                    ? 
_refine.ls_number_parameters                     ? 
_refine.ls_number_reflns_all                     ? 
_refine.ls_number_reflns_obs                     4208 
_refine.ls_number_reflns_R_free                  200 
_refine.ls_number_reflns_R_work                  ? 
_refine.ls_number_restraints                     ? 
_refine.ls_percent_reflns_obs                    97.0300 
_refine.ls_percent_reflns_R_free                 4.5000 
_refine.ls_R_factor_all                          ? 
_refine.ls_R_factor_obs                          0.2108 
_refine.ls_R_factor_R_free                       0.2514 
_refine.ls_R_factor_R_free_error                 ? 
_refine.ls_R_factor_R_free_error_details         ? 
_refine.ls_R_factor_R_work                       0.2090 
_refine.ls_R_Fsqd_factor_obs                     ? 
_refine.ls_R_I_factor_obs                        ? 
_refine.ls_redundancy_reflns_all                 ? 
_refine.ls_redundancy_reflns_obs                 ? 
_refine.ls_restrained_S_all                      ? 
_refine.ls_restrained_S_obs                      ? 
_refine.ls_shift_over_esd_max                    ? 
_refine.ls_shift_over_esd_mean                   ? 
_refine.ls_structure_factor_coef                 ? 
_refine.ls_weighting_details                     ? 
_refine.ls_weighting_scheme                      ? 
_refine.ls_wR_factor_all                         ? 
_refine.ls_wR_factor_obs                         ? 
_refine.ls_wR_factor_R_free                      ? 
_refine.ls_wR_factor_R_work                      ? 
_refine.occupancy_max                            ? 
_refine.occupancy_min                            ? 
_refine.solvent_model_details                    ? 
_refine.solvent_model_param_bsol                 ? 
_refine.solvent_model_param_ksol                 ? 
_refine.ls_R_factor_gt                           ? 
_refine.ls_goodness_of_fit_gt                    ? 
_refine.ls_goodness_of_fit_ref                   ? 
_refine.ls_shift_over_su_max                     ? 
_refine.ls_shift_over_su_max_lt                  ? 
_refine.ls_shift_over_su_mean                    ? 
_refine.ls_shift_over_su_mean_lt                 ? 
_refine.pdbx_ls_sigma_I                          ? 
_refine.pdbx_ls_sigma_F                          0.000 
_refine.pdbx_ls_sigma_Fsqd                       ? 
_refine.pdbx_data_cutoff_high_absF               ? 
_refine.pdbx_data_cutoff_high_rms_absF           ? 
_refine.pdbx_data_cutoff_low_absF                ? 
_refine.pdbx_isotropic_thermal_model             ? 
_refine.pdbx_ls_cross_valid_method               THROUGHOUT 
_refine.pdbx_method_to_determine_struct          'MOLECULAR REPLACEMENT' 
_refine.pdbx_starting_model                      6KKO 
_refine.pdbx_stereochemistry_target_values       ? 
_refine.pdbx_R_Free_selection_details            RANDOM 
_refine.pdbx_stereochem_target_val_spec_case     ? 
_refine.pdbx_overall_ESU_R                       0.9670 
_refine.pdbx_overall_ESU_R_Free                  0.3110 
_refine.pdbx_solvent_vdw_probe_radii             1.2000 
_refine.pdbx_solvent_ion_probe_radii             0.8000 
_refine.pdbx_solvent_shrinkage_radii             0.8000 
_refine.pdbx_real_space_R                        ? 
_refine.pdbx_density_correlation                 ? 
_refine.pdbx_pd_number_of_powder_patterns        ? 
_refine.pdbx_pd_number_of_points                 ? 
_refine.pdbx_pd_meas_number_of_points            ? 
_refine.pdbx_pd_proc_ls_prof_R_factor            ? 
_refine.pdbx_pd_proc_ls_prof_wR_factor           ? 
_refine.pdbx_pd_Marquardt_correlation_coeff      ? 
_refine.pdbx_pd_Fsqrd_R_factor                   ? 
_refine.pdbx_pd_ls_matrix_band_width             ? 
_refine.pdbx_overall_phase_error                 ? 
_refine.pdbx_overall_SU_R_free_Cruickshank_DPI   ? 
_refine.pdbx_overall_SU_R_free_Blow_DPI          ? 
_refine.pdbx_overall_SU_R_Blow_DPI               ? 
_refine.pdbx_TLS_residual_ADP_flag               ? 
_refine.pdbx_diffrn_id                           1 
_refine.overall_SU_B                             10.0340 
_refine.overall_SU_ML                            0.2210 
_refine.overall_SU_R_Cruickshank_DPI             ? 
_refine.overall_SU_R_free                        ? 
_refine.overall_FOM_free_R_set                   ? 
_refine.overall_FOM_work_R_set                   ? 
_refine.pdbx_average_fsc_overall                 ? 
_refine.pdbx_average_fsc_work                    ? 
_refine.pdbx_average_fsc_free                    ? 
# 
_refine_hist.pdbx_refine_id                   'X-RAY DIFFRACTION' 
_refine_hist.cycle_id                         final 
_refine_hist.details                          ? 
_refine_hist.d_res_high                       2.5000 
_refine_hist.d_res_low                        30.0000 
_refine_hist.number_atoms_solvent             11 
_refine_hist.number_atoms_total               977 
_refine_hist.number_reflns_all                ? 
_refine_hist.number_reflns_obs                ? 
_refine_hist.number_reflns_R_free             ? 
_refine_hist.number_reflns_R_work             ? 
_refine_hist.R_factor_all                     ? 
_refine_hist.R_factor_obs                     ? 
_refine_hist.R_factor_R_free                  ? 
_refine_hist.R_factor_R_work                  ? 
_refine_hist.pdbx_number_residues_total       121 
_refine_hist.pdbx_B_iso_mean_ligand           ? 
_refine_hist.pdbx_B_iso_mean_solvent          26.22 
_refine_hist.pdbx_number_atoms_protein        966 
_refine_hist.pdbx_number_atoms_nucleic_acid   0 
_refine_hist.pdbx_number_atoms_ligand         0 
_refine_hist.pdbx_number_atoms_lipid          ? 
_refine_hist.pdbx_number_atoms_carb           ? 
_refine_hist.pdbx_pseudo_atom_details         ? 
# 
loop_
_refine_ls_restr.pdbx_refine_id 
_refine_ls_restr.criterion 
_refine_ls_restr.dev_ideal 
_refine_ls_restr.dev_ideal_target 
_refine_ls_restr.number 
_refine_ls_restr.rejects 
_refine_ls_restr.type 
_refine_ls_restr.weight 
_refine_ls_restr.pdbx_restraint_function 
'X-RAY DIFFRACTION' ? 0.007  0.019  988  ? r_bond_refined_d       ? ? 
'X-RAY DIFFRACTION' ? 0.001  0.020  903  ? r_bond_other_d         ? ? 
'X-RAY DIFFRACTION' ? 1.164  1.954  1339 ? r_angle_refined_deg    ? ? 
'X-RAY DIFFRACTION' ? 0.884  3.000  2069 ? r_angle_other_deg      ? ? 
'X-RAY DIFFRACTION' ? 6.456  5.000  119  ? r_dihedral_angle_1_deg ? ? 
'X-RAY DIFFRACTION' ? 33.051 23.774 53   ? r_dihedral_angle_2_deg ? ? 
'X-RAY DIFFRACTION' ? 14.625 15.000 159  ? r_dihedral_angle_3_deg ? ? 
'X-RAY DIFFRACTION' ? 13.911 15.000 9    ? r_dihedral_angle_4_deg ? ? 
'X-RAY DIFFRACTION' ? 0.065  0.200  141  ? r_chiral_restr         ? ? 
'X-RAY DIFFRACTION' ? 0.004  0.021  1135 ? r_gen_planes_refined   ? ? 
'X-RAY DIFFRACTION' ? 0.001  0.020  240  ? r_gen_planes_other     ? ? 
# 
_refine_ls_shell.pdbx_refine_id                   'X-RAY DIFFRACTION' 
_refine_ls_shell.d_res_high                       2.5000 
_refine_ls_shell.d_res_low                        2.5640 
_refine_ls_shell.number_reflns_all                270 
_refine_ls_shell.number_reflns_obs                ? 
_refine_ls_shell.number_reflns_R_free             13 
_refine_ls_shell.number_reflns_R_work             257 
_refine_ls_shell.percent_reflns_obs               85.9900 
_refine_ls_shell.percent_reflns_R_free            ? 
_refine_ls_shell.R_factor_all                     ? 
_refine_ls_shell.R_factor_obs                     ? 
_refine_ls_shell.R_factor_R_free                  0.2300 
_refine_ls_shell.R_factor_R_free_error            0.0000 
_refine_ls_shell.R_factor_R_work                  0.2440 
_refine_ls_shell.redundancy_reflns_all            ? 
_refine_ls_shell.redundancy_reflns_obs            ? 
_refine_ls_shell.wR_factor_all                    ? 
_refine_ls_shell.wR_factor_obs                    ? 
_refine_ls_shell.wR_factor_R_free                 ? 
_refine_ls_shell.wR_factor_R_work                 ? 
_refine_ls_shell.pdbx_total_number_of_bins_used   20 
_refine_ls_shell.pdbx_phase_error                 ? 
_refine_ls_shell.pdbx_fsc_work                    ? 
_refine_ls_shell.pdbx_fsc_free                    ? 
# 
_struct.entry_id                     6KKP 
_struct.title                        'The crystal structure of apo-SiaC from Pseudomonas aeruginosa' 
_struct.pdbx_model_details           ? 
_struct.pdbx_formula_weight          ? 
_struct.pdbx_formula_weight_method   ? 
_struct.pdbx_model_type_details      ? 
_struct.pdbx_CASP_flag               N 
# 
_struct_keywords.entry_id        6KKP 
_struct_keywords.text            'Pseudomonas aeruginosa, apo-SiaC, regulation, GENE REGULATION' 
_struct_keywords.pdbx_keywords   'GENE REGULATION' 
# 
loop_
_struct_asym.id 
_struct_asym.pdbx_blank_PDB_chainid_flag 
_struct_asym.pdbx_modified 
_struct_asym.entity_id 
_struct_asym.details 
A N N 1 ? 
B N N 2 ? 
# 
loop_
_struct_conf.conf_type_id 
_struct_conf.id 
_struct_conf.pdbx_PDB_helix_id 
_struct_conf.beg_label_comp_id 
_struct_conf.beg_label_asym_id 
_struct_conf.beg_label_seq_id 
_struct_conf.pdbx_beg_PDB_ins_code 
_struct_conf.end_label_comp_id 
_struct_conf.end_label_asym_id 
_struct_conf.end_label_seq_id 
_struct_conf.pdbx_end_PDB_ins_code 
_struct_conf.beg_auth_comp_id 
_struct_conf.beg_auth_asym_id 
_struct_conf.beg_auth_seq_id 
_struct_conf.end_auth_comp_id 
_struct_conf.end_auth_asym_id 
_struct_conf.end_auth_seq_id 
_struct_conf.pdbx_PDB_helix_class 
_struct_conf.details 
_struct_conf.pdbx_PDB_helix_length 
HELX_P HELX_P1 AA1 ASN A 35  ? GLY A 54  ? ASN A 34  GLY A 53  1 ? 20 
HELX_P HELX_P2 AA2 ASN A 68  ? GLY A 88  ? ASN A 67  GLY A 87  1 ? 21 
HELX_P HELX_P3 AA3 ALA A 106 ? GLU A 114 ? ALA A 105 GLU A 113 1 ? 9  
# 
_struct_conf_type.id          HELX_P 
_struct_conf_type.criteria    ? 
_struct_conf_type.reference   ? 
# 
_struct_sheet.id               AA1 
_struct_sheet.type             ? 
_struct_sheet.number_strands   6 
_struct_sheet.details          ? 
# 
loop_
_struct_sheet_order.sheet_id 
_struct_sheet_order.range_id_1 
_struct_sheet_order.range_id_2 
_struct_sheet_order.offset 
_struct_sheet_order.sense 
AA1 1 2 ? anti-parallel 
AA1 2 3 ? anti-parallel 
AA1 3 4 ? parallel      
AA1 4 5 ? parallel      
AA1 5 6 ? parallel      
# 
loop_
_struct_sheet_range.sheet_id 
_struct_sheet_range.id 
_struct_sheet_range.beg_label_comp_id 
_struct_sheet_range.beg_label_asym_id 
_struct_sheet_range.beg_label_seq_id 
_struct_sheet_range.pdbx_beg_PDB_ins_code 
_struct_sheet_range.end_label_comp_id 
_struct_sheet_range.end_label_asym_id 
_struct_sheet_range.end_label_seq_id 
_struct_sheet_range.pdbx_end_PDB_ins_code 
_struct_sheet_range.beg_auth_comp_id 
_struct_sheet_range.beg_auth_asym_id 
_struct_sheet_range.beg_auth_seq_id 
_struct_sheet_range.end_auth_comp_id 
_struct_sheet_range.end_auth_asym_id 
_struct_sheet_range.end_auth_seq_id 
AA1 1 LEU A 5   ? ILE A 7   ? LEU A 4   ILE A 6   
AA1 2 ALA A 15  ? ASP A 19  ? ALA A 14  ASP A 18  
AA1 3 ARG A 24  ? SER A 31  ? ARG A 23  SER A 30  
AA1 4 LEU A 58  ? LEU A 67  ? LEU A 57  LEU A 66  
AA1 5 VAL A 92  ? HIS A 97  ? VAL A 91  HIS A 96  
AA1 6 PHE A 120 ? GLN A 123 ? PHE A 119 GLN A 122 
# 
loop_
_pdbx_struct_sheet_hbond.sheet_id 
_pdbx_struct_sheet_hbond.range_id_1 
_pdbx_struct_sheet_hbond.range_id_2 
_pdbx_struct_sheet_hbond.range_1_label_atom_id 
_pdbx_struct_sheet_hbond.range_1_label_comp_id 
_pdbx_struct_sheet_hbond.range_1_label_asym_id 
_pdbx_struct_sheet_hbond.range_1_label_seq_id 
_pdbx_struct_sheet_hbond.range_1_PDB_ins_code 
_pdbx_struct_sheet_hbond.range_1_auth_atom_id 
_pdbx_struct_sheet_hbond.range_1_auth_comp_id 
_pdbx_struct_sheet_hbond.range_1_auth_asym_id 
_pdbx_struct_sheet_hbond.range_1_auth_seq_id 
_pdbx_struct_sheet_hbond.range_2_label_atom_id 
_pdbx_struct_sheet_hbond.range_2_label_comp_id 
_pdbx_struct_sheet_hbond.range_2_label_asym_id 
_pdbx_struct_sheet_hbond.range_2_label_seq_id 
_pdbx_struct_sheet_hbond.range_2_PDB_ins_code 
_pdbx_struct_sheet_hbond.range_2_auth_atom_id 
_pdbx_struct_sheet_hbond.range_2_auth_comp_id 
_pdbx_struct_sheet_hbond.range_2_auth_asym_id 
_pdbx_struct_sheet_hbond.range_2_auth_seq_id 
AA1 1 2 N LEU A 5  ? N LEU A 4  O GLY A 18  ? O GLY A 17  
AA1 2 3 N GLN A 17 ? N GLN A 16 O SER A 26  ? O SER A 25  
AA1 3 4 N MET A 27 ? N MET A 26 O ARG A 63  ? O ARG A 62  
AA1 4 5 N LEU A 62 ? N LEU A 61 O HIS A 97  ? O HIS A 96  
AA1 5 6 N TRP A 96 ? N TRP A 95 O ALA A 121 ? O ALA A 120 
# 
_atom_sites.entry_id                    6KKP 
_atom_sites.Cartn_transf_matrix[1][1]   ? 
_atom_sites.Cartn_transf_matrix[1][2]   ? 
_atom_sites.Cartn_transf_matrix[1][3]   ? 
_atom_sites.Cartn_transf_matrix[2][1]   ? 
_atom_sites.Cartn_transf_matrix[2][2]   ? 
_atom_sites.Cartn_transf_matrix[2][3]   ? 
_atom_sites.Cartn_transf_matrix[3][1]   ? 
_atom_sites.Cartn_transf_matrix[3][2]   ? 
_atom_sites.Cartn_transf_matrix[3][3]   ? 
_atom_sites.Cartn_transf_vector[1]      ? 
_atom_sites.Cartn_transf_vector[2]      ? 
_atom_sites.Cartn_transf_vector[3]      ? 
_atom_sites.fract_transf_matrix[1][1]   -0.01861876 
_atom_sites.fract_transf_matrix[1][2]   -0.01639548 
_atom_sites.fract_transf_matrix[1][3]   -0.01313007 
_atom_sites.fract_transf_matrix[2][1]   -0.00535151 
_atom_sites.fract_transf_matrix[2][2]   -0.00373204 
_atom_sites.fract_transf_matrix[2][3]   0.01224876 
_atom_sites.fract_transf_matrix[3][1]   -0.00667372 
_atom_sites.fract_transf_matrix[3][2]   0.00796922 
_atom_sites.fract_transf_matrix[3][3]   -0.00048764 
_atom_sites.fract_transf_vector[1]      -0.411026 
_atom_sites.fract_transf_vector[2]      -0.274119 
_atom_sites.fract_transf_vector[3]      -0.143972 
_atom_sites.solution_primary            ? 
_atom_sites.solution_secondary          ? 
_atom_sites.solution_hydrogens          ? 
_atom_sites.special_details             ? 
# 
loop_
_atom_type.symbol 
C 
N 
O 
S 
# 
loop_
_atom_site.group_PDB 
_atom_site.id 
_atom_site.type_symbol 
_atom_site.label_atom_id 
_atom_site.label_alt_id 
_atom_site.label_comp_id 
_atom_site.label_asym_id 
_atom_site.label_entity_id 
_atom_site.label_seq_id 
_atom_site.pdbx_PDB_ins_code 
_atom_site.Cartn_x 
_atom_site.Cartn_y 
_atom_site.Cartn_z 
_atom_site.occupancy 
_atom_site.B_iso_or_equiv 
_atom_site.pdbx_formal_charge 
_atom_site.auth_seq_id 
_atom_site.auth_comp_id 
_atom_site.auth_asym_id 
_atom_site.auth_atom_id 
_atom_site.pdbx_PDB_model_num 
ATOM   1   N N   . MET A 1 2   ? -15.753 6.653   6.507   1.00 43.80 ? 1   MET A N   1 
ATOM   2   C CA  . MET A 1 2   ? -16.739 6.146   5.495   1.00 43.59 ? 1   MET A CA  1 
ATOM   3   C C   . MET A 1 2   ? -16.377 6.523   4.048   1.00 43.07 ? 1   MET A C   1 
ATOM   4   O O   . MET A 1 2   ? -16.652 5.761   3.116   1.00 42.76 ? 1   MET A O   1 
ATOM   5   C CB  . MET A 1 2   ? -18.146 6.666   5.820   1.00 43.34 ? 1   MET A CB  1 
ATOM   6   N N   . SER A 1 3   ? -15.781 7.699   3.861   1.00 41.54 ? 2   SER A N   1 
ATOM   7   C CA  . SER A 1 3   ? -15.445 8.182   2.522   1.00 40.45 ? 2   SER A CA  1 
ATOM   8   C C   . SER A 1 3   ? -14.266 7.419   1.927   1.00 37.52 ? 2   SER A C   1 
ATOM   9   O O   . SER A 1 3   ? -13.467 6.819   2.648   1.00 37.07 ? 2   SER A O   1 
ATOM   10  C CB  . SER A 1 3   ? -15.105 9.675   2.550   1.00 40.42 ? 2   SER A CB  1 
ATOM   11  O OG  . SER A 1 3   ? -13.830 9.890   3.141   1.00 41.15 ? 2   SER A OG  1 
ATOM   12  N N   . ASP A 1 4   ? -14.170 7.469   0.605   1.00 34.75 ? 3   ASP A N   1 
ATOM   13  C CA  . ASP A 1 4   ? -13.030 6.932   -0.114  1.00 32.90 ? 3   ASP A CA  1 
ATOM   14  C C   . ASP A 1 4   ? -11.812 7.844   0.042   1.00 31.62 ? 3   ASP A C   1 
ATOM   15  O O   . ASP A 1 4   ? -11.931 9.013   0.400   1.00 33.33 ? 3   ASP A O   1 
ATOM   16  C CB  . ASP A 1 4   ? -13.362 6.776   -1.606  1.00 32.64 ? 3   ASP A CB  1 
ATOM   17  C CG  . ASP A 1 4   ? -14.452 5.737   -1.873  1.00 32.52 ? 3   ASP A CG  1 
ATOM   18  O OD1 . ASP A 1 4   ? -14.766 4.925   -0.975  1.00 31.78 ? 3   ASP A OD1 1 
ATOM   19  O OD2 . ASP A 1 4   ? -14.989 5.732   -3.003  1.00 31.88 ? 3   ASP A OD2 1 
ATOM   20  N N   . LEU A 1 5   ? -10.638 7.284   -0.215  1.00 29.29 ? 4   LEU A N   1 
ATOM   21  C CA  . LEU A 1 5   ? -9.409  8.050   -0.334  1.00 28.34 ? 4   LEU A CA  1 
ATOM   22  C C   . LEU A 1 5   ? -9.133  8.179   -1.830  1.00 26.84 ? 4   LEU A C   1 
ATOM   23  O O   . LEU A 1 5   ? -9.107  7.175   -2.544  1.00 26.17 ? 4   LEU A O   1 
ATOM   24  C CB  . LEU A 1 5   ? -8.265  7.323   0.388   1.00 28.39 ? 4   LEU A CB  1 
ATOM   25  C CG  . LEU A 1 5   ? -6.836  7.866   0.249   1.00 28.52 ? 4   LEU A CG  1 
ATOM   26  C CD1 . LEU A 1 5   ? -6.573  8.952   1.275   1.00 29.44 ? 4   LEU A CD1 1 
ATOM   27  C CD2 . LEU A 1 5   ? -5.814  6.758   0.403   1.00 28.44 ? 4   LEU A CD2 1 
ATOM   28  N N   . HIS A 1 6   ? -8.932  9.405   -2.303  1.00 25.43 ? 5   HIS A N   1 
ATOM   29  C CA  . HIS A 1 6   ? -8.700  9.653   -3.728  1.00 25.19 ? 5   HIS A CA  1 
ATOM   30  C C   . HIS A 1 6   ? -7.658  10.741  -3.916  1.00 23.59 ? 5   HIS A C   1 
ATOM   31  O O   . HIS A 1 6   ? -7.954  11.929  -3.825  1.00 23.28 ? 5   HIS A O   1 
ATOM   32  C CB  . HIS A 1 6   ? -10.003 10.015  -4.436  1.00 25.81 ? 5   HIS A CB  1 
ATOM   33  C CG  . HIS A 1 6   ? -9.873  10.129  -5.922  1.00 26.98 ? 5   HIS A CG  1 
ATOM   34  N ND1 . HIS A 1 6   ? -9.707  9.032   -6.742  1.00 27.94 ? 5   HIS A ND1 1 
ATOM   35  C CD2 . HIS A 1 6   ? -9.900  11.209  -6.740  1.00 28.00 ? 5   HIS A CD2 1 
ATOM   36  C CE1 . HIS A 1 6   ? -9.624  9.432   -7.999  1.00 28.02 ? 5   HIS A CE1 1 
ATOM   37  N NE2 . HIS A 1 6   ? -9.741  10.748  -8.026  1.00 28.73 ? 5   HIS A NE2 1 
ATOM   38  N N   . ILE A 1 7   ? -6.431  10.307  -4.169  1.00 22.84 ? 6   ILE A N   1 
ATOM   39  C CA  . ILE A 1 7   ? -5.309  11.194  -4.398  1.00 22.05 ? 6   ILE A CA  1 
ATOM   40  C C   . ILE A 1 7   ? -4.958  11.068  -5.877  1.00 21.89 ? 6   ILE A C   1 
ATOM   41  O O   . ILE A 1 7   ? -4.530  9.997   -6.310  1.00 22.04 ? 6   ILE A O   1 
ATOM   42  C CB  . ILE A 1 7   ? -4.123  10.799  -3.509  1.00 21.68 ? 6   ILE A CB  1 
ATOM   43  C CG1 . ILE A 1 7   ? -4.567  10.755  -2.038  1.00 22.20 ? 6   ILE A CG1 1 
ATOM   44  C CG2 . ILE A 1 7   ? -2.976  11.784  -3.676  1.00 21.32 ? 6   ILE A CG2 1 
ATOM   45  C CD1 . ILE A 1 7   ? -3.709  9.861   -1.173  1.00 22.61 ? 6   ILE A CD1 1 
ATOM   46  N N   . PRO A 1 8   ? -5.169  12.141  -6.671  1.00 21.70 ? 7   PRO A N   1 
ATOM   47  C CA  . PRO A 1 8   ? -4.769  12.064  -8.080  1.00 21.52 ? 7   PRO A CA  1 
ATOM   48  C C   . PRO A 1 8   ? -3.260  11.970  -8.235  1.00 21.30 ? 7   PRO A C   1 
ATOM   49  O O   . PRO A 1 8   ? -2.522  12.652  -7.509  1.00 20.64 ? 7   PRO A O   1 
ATOM   50  C CB  . PRO A 1 8   ? -5.282  13.381  -8.678  1.00 21.59 ? 7   PRO A CB  1 
ATOM   51  C CG  . PRO A 1 8   ? -6.300  13.882  -7.716  1.00 21.85 ? 7   PRO A CG  1 
ATOM   52  C CD  . PRO A 1 8   ? -5.825  13.425  -6.370  1.00 21.71 ? 7   PRO A CD  1 
ATOM   53  N N   . GLY A 1 9   ? -2.817  11.128  -9.168  1.00 21.55 ? 8   GLY A N   1 
ATOM   54  C CA  . GLY A 1 9   ? -1.392  10.978  -9.464  1.00 22.04 ? 8   GLY A CA  1 
ATOM   55  C C   . GLY A 1 9   ? -0.807  12.227  -10.098 1.00 22.28 ? 8   GLY A C   1 
ATOM   56  O O   . GLY A 1 9   ? -1.527  13.009  -10.715 1.00 22.13 ? 8   GLY A O   1 
ATOM   57  N N   . THR A 1 10  ? 0.496   12.423  -9.910  1.00 22.88 ? 9   THR A N   1 
ATOM   58  C CA  . THR A 1 10  ? 1.252   13.463  -10.618 1.00 23.46 ? 9   THR A CA  1 
ATOM   59  C C   . THR A 1 10  ? 2.549   12.850  -11.148 1.00 24.25 ? 9   THR A C   1 
ATOM   60  O O   . THR A 1 10  ? 2.774   11.651  -11.010 1.00 24.52 ? 9   THR A O   1 
ATOM   61  C CB  . THR A 1 10  ? 1.565   14.677  -9.705  1.00 23.16 ? 9   THR A CB  1 
ATOM   62  O OG1 . THR A 1 10  ? 2.522   14.304  -8.704  1.00 23.08 ? 9   THR A OG1 1 
ATOM   63  C CG2 . THR A 1 10  ? 0.293   15.211  -9.040  1.00 22.76 ? 9   THR A CG2 1 
ATOM   64  N N   . GLN A 1 11  ? 3.394   13.671  -11.760 1.00 25.67 ? 10  GLN A N   1 
ATOM   65  C CA  . GLN A 1 11  ? 4.719   13.236  -12.202 1.00 27.25 ? 10  GLN A CA  1 
ATOM   66  C C   . GLN A 1 11  ? 5.485   12.517  -11.089 1.00 27.51 ? 10  GLN A C   1 
ATOM   67  O O   . GLN A 1 11  ? 5.960   11.399  -11.283 1.00 28.46 ? 10  GLN A O   1 
ATOM   68  C CB  . GLN A 1 11  ? 5.522   14.441  -12.707 1.00 28.82 ? 10  GLN A CB  1 
ATOM   69  C CG  . GLN A 1 11  ? 6.872   14.095  -13.323 1.00 30.72 ? 10  GLN A CG  1 
ATOM   70  C CD  . GLN A 1 11  ? 7.543   15.271  -14.023 1.00 31.84 ? 10  GLN A CD  1 
ATOM   71  O OE1 . GLN A 1 11  ? 7.123   16.422  -13.897 1.00 33.12 ? 10  GLN A OE1 1 
ATOM   72  N NE2 . GLN A 1 11  ? 8.599   14.979  -14.768 1.00 32.78 ? 10  GLN A NE2 1 
ATOM   73  N N   . SER A 1 12  ? 5.567   13.154  -9.922  1.00 27.27 ? 11  SER A N   1 
ATOM   74  C CA  . SER A 1 12  ? 6.401   12.681  -8.816  1.00 26.81 ? 11  SER A CA  1 
ATOM   75  C C   . SER A 1 12  ? 5.671   11.853  -7.745  1.00 26.33 ? 11  SER A C   1 
ATOM   76  O O   . SER A 1 12  ? 6.330   11.281  -6.870  1.00 26.31 ? 11  SER A O   1 
ATOM   77  C CB  . SER A 1 12  ? 7.100   13.874  -8.154  1.00 27.01 ? 11  SER A CB  1 
ATOM   78  O OG  . SER A 1 12  ? 6.157   14.822  -7.685  1.00 27.43 ? 11  SER A OG  1 
ATOM   79  N N   . THR A 1 13  ? 4.339   11.779  -7.804  1.00 25.14 ? 12  THR A N   1 
ATOM   80  C CA  . THR A 1 13  ? 3.560   11.055  -6.792  1.00 24.04 ? 12  THR A CA  1 
ATOM   81  C C   . THR A 1 13  ? 2.487   10.171  -7.409  1.00 23.11 ? 12  THR A C   1 
ATOM   82  O O   . THR A 1 13  ? 1.853   10.562  -8.387  1.00 22.49 ? 12  THR A O   1 
ATOM   83  C CB  . THR A 1 13  ? 2.870   12.015  -5.807  1.00 24.22 ? 12  THR A CB  1 
ATOM   84  O OG1 . THR A 1 13  ? 2.073   12.964  -6.527  1.00 23.53 ? 12  THR A OG1 1 
ATOM   85  C CG2 . THR A 1 13  ? 3.911   12.736  -4.961  1.00 24.28 ? 12  THR A CG2 1 
ATOM   86  N N   . PRO A 1 14  ? 2.252   8.990   -6.806  1.00 22.86 ? 13  PRO A N   1 
ATOM   87  C CA  . PRO A 1 14  ? 1.360   8.003   -7.400  1.00 22.80 ? 13  PRO A CA  1 
ATOM   88  C C   . PRO A 1 14  ? -0.133  8.319   -7.225  1.00 22.50 ? 13  PRO A C   1 
ATOM   89  O O   . PRO A 1 14  ? -0.522  9.028   -6.294  1.00 21.20 ? 13  PRO A O   1 
ATOM   90  C CB  . PRO A 1 14  ? 1.724   6.727   -6.644  1.00 23.21 ? 13  PRO A CB  1 
ATOM   91  C CG  . PRO A 1 14  ? 2.082   7.216   -5.284  1.00 23.46 ? 13  PRO A CG  1 
ATOM   92  C CD  . PRO A 1 14  ? 2.745   8.546   -5.486  1.00 22.85 ? 13  PRO A CD  1 
ATOM   93  N N   . ALA A 1 15  ? -0.952  7.797   -8.134  1.00 22.37 ? 14  ALA A N   1 
ATOM   94  C CA  . ALA A 1 15  ? -2.400  7.871   -7.989  1.00 22.66 ? 14  ALA A CA  1 
ATOM   95  C C   . ALA A 1 15  ? -2.796  6.825   -6.963  1.00 23.24 ? 14  ALA A C   1 
ATOM   96  O O   . ALA A 1 15  ? -2.341  5.683   -7.048  1.00 23.33 ? 14  ALA A O   1 
ATOM   97  C CB  . ALA A 1 15  ? -3.094  7.610   -9.311  1.00 22.59 ? 14  ALA A CB  1 
ATOM   98  N N   . ILE A 1 16  ? -3.613  7.219   -5.988  1.00 23.74 ? 15  ILE A N   1 
ATOM   99  C CA  . ILE A 1 16  ? -3.981  6.345   -4.874  1.00 23.93 ? 15  ILE A CA  1 
ATOM   100 C C   . ILE A 1 16  ? -5.499  6.334   -4.702  1.00 24.39 ? 15  ILE A C   1 
ATOM   101 O O   . ILE A 1 16  ? -6.124  7.393   -4.645  1.00 23.27 ? 15  ILE A O   1 
ATOM   102 C CB  . ILE A 1 16  ? -3.308  6.789   -3.556  1.00 24.22 ? 15  ILE A CB  1 
ATOM   103 C CG1 . ILE A 1 16  ? -1.781  6.857   -3.723  1.00 24.45 ? 15  ILE A CG1 1 
ATOM   104 C CG2 . ILE A 1 16  ? -3.689  5.848   -2.415  1.00 24.65 ? 15  ILE A CG2 1 
ATOM   105 C CD1 . ILE A 1 16  ? -1.043  7.508   -2.574  1.00 24.33 ? 15  ILE A CD1 1 
ATOM   106 N N   . GLN A 1 17  ? -6.072  5.130   -4.631  1.00 25.79 ? 16  GLN A N   1 
ATOM   107 C CA  . GLN A 1 17  ? -7.509  4.931   -4.457  1.00 26.86 ? 16  GLN A CA  1 
ATOM   108 C C   . GLN A 1 17  ? -7.759  3.986   -3.292  1.00 27.31 ? 16  GLN A C   1 
ATOM   109 O O   . GLN A 1 17  ? -7.386  2.817   -3.353  1.00 27.00 ? 16  GLN A O   1 
ATOM   110 C CB  . GLN A 1 17  ? -8.152  4.353   -5.723  1.00 27.30 ? 16  GLN A CB  1 
ATOM   111 C CG  . GLN A 1 17  ? -7.945  5.196   -6.968  1.00 28.56 ? 16  GLN A CG  1 
ATOM   112 C CD  . GLN A 1 17  ? -6.638  4.885   -7.698  1.00 30.33 ? 16  GLN A CD  1 
ATOM   113 O OE1 . GLN A 1 17  ? -6.358  3.729   -8.026  1.00 31.44 ? 16  GLN A OE1 1 
ATOM   114 N NE2 . GLN A 1 17  ? -5.840  5.916   -7.971  1.00 30.99 ? 16  GLN A NE2 1 
ATOM   115 N N   . GLY A 1 18  ? -8.359  4.511   -2.229  1.00 28.54 ? 17  GLY A N   1 
ATOM   116 C CA  . GLY A 1 18  ? -8.916  3.707   -1.145  1.00 29.68 ? 17  GLY A CA  1 
ATOM   117 C C   . GLY A 1 18  ? -10.415 3.583   -1.368  1.00 31.14 ? 17  GLY A C   1 
ATOM   118 O O   . GLY A 1 18  ? -11.162 4.534   -1.119  1.00 29.54 ? 17  GLY A O   1 
ATOM   119 N N   . ASP A 1 19  ? -10.841 2.421   -1.869  1.00 32.39 ? 18  ASP A N   1 
ATOM   120 C CA  . ASP A 1 19  ? -12.255 2.107   -2.077  1.00 33.62 ? 18  ASP A CA  1 
ATOM   121 C C   . ASP A 1 19  ? -12.809 1.537   -0.769  1.00 33.29 ? 18  ASP A C   1 
ATOM   122 O O   . ASP A 1 19  ? -12.493 0.406   -0.412  1.00 34.06 ? 18  ASP A O   1 
ATOM   123 C CB  . ASP A 1 19  ? -12.395 1.097   -3.229  1.00 35.21 ? 18  ASP A CB  1 
ATOM   124 C CG  . ASP A 1 19  ? -13.820 0.991   -3.767  1.00 37.41 ? 18  ASP A CG  1 
ATOM   125 O OD1 . ASP A 1 19  ? -14.774 0.816   -2.978  1.00 37.79 ? 18  ASP A OD1 1 
ATOM   126 O OD2 . ASP A 1 19  ? -13.987 1.069   -5.003  1.00 40.52 ? 18  ASP A OD2 1 
ATOM   127 N N   . TRP A 1 20  ? -13.625 2.319   -0.058  1.00 34.13 ? 19  TRP A N   1 
ATOM   128 C CA  . TRP A 1 20  ? -14.128 1.919   1.270   1.00 35.29 ? 19  TRP A CA  1 
ATOM   129 C C   . TRP A 1 20  ? -15.148 0.775   1.222   1.00 36.05 ? 19  TRP A C   1 
ATOM   130 O O   . TRP A 1 20  ? -15.094 -0.124  2.063   1.00 37.37 ? 19  TRP A O   1 
ATOM   131 C CB  . TRP A 1 20  ? -14.727 3.111   2.029   1.00 35.44 ? 19  TRP A CB  1 
ATOM   132 C CG  . TRP A 1 20  ? -15.152 2.774   3.449   1.00 36.48 ? 19  TRP A CG  1 
ATOM   133 C CD1 . TRP A 1 20  ? -16.342 2.211   3.846   1.00 36.47 ? 19  TRP A CD1 1 
ATOM   134 C CD2 . TRP A 1 20  ? -14.389 2.974   4.651   1.00 36.77 ? 19  TRP A CD2 1 
ATOM   135 N NE1 . TRP A 1 20  ? -16.360 2.049   5.213   1.00 35.96 ? 19  TRP A NE1 1 
ATOM   136 C CE2 . TRP A 1 20  ? -15.179 2.510   5.733   1.00 36.00 ? 19  TRP A CE2 1 
ATOM   137 C CE3 . TRP A 1 20  ? -13.116 3.503   4.920   1.00 36.39 ? 19  TRP A CE3 1 
ATOM   138 C CZ2 . TRP A 1 20  ? -14.738 2.560   7.056   1.00 36.01 ? 19  TRP A CZ2 1 
ATOM   139 C CZ3 . TRP A 1 20  ? -12.677 3.550   6.243   1.00 36.07 ? 19  TRP A CZ3 1 
ATOM   140 C CH2 . TRP A 1 20  ? -13.490 3.086   7.292   1.00 36.34 ? 19  TRP A CH2 1 
ATOM   141 N N   . GLN A 1 21  ? -16.081 0.818   0.269   1.00 35.83 ? 20  GLN A N   1 
ATOM   142 C CA  . GLN A 1 21  ? -17.103 -0.239  0.143   1.00 35.53 ? 20  GLN A CA  1 
ATOM   143 C C   . GLN A 1 21  ? -16.472 -1.609  -0.131  1.00 34.03 ? 20  GLN A C   1 
ATOM   144 O O   . GLN A 1 21  ? -16.786 -2.583  0.549   1.00 33.47 ? 20  GLN A O   1 
ATOM   145 C CB  . GLN A 1 21  ? -18.131 0.095   -0.948  1.00 35.22 ? 20  GLN A CB  1 
ATOM   146 N N   . ALA A 1 22  ? -15.568 -1.661  -1.108  1.00 32.75 ? 21  ALA A N   1 
ATOM   147 C CA  . ALA A 1 22  ? -14.883 -2.901  -1.494  1.00 31.93 ? 21  ALA A CA  1 
ATOM   148 C C   . ALA A 1 22  ? -13.795 -3.347  -0.506  1.00 31.19 ? 21  ALA A C   1 
ATOM   149 O O   . ALA A 1 22  ? -13.493 -4.533  -0.417  1.00 31.46 ? 21  ALA A O   1 
ATOM   150 C CB  . ALA A 1 22  ? -14.274 -2.746  -2.881  1.00 31.90 ? 21  ALA A CB  1 
ATOM   151 N N   . GLY A 1 23  ? -13.202 -2.405  0.223   1.00 30.76 ? 22  GLY A N   1 
ATOM   152 C CA  . GLY A 1 23  ? -12.013 -2.686  1.030   1.00 29.59 ? 22  GLY A CA  1 
ATOM   153 C C   . GLY A 1 23  ? -10.797 -2.942  0.160   1.00 28.87 ? 22  GLY A C   1 
ATOM   154 O O   . GLY A 1 23  ? -10.084 -3.917  0.356   1.00 27.46 ? 22  GLY A O   1 
ATOM   155 N N   . ARG A 1 24  ? -10.587 -2.065  -0.819  1.00 29.72 ? 23  ARG A N   1 
ATOM   156 C CA  . ARG A 1 24  ? -9.444  -2.126  -1.717  1.00 30.09 ? 23  ARG A CA  1 
ATOM   157 C C   . ARG A 1 24  ? -8.669  -0.833  -1.570  1.00 28.31 ? 23  ARG A C   1 
ATOM   158 O O   . ARG A 1 24  ? -9.260  0.237   -1.499  1.00 29.00 ? 23  ARG A O   1 
ATOM   159 C CB  . ARG A 1 24  ? -9.891  -2.286  -3.170  1.00 32.37 ? 23  ARG A CB  1 
ATOM   160 C CG  . ARG A 1 24  ? -10.510 -3.632  -3.510  1.00 35.25 ? 23  ARG A CG  1 
ATOM   161 C CD  . ARG A 1 24  ? -9.448  -4.704  -3.705  1.00 38.39 ? 23  ARG A CD  1 
ATOM   162 N NE  . ARG A 1 24  ? -10.011 -6.046  -3.918  1.00 41.75 ? 23  ARG A NE  1 
ATOM   163 C CZ  . ARG A 1 24  ? -10.546 -6.828  -2.969  1.00 43.68 ? 23  ARG A CZ  1 
ATOM   164 N NH1 . ARG A 1 24  ? -10.634 -6.426  -1.698  1.00 44.63 ? 23  ARG A NH1 1 
ATOM   165 N NH2 . ARG A 1 24  ? -11.012 -8.033  -3.296  1.00 44.89 ? 23  ARG A NH2 1 
ATOM   166 N N   . LEU A 1 25  ? -7.351  -0.947  -1.496  1.00 26.75 ? 24  LEU A N   1 
ATOM   167 C CA  . LEU A 1 25  ? -6.453  0.191   -1.547  1.00 25.64 ? 24  LEU A CA  1 
ATOM   168 C C   . LEU A 1 25  ? -5.546  -0.040  -2.743  1.00 24.48 ? 24  LEU A C   1 
ATOM   169 O O   . LEU A 1 25  ? -4.901  -1.085  -2.838  1.00 23.56 ? 24  LEU A O   1 
ATOM   170 C CB  . LEU A 1 25  ? -5.647  0.272   -0.260  1.00 26.26 ? 24  LEU A CB  1 
ATOM   171 C CG  . LEU A 1 25  ? -4.527  1.306   -0.175  1.00 26.86 ? 24  LEU A CG  1 
ATOM   172 C CD1 . LEU A 1 25  ? -5.036  2.708   -0.483  1.00 27.44 ? 24  LEU A CD1 1 
ATOM   173 C CD2 . LEU A 1 25  ? -3.910  1.234   1.210   1.00 26.87 ? 24  LEU A CD2 1 
ATOM   174 N N   . SER A 1 26  ? -5.520  0.916   -3.666  1.00 23.79 ? 25  SER A N   1 
ATOM   175 C CA  . SER A 1 26  ? -4.761  0.786   -4.912  1.00 23.31 ? 25  SER A CA  1 
ATOM   176 C C   . SER A 1 26  ? -3.810  1.963   -5.071  1.00 23.10 ? 25  SER A C   1 
ATOM   177 O O   . SER A 1 26  ? -4.127  3.083   -4.659  1.00 22.33 ? 25  SER A O   1 
ATOM   178 C CB  . SER A 1 26  ? -5.704  0.701   -6.116  1.00 22.94 ? 25  SER A CB  1 
ATOM   179 O OG  . SER A 1 26  ? -6.533  -0.447  -6.035  1.00 23.24 ? 25  SER A OG  1 
ATOM   180 N N   . MET A 1 27  ? -2.637  1.697   -5.645  1.00 23.50 ? 26  MET A N   1 
ATOM   181 C CA  . MET A 1 27  ? -1.623  2.729   -5.897  1.00 24.61 ? 26  MET A CA  1 
ATOM   182 C C   . MET A 1 27  ? -0.918  2.474   -7.228  1.00 25.59 ? 26  MET A C   1 
ATOM   183 O O   . MET A 1 27  ? -0.516  1.342   -7.495  1.00 26.06 ? 26  MET A O   1 
ATOM   184 C CB  . MET A 1 27  ? -0.588  2.768   -4.773  1.00 24.34 ? 26  MET A CB  1 
ATOM   185 C CG  . MET A 1 27  ? -1.180  2.944   -3.380  1.00 24.70 ? 26  MET A CG  1 
ATOM   186 S SD  . MET A 1 27  ? -0.009  2.925   -2.005  1.00 25.40 ? 26  MET A SD  1 
ATOM   187 C CE  . MET A 1 27  ? 1.314   3.893   -2.717  1.00 26.74 ? 26  MET A CE  1 
ATOM   188 N N   . GLN A 1 28  ? -0.765  3.525   -8.042  1.00 26.21 ? 27  GLN A N   1 
ATOM   189 C CA  . GLN A 1 28  ? -0.140  3.428   -9.370  1.00 27.13 ? 27  GLN A CA  1 
ATOM   190 C C   . GLN A 1 28  ? 0.861   4.561   -9.597  1.00 27.18 ? 27  GLN A C   1 
ATOM   191 O O   . GLN A 1 28  ? 0.534   5.726   -9.364  1.00 26.48 ? 27  GLN A O   1 
ATOM   192 C CB  . GLN A 1 28  ? -1.194  3.505   -10.493 1.00 27.93 ? 27  GLN A CB  1 
ATOM   193 C CG  . GLN A 1 28  ? -2.385  2.554   -10.362 1.00 28.63 ? 27  GLN A CG  1 
ATOM   194 C CD  . GLN A 1 28  ? -3.576  3.130   -9.591  1.00 29.30 ? 27  GLN A CD  1 
ATOM   195 O OE1 . GLN A 1 28  ? -3.925  4.310   -9.716  1.00 30.30 ? 27  GLN A OE1 1 
ATOM   196 N NE2 . GLN A 1 28  ? -4.220  2.284   -8.801  1.00 29.24 ? 27  GLN A NE2 1 
ATOM   197 N N   . GLY A 1 29  ? 2.059   4.214   -10.071 1.00 27.52 ? 28  GLY A N   1 
ATOM   198 C CA  . GLY A 1 29  ? 3.032   5.192   -10.569 1.00 27.75 ? 28  GLY A CA  1 
ATOM   199 C C   . GLY A 1 29  ? 4.274   5.312   -9.714  1.00 28.58 ? 28  GLY A C   1 
ATOM   200 O O   . GLY A 1 29  ? 4.570   4.432   -8.916  1.00 28.07 ? 28  GLY A O   1 
ATOM   201 N N   . ASP A 1 30  ? 5.005   6.409   -9.900  1.00 30.49 ? 29  ASP A N   1 
ATOM   202 C CA  . ASP A 1 30  ? 6.237   6.684   -9.154  1.00 31.79 ? 29  ASP A CA  1 
ATOM   203 C C   . ASP A 1 30  ? 5.962   7.494   -7.902  1.00 30.76 ? 29  ASP A C   1 
ATOM   204 O O   . ASP A 1 30  ? 4.965   8.213   -7.830  1.00 28.59 ? 29  ASP A O   1 
ATOM   205 C CB  . ASP A 1 30  ? 7.234   7.462   -10.014 1.00 34.11 ? 29  ASP A CB  1 
ATOM   206 C CG  . ASP A 1 30  ? 7.658   6.697   -11.236 1.00 35.84 ? 29  ASP A CG  1 
ATOM   207 O OD1 . ASP A 1 30  ? 6.871   6.687   -12.209 1.00 41.81 ? 29  ASP A OD1 1 
ATOM   208 O OD2 . ASP A 1 30  ? 8.772   6.112   -11.223 1.00 39.09 ? 29  ASP A OD2 1 
ATOM   209 N N   . SER A 1 31  ? 6.869   7.375   -6.929  1.00 30.67 ? 30  SER A N   1 
ATOM   210 C CA  . SER A 1 31  ? 6.837   8.187   -5.719  1.00 31.68 ? 30  SER A CA  1 
ATOM   211 C C   . SER A 1 31  ? 8.232   8.731   -5.403  1.00 33.29 ? 30  SER A C   1 
ATOM   212 O O   . SER A 1 31  ? 9.072   8.027   -4.822  1.00 35.94 ? 30  SER A O   1 
ATOM   213 C CB  . SER A 1 31  ? 6.274   7.384   -4.541  1.00 31.05 ? 30  SER A CB  1 
ATOM   214 O OG  . SER A 1 31  ? 5.910   8.243   -3.473  1.00 30.57 ? 30  SER A OG  1 
ATOM   215 N N   . TYR A 1 32  ? 8.481   9.977   -5.814  1.00 32.78 ? 31  TYR A N   1 
ATOM   216 C CA  . TYR A 1 32  ? 9.668   10.715  -5.378  1.00 33.01 ? 31  TYR A CA  1 
ATOM   217 C C   . TYR A 1 32  ? 9.321   12.157  -4.974  1.00 33.03 ? 31  TYR A C   1 
ATOM   218 O O   . TYR A 1 32  ? 9.933   13.103  -5.465  1.00 34.22 ? 31  TYR A O   1 
ATOM   219 C CB  . TYR A 1 32  ? 10.800  10.647  -6.436  1.00 33.45 ? 31  TYR A CB  1 
ATOM   220 C CG  . TYR A 1 32  ? 10.386  10.949  -7.866  1.00 33.86 ? 31  TYR A CG  1 
ATOM   221 C CD1 . TYR A 1 32  ? 9.880   9.943   -8.691  1.00 33.58 ? 31  TYR A CD1 1 
ATOM   222 C CD2 . TYR A 1 32  ? 10.511  12.235  -8.403  1.00 33.96 ? 31  TYR A CD2 1 
ATOM   223 C CE1 . TYR A 1 32  ? 9.498   10.207  -9.996  1.00 33.71 ? 31  TYR A CE1 1 
ATOM   224 C CE2 . TYR A 1 32  ? 10.129  12.507  -9.711  1.00 34.05 ? 31  TYR A CE2 1 
ATOM   225 C CZ  . TYR A 1 32  ? 9.627   11.488  -10.504 1.00 33.83 ? 31  TYR A CZ  1 
ATOM   226 O OH  . TYR A 1 32  ? 9.247   11.741  -11.800 1.00 33.71 ? 31  TYR A OH  1 
ATOM   227 N N   . PRO A 1 33  ? 8.354   12.329  -4.045  1.00 32.87 ? 32  PRO A N   1 
ATOM   228 C CA  . PRO A 1 33  ? 8.059   13.677  -3.558  1.00 32.79 ? 32  PRO A CA  1 
ATOM   229 C C   . PRO A 1 33  ? 9.130   14.176  -2.589  1.00 33.59 ? 32  PRO A C   1 
ATOM   230 O O   . PRO A 1 33  ? 9.860   13.370  -2.008  1.00 33.30 ? 32  PRO A O   1 
ATOM   231 C CB  . PRO A 1 33  ? 6.738   13.490  -2.819  1.00 32.59 ? 32  PRO A CB  1 
ATOM   232 C CG  . PRO A 1 33  ? 6.828   12.102  -2.276  1.00 32.72 ? 32  PRO A CG  1 
ATOM   233 C CD  . PRO A 1 33  ? 7.582   11.307  -3.303  1.00 32.62 ? 32  PRO A CD  1 
ATOM   234 N N   . GLU A 1 34  ? 9.214   15.492  -2.420  1.00 34.67 ? 33  GLU A N   1 
ATOM   235 C CA  . GLU A 1 34  ? 10.058  16.085  -1.379  1.00 36.37 ? 33  GLU A CA  1 
ATOM   236 C C   . GLU A 1 34  ? 9.577   15.663  0.011   1.00 36.55 ? 33  GLU A C   1 
ATOM   237 O O   . GLU A 1 34  ? 10.388  15.449  0.916   1.00 35.81 ? 33  GLU A O   1 
ATOM   238 C CB  . GLU A 1 34  ? 10.063  17.620  -1.478  1.00 36.85 ? 33  GLU A CB  1 
ATOM   239 N N   . ASN A 1 35  ? 8.260   15.529  0.163   1.00 36.61 ? 34  ASN A N   1 
ATOM   240 C CA  . ASN A 1 35  ? 7.646   15.257  1.454   1.00 37.23 ? 34  ASN A CA  1 
ATOM   241 C C   . ASN A 1 35  ? 6.675   14.079  1.372   1.00 36.26 ? 34  ASN A C   1 
ATOM   242 O O   . ASN A 1 35  ? 5.482   14.252  1.101   1.00 36.19 ? 34  ASN A O   1 
ATOM   243 C CB  . ASN A 1 35  ? 6.936   16.527  1.935   1.00 37.63 ? 34  ASN A CB  1 
ATOM   244 C CG  . ASN A 1 35  ? 6.692   16.528  3.424   1.00 37.08 ? 34  ASN A CG  1 
ATOM   245 O OD1 . ASN A 1 35  ? 6.651   15.476  4.064   1.00 36.97 ? 34  ASN A OD1 1 
ATOM   246 N ND2 . ASN A 1 35  ? 6.526   17.718  3.987   1.00 37.25 ? 34  ASN A ND2 1 
ATOM   247 N N   . SER A 1 36  ? 7.197   12.882  1.629   1.00 35.65 ? 35  SER A N   1 
ATOM   248 C CA  . SER A 1 36  ? 6.416   11.653  1.484   1.00 35.53 ? 35  SER A CA  1 
ATOM   249 C C   . SER A 1 36  ? 5.314   11.507  2.532   1.00 35.06 ? 35  SER A C   1 
ATOM   250 O O   . SER A 1 36  ? 4.238   11.010  2.220   1.00 35.09 ? 35  SER A O   1 
ATOM   251 C CB  . SER A 1 36  ? 7.323   10.420  1.516   1.00 35.72 ? 35  SER A CB  1 
ATOM   252 O OG  . SER A 1 36  ? 8.276   10.453  0.465   1.00 34.86 ? 35  SER A OG  1 
ATOM   253 N N   . TYR A 1 37  ? 5.564   11.937  3.761   1.00 35.10 ? 36  TYR A N   1 
ATOM   254 C CA  . TYR A 1 37  ? 4.544   11.819  4.809   1.00 36.28 ? 36  TYR A CA  1 
ATOM   255 C C   . TYR A 1 37  ? 3.443   12.887  4.731   1.00 35.75 ? 36  TYR A C   1 
ATOM   256 O O   . TYR A 1 37  ? 2.365   12.691  5.290   1.00 35.73 ? 36  TYR A O   1 
ATOM   257 C CB  . TYR A 1 37  ? 5.191   11.734  6.196   1.00 37.12 ? 36  TYR A CB  1 
ATOM   258 C CG  . TYR A 1 37  ? 5.825   10.374  6.413   1.00 38.03 ? 36  TYR A CG  1 
ATOM   259 C CD1 . TYR A 1 37  ? 7.097   10.084  5.905   1.00 37.97 ? 36  TYR A CD1 1 
ATOM   260 C CD2 . TYR A 1 37  ? 5.129   9.353   7.075   1.00 38.17 ? 36  TYR A CD2 1 
ATOM   261 C CE1 . TYR A 1 37  ? 7.673   8.830   6.077   1.00 38.19 ? 36  TYR A CE1 1 
ATOM   262 C CE2 . TYR A 1 37  ? 5.700   8.094   7.255   1.00 38.17 ? 36  TYR A CE2 1 
ATOM   263 C CZ  . TYR A 1 37  ? 6.970   7.836   6.754   1.00 37.93 ? 36  TYR A CZ  1 
ATOM   264 O OH  . TYR A 1 37  ? 7.542   6.597   6.930   1.00 36.68 ? 36  TYR A OH  1 
ATOM   265 N N   . GLU A 1 38  ? 3.700   13.988  4.023   1.00 35.35 ? 37  GLU A N   1 
ATOM   266 C CA  . GLU A 1 38  ? 2.637   14.915  3.618   1.00 35.24 ? 37  GLU A CA  1 
ATOM   267 C C   . GLU A 1 38  ? 1.663   14.199  2.678   1.00 32.35 ? 37  GLU A C   1 
ATOM   268 O O   . GLU A 1 38  ? 0.450   14.370  2.784   1.00 31.82 ? 37  GLU A O   1 
ATOM   269 C CB  . GLU A 1 38  ? 3.229   16.167  2.953   1.00 37.96 ? 37  GLU A CB  1 
ATOM   270 C CG  . GLU A 1 38  ? 2.235   17.262  2.558   1.00 41.17 ? 37  GLU A CG  1 
ATOM   271 C CD  . GLU A 1 38  ? 1.376   17.763  3.721   1.00 44.08 ? 37  GLU A CD  1 
ATOM   272 O OE1 . GLU A 1 38  ? 1.726   18.803  4.322   1.00 45.51 ? 37  GLU A OE1 1 
ATOM   273 O OE2 . GLU A 1 38  ? 0.343   17.122  4.035   1.00 44.88 ? 37  GLU A OE2 1 
ATOM   274 N N   . LEU A 1 39  ? 2.205   13.383  1.779   1.00 29.47 ? 38  LEU A N   1 
ATOM   275 C CA  . LEU A 1 39  ? 1.405   12.525  0.902   1.00 27.79 ? 38  LEU A CA  1 
ATOM   276 C C   . LEU A 1 39  ? 0.803   11.292  1.600   1.00 26.13 ? 38  LEU A C   1 
ATOM   277 O O   . LEU A 1 39  ? -0.379  11.004  1.414   1.00 25.00 ? 38  LEU A O   1 
ATOM   278 C CB  . LEU A 1 39  ? 2.251   12.061  -0.289  1.00 27.72 ? 38  LEU A CB  1 
ATOM   279 C CG  . LEU A 1 39  ? 1.567   11.123  -1.286  1.00 28.00 ? 38  LEU A CG  1 
ATOM   280 C CD1 . LEU A 1 39  ? 0.513   11.880  -2.077  1.00 28.46 ? 38  LEU A CD1 1 
ATOM   281 C CD2 . LEU A 1 39  ? 2.582   10.469  -2.209  1.00 28.15 ? 38  LEU A CD2 1 
ATOM   282 N N   . PHE A 1 40  ? 1.616   10.565  2.370   1.00 24.65 ? 39  PHE A N   1 
ATOM   283 C CA  . PHE A 1 40  ? 1.232   9.241   2.889   1.00 24.35 ? 39  PHE A CA  1 
ATOM   284 C C   . PHE A 1 40  ? 0.535   9.222   4.252   1.00 23.97 ? 39  PHE A C   1 
ATOM   285 O O   . PHE A 1 40  ? -0.158  8.252   4.553   1.00 23.92 ? 39  PHE A O   1 
ATOM   286 C CB  . PHE A 1 40  ? 2.441   8.290   2.910   1.00 24.71 ? 39  PHE A CB  1 
ATOM   287 C CG  . PHE A 1 40  ? 2.856   7.821   1.544   1.00 25.30 ? 39  PHE A CG  1 
ATOM   288 C CD1 . PHE A 1 40  ? 2.006   7.022   0.792   1.00 26.27 ? 39  PHE A CD1 1 
ATOM   289 C CD2 . PHE A 1 40  ? 4.083   8.179   1.000   1.00 25.65 ? 39  PHE A CD2 1 
ATOM   290 C CE1 . PHE A 1 40  ? 2.365   6.592   -0.478  1.00 26.11 ? 39  PHE A CE1 1 
ATOM   291 C CE2 . PHE A 1 40  ? 4.451   7.752   -0.267  1.00 26.31 ? 39  PHE A CE2 1 
ATOM   292 C CZ  . PHE A 1 40  ? 3.591   6.957   -1.010  1.00 26.27 ? 39  PHE A CZ  1 
ATOM   293 N N   . GLY A 1 41  ? 0.703   10.263  5.071   1.00 23.27 ? 40  GLY A N   1 
ATOM   294 C CA  . GLY A 1 41  ? 0.023   10.343  6.376   1.00 22.60 ? 40  GLY A CA  1 
ATOM   295 C C   . GLY A 1 41  ? -1.474  10.065  6.302   1.00 22.16 ? 40  GLY A C   1 
ATOM   296 O O   . GLY A 1 41  ? -2.012  9.266   7.085   1.00 21.36 ? 40  GLY A O   1 
ATOM   297 N N   . GLN A 1 42  ? -2.135  10.716  5.346   1.00 21.54 ? 41  GLN A N   1 
ATOM   298 C CA  . GLN A 1 42  ? -3.575  10.542  5.112   1.00 20.88 ? 41  GLN A CA  1 
ATOM   299 C C   . GLN A 1 42  ? -3.941  9.117   4.692   1.00 21.17 ? 41  GLN A C   1 
ATOM   300 O O   . GLN A 1 42  ? -5.042  8.648   4.980   1.00 21.24 ? 41  GLN A O   1 
ATOM   301 C CB  . GLN A 1 42  ? -4.074  11.548  4.066   1.00 20.47 ? 41  GLN A CB  1 
ATOM   302 C CG  . GLN A 1 42  ? -3.567  11.307  2.647   1.00 20.20 ? 41  GLN A CG  1 
ATOM   303 C CD  . GLN A 1 42  ? -3.580  12.551  1.779   1.00 19.86 ? 41  GLN A CD  1 
ATOM   304 O OE1 . GLN A 1 42  ? -4.421  13.433  1.944   1.00 19.92 ? 41  GLN A OE1 1 
ATOM   305 N NE2 . GLN A 1 42  ? -2.643  12.628  0.847   1.00 19.69 ? 41  GLN A NE2 1 
ATOM   306 N N   . VAL A 1 43  ? -3.018  8.444   4.006   1.00 21.25 ? 42  VAL A N   1 
ATOM   307 C CA  . VAL A 1 43  ? -3.215  7.059   3.569   1.00 21.70 ? 42  VAL A CA  1 
ATOM   308 C C   . VAL A 1 43  ? -3.105  6.113   4.762   1.00 22.77 ? 42  VAL A C   1 
ATOM   309 O O   . VAL A 1 43  ? -3.861  5.144   4.875   1.00 21.91 ? 42  VAL A O   1 
ATOM   310 C CB  . VAL A 1 43  ? -2.176  6.629   2.503   1.00 21.41 ? 42  VAL A CB  1 
ATOM   311 C CG1 . VAL A 1 43  ? -2.491  5.224   1.991   1.00 21.30 ? 42  VAL A CG1 1 
ATOM   312 C CG2 . VAL A 1 43  ? -2.115  7.633   1.354   1.00 21.18 ? 42  VAL A CG2 1 
ATOM   313 N N   . ILE A 1 44  ? -2.143  6.407   5.634   1.00 24.11 ? 43  ILE A N   1 
ATOM   314 C CA  . ILE A 1 44  ? -1.947  5.679   6.879   1.00 25.80 ? 43  ILE A CA  1 
ATOM   315 C C   . ILE A 1 44  ? -3.174  5.813   7.798   1.00 26.97 ? 43  ILE A C   1 
ATOM   316 O O   . ILE A 1 44  ? -3.592  4.823   8.397   1.00 27.42 ? 43  ILE A O   1 
ATOM   317 C CB  . ILE A 1 44  ? -0.636  6.129   7.594   1.00 26.24 ? 43  ILE A CB  1 
ATOM   318 C CG1 . ILE A 1 44  ? 0.589   5.698   6.773   1.00 26.42 ? 43  ILE A CG1 1 
ATOM   319 C CG2 . ILE A 1 44  ? -0.529  5.546   9.000   1.00 26.12 ? 43  ILE A CG2 1 
ATOM   320 C CD1 . ILE A 1 44  ? 1.877   6.403   7.162   1.00 26.90 ? 43  ILE A CD1 1 
ATOM   321 N N   . ASP A 1 45  ? -3.741  7.021   7.908   1.00 28.79 ? 44  ASP A N   1 
ATOM   322 C CA  . ASP A 1 45  ? -4.968  7.239   8.708   1.00 29.43 ? 44  ASP A CA  1 
ATOM   323 C C   . ASP A 1 45  ? -6.165  6.498   8.135   1.00 28.68 ? 44  ASP A C   1 
ATOM   324 O O   . ASP A 1 45  ? -6.959  5.921   8.880   1.00 28.83 ? 44  ASP A O   1 
ATOM   325 C CB  . ASP A 1 45  ? -5.334  8.729   8.812   1.00 31.16 ? 44  ASP A CB  1 
ATOM   326 C CG  . ASP A 1 45  ? -4.570  9.457   9.898   1.00 33.23 ? 44  ASP A CG  1 
ATOM   327 O OD1 . ASP A 1 45  ? -3.651  8.868   10.517  1.00 34.87 ? 44  ASP A OD1 1 
ATOM   328 O OD2 . ASP A 1 45  ? -4.898  10.642  10.132  1.00 35.38 ? 44  ASP A OD2 1 
ATOM   329 N N   . TRP A 1 46  ? -6.305  6.540   6.816   1.00 27.30 ? 45  TRP A N   1 
ATOM   330 C CA  . TRP A 1 46  ? -7.405  5.859   6.149   1.00 27.10 ? 45  TRP A CA  1 
ATOM   331 C C   . TRP A 1 46  ? -7.369  4.359   6.446   1.00 27.74 ? 45  TRP A C   1 
ATOM   332 O O   . TRP A 1 46  ? -8.405  3.756   6.694   1.00 28.30 ? 45  TRP A O   1 
ATOM   333 C CB  . TRP A 1 46  ? -7.354  6.111   4.642   1.00 26.50 ? 45  TRP A CB  1 
ATOM   334 C CG  . TRP A 1 46  ? -8.557  5.637   3.912   1.00 25.42 ? 45  TRP A CG  1 
ATOM   335 C CD1 . TRP A 1 46  ? -9.686  6.347   3.656   1.00 25.31 ? 45  TRP A CD1 1 
ATOM   336 C CD2 . TRP A 1 46  ? -8.749  4.348   3.331   1.00 24.86 ? 45  TRP A CD2 1 
ATOM   337 N NE1 . TRP A 1 46  ? -10.580 5.579   2.949   1.00 25.04 ? 45  TRP A NE1 1 
ATOM   338 C CE2 . TRP A 1 46  ? -10.030 4.343   2.740   1.00 24.83 ? 45  TRP A CE2 1 
ATOM   339 C CE3 . TRP A 1 46  ? -7.961  3.191   3.252   1.00 25.62 ? 45  TRP A CE3 1 
ATOM   340 C CZ2 . TRP A 1 46  ? -10.552 3.225   2.078   1.00 25.18 ? 45  TRP A CZ2 1 
ATOM   341 C CZ3 . TRP A 1 46  ? -8.476  2.075   2.592   1.00 25.88 ? 45  TRP A CZ3 1 
ATOM   342 C CH2 . TRP A 1 46  ? -9.767  2.104   2.012   1.00 25.80 ? 45  TRP A CH2 1 
ATOM   343 N N   . VAL A 1 47  ? -6.173  3.777   6.438   1.00 28.61 ? 46  VAL A N   1 
ATOM   344 C CA  . VAL A 1 47  ? -5.994  2.356   6.735   1.00 29.26 ? 46  VAL A CA  1 
ATOM   345 C C   . VAL A 1 47  ? -6.353  2.074   8.199   1.00 30.20 ? 46  VAL A C   1 
ATOM   346 O O   . VAL A 1 47  ? -7.093  1.132   8.477   1.00 29.74 ? 46  VAL A O   1 
ATOM   347 C CB  . VAL A 1 47  ? -4.563  1.871   6.386   1.00 29.42 ? 46  VAL A CB  1 
ATOM   348 C CG1 . VAL A 1 47  ? -4.322  0.445   6.870   1.00 30.00 ? 46  VAL A CG1 1 
ATOM   349 C CG2 . VAL A 1 47  ? -4.327  1.940   4.881   1.00 29.60 ? 46  VAL A CG2 1 
ATOM   350 N N   . GLU A 1 48  ? -5.845  2.893   9.120   1.00 31.22 ? 47  GLU A N   1 
ATOM   351 C CA  . GLU A 1 48  ? -6.216  2.794   10.536  1.00 32.38 ? 47  GLU A CA  1 
ATOM   352 C C   . GLU A 1 48  ? -7.737  2.833   10.734  1.00 32.34 ? 47  GLU A C   1 
ATOM   353 O O   . GLU A 1 48  ? -8.292  1.983   11.420  1.00 33.79 ? 47  GLU A O   1 
ATOM   354 C CB  . GLU A 1 48  ? -5.561  3.913   11.355  1.00 33.22 ? 47  GLU A CB  1 
ATOM   355 C CG  . GLU A 1 48  ? -4.063  3.746   11.564  1.00 33.99 ? 47  GLU A CG  1 
ATOM   356 C CD  . GLU A 1 48  ? -3.370  4.991   12.109  1.00 34.80 ? 47  GLU A CD  1 
ATOM   357 O OE1 . GLU A 1 48  ? -4.010  6.059   12.231  1.00 36.31 ? 47  GLU A OE1 1 
ATOM   358 O OE2 . GLU A 1 48  ? -2.162  4.905   12.416  1.00 35.12 ? 47  GLU A OE2 1 
ATOM   359 N N   . ARG A 1 49  ? -8.398  3.804   10.113  1.00 33.10 ? 48  ARG A N   1 
ATOM   360 C CA  . ARG A 1 49  ? -9.856  3.953   10.221  1.00 33.27 ? 48  ARG A CA  1 
ATOM   361 C C   . ARG A 1 49  ? -10.590 2.738   9.676   1.00 34.97 ? 48  ARG A C   1 
ATOM   362 O O   . ARG A 1 49  ? -11.527 2.248   10.307  1.00 37.33 ? 48  ARG A O   1 
ATOM   363 C CB  . ARG A 1 49  ? -10.346 5.227   9.516   1.00 32.49 ? 48  ARG A CB  1 
ATOM   364 C CG  . ARG A 1 49  ? -10.058 6.503   10.296  1.00 31.92 ? 48  ARG A CG  1 
ATOM   365 C CD  . ARG A 1 49  ? -10.764 7.723   9.713   1.00 31.97 ? 48  ARG A CD  1 
ATOM   366 N NE  . ARG A 1 49  ? -9.935  8.397   8.705   1.00 32.15 ? 48  ARG A NE  1 
ATOM   367 C CZ  . ARG A 1 49  ? -10.197 8.514   7.400   1.00 31.18 ? 48  ARG A CZ  1 
ATOM   368 N NH1 . ARG A 1 49  ? -11.300 8.011   6.839   1.00 31.35 ? 48  ARG A NH1 1 
ATOM   369 N NH2 . ARG A 1 49  ? -9.322  9.152   6.633   1.00 31.24 ? 48  ARG A NH2 1 
ATOM   370 N N   . PHE A 1 50  ? -10.158 2.251   8.515   1.00 36.20 ? 49  PHE A N   1 
ATOM   371 C CA  . PHE A 1 50  ? -10.692 1.006   7.952   1.00 37.13 ? 49  PHE A CA  1 
ATOM   372 C C   . PHE A 1 50  ? -10.520 -0.169  8.916   1.00 39.37 ? 49  PHE A C   1 
ATOM   373 O O   . PHE A 1 50  ? -11.460 -0.937  9.124   1.00 40.35 ? 49  PHE A O   1 
ATOM   374 C CB  . PHE A 1 50  ? -10.029 0.668   6.612   1.00 35.47 ? 49  PHE A CB  1 
ATOM   375 C CG  . PHE A 1 50  ? -10.743 -0.408  5.842   1.00 35.01 ? 49  PHE A CG  1 
ATOM   376 C CD1 . PHE A 1 50  ? -10.437 -1.755  6.038   1.00 35.04 ? 49  PHE A CD1 1 
ATOM   377 C CD2 . PHE A 1 50  ? -11.732 -0.080  4.918   1.00 34.57 ? 49  PHE A CD2 1 
ATOM   378 C CE1 . PHE A 1 50  ? -11.101 -2.750  5.328   1.00 34.20 ? 49  PHE A CE1 1 
ATOM   379 C CE2 . PHE A 1 50  ? -12.398 -1.073  4.207   1.00 34.79 ? 49  PHE A CE2 1 
ATOM   380 C CZ  . PHE A 1 50  ? -12.080 -2.411  4.411   1.00 34.27 ? 49  PHE A CZ  1 
ATOM   381 N N   . LEU A 1 51  ? -9.326  -0.290  9.493   1.00 41.49 ? 50  LEU A N   1 
ATOM   382 C CA  . LEU A 1 51  ? -9.004  -1.390  10.404  1.00 44.03 ? 50  LEU A CA  1 
ATOM   383 C C   . LEU A 1 51  ? -9.694  -1.282  11.770  1.00 47.15 ? 50  LEU A C   1 
ATOM   384 O O   . LEU A 1 51  ? -9.954  -2.304  12.406  1.00 49.14 ? 50  LEU A O   1 
ATOM   385 C CB  . LEU A 1 51  ? -7.487  -1.513  10.602  1.00 43.42 ? 50  LEU A CB  1 
ATOM   386 C CG  . LEU A 1 51  ? -6.649  -1.927  9.387   1.00 43.23 ? 50  LEU A CG  1 
ATOM   387 C CD1 . LEU A 1 51  ? -5.174  -1.901  9.766   1.00 42.73 ? 50  LEU A CD1 1 
ATOM   388 C CD2 . LEU A 1 51  ? -7.055  -3.293  8.850   1.00 42.58 ? 50  LEU A CD2 1 
ATOM   389 N N   . ALA A 1 52  ? -9.935  -0.079  12.245  1.00 49.32 ? 51  ALA A N   1 
ATOM   390 C CA  . ALA A 1 52  ? -10.634 0.137   13.489  1.00 49.79 ? 51  ALA A CA  1 
ATOM   391 C C   . ALA A 1 52  ? -12.097 -0.196  13.387  1.00 51.21 ? 51  ALA A C   1 
ATOM   392 O O   . ALA A 1 52  ? -12.686 -0.655  14.314  1.00 52.02 ? 51  ALA A O   1 
ATOM   393 C CB  . ALA A 1 52  ? -10.474 1.552   13.961  1.00 48.53 ? 51  ALA A CB  1 
ATOM   394 N N   . ASP A 1 53  ? -12.686 0.102   12.255  1.00 53.29 ? 52  ASP A N   1 
ATOM   395 C CA  . ASP A 1 53  ? -14.104 -0.079  12.027  1.00 54.62 ? 52  ASP A CA  1 
ATOM   396 C C   . ASP A 1 53  ? -14.745 -1.427  12.018  1.00 56.31 ? 52  ASP A C   1 
ATOM   397 O O   . ASP A 1 53  ? -15.847 -1.559  12.514  1.00 57.96 ? 52  ASP A O   1 
ATOM   398 C CB  . ASP A 1 53  ? -14.526 0.640   10.764  1.00 55.88 ? 52  ASP A CB  1 
ATOM   399 C CG  . ASP A 1 53  ? -16.012 0.735   10.617  1.00 56.32 ? 52  ASP A CG  1 
ATOM   400 O OD1 . ASP A 1 53  ? -16.682 0.954   11.621  1.00 56.53 ? 52  ASP A OD1 1 
ATOM   401 O OD2 . ASP A 1 53  ? -16.524 0.579   9.500   1.00 55.65 ? 52  ASP A OD2 1 
ATOM   402 N N   . GLY A 1 54  ? -14.105 -2.421  11.434  1.00 57.47 ? 53  GLY A N   1 
ATOM   403 C CA  . GLY A 1 54  ? -14.739 -3.710  11.338  1.00 57.40 ? 53  GLY A CA  1 
ATOM   404 C C   . GLY A 1 54  ? -13.896 -4.925  11.246  1.00 56.84 ? 53  GLY A C   1 
ATOM   405 O O   . GLY A 1 54  ? -12.805 -4.948  11.707  1.00 59.31 ? 53  GLY A O   1 
ATOM   406 N N   . GLN A 1 55  ? -14.470 -5.966  10.700  1.00 54.95 ? 54  GLN A N   1 
ATOM   407 C CA  . GLN A 1 55  ? -13.770 -7.200  10.501  1.00 53.17 ? 54  GLN A CA  1 
ATOM   408 C C   . GLN A 1 55  ? -13.652 -7.502  9.033   1.00 49.36 ? 54  GLN A C   1 
ATOM   409 O O   . GLN A 1 55  ? -13.219 -8.544  8.666   1.00 48.02 ? 54  GLN A O   1 
ATOM   410 C CB  . GLN A 1 55  ? -14.517 -8.312  11.206  1.00 54.16 ? 54  GLN A CB  1 
ATOM   411 C CG  . GLN A 1 55  ? -14.678 -8.090  12.684  1.00 54.68 ? 54  GLN A CG  1 
ATOM   412 C CD  . GLN A 1 55  ? -13.354 -8.009  13.389  1.00 56.15 ? 54  GLN A CD  1 
ATOM   413 O OE1 . GLN A 1 55  ? -12.356 -8.532  12.923  1.00 54.47 ? 54  GLN A OE1 1 
ATOM   414 N NE2 . GLN A 1 55  ? -13.343 -7.344  14.526  1.00 56.86 ? 54  GLN A NE2 1 
ATOM   415 N N   . ARG A 1 56  ? -14.061 -6.564  8.205   1.00 47.27 ? 55  ARG A N   1 
ATOM   416 C CA  . ARG A 1 56  ? -14.043 -6.685  6.767   1.00 45.43 ? 55  ARG A CA  1 
ATOM   417 C C   . ARG A 1 56  ? -12.644 -6.779  6.157   1.00 43.22 ? 55  ARG A C   1 
ATOM   418 O O   . ARG A 1 56  ? -11.757 -6.091  6.550   1.00 41.82 ? 55  ARG A O   1 
ATOM   419 C CB  . ARG A 1 56  ? -14.803 -5.494  6.198   1.00 45.92 ? 55  ARG A CB  1 
ATOM   420 C CG  . ARG A 1 56  ? -15.556 -5.753  4.925   1.00 46.52 ? 55  ARG A CG  1 
ATOM   421 C CD  . ARG A 1 56  ? -16.799 -4.874  4.739   1.00 46.98 ? 55  ARG A CD  1 
ATOM   422 N NE  . ARG A 1 56  ? -16.632 -3.449  5.014   1.00 46.17 ? 55  ARG A NE  1 
ATOM   423 C CZ  . ARG A 1 56  ? -16.209 -2.545  4.153   1.00 45.18 ? 55  ARG A CZ  1 
ATOM   424 N NH1 . ARG A 1 56  ? -15.878 -2.873  2.934   1.00 44.74 ? 55  ARG A NH1 1 
ATOM   425 N NH2 . ARG A 1 56  ? -16.105 -1.308  4.531   1.00 45.04 ? 55  ARG A NH2 1 
ATOM   426 N N   . PRO A 1 57  ? -12.463 -7.636  5.173   1.00 41.30 ? 56  PRO A N   1 
ATOM   427 C CA  . PRO A 1 57  ? -11.142 -7.768  4.526   1.00 39.37 ? 56  PRO A CA  1 
ATOM   428 C C   . PRO A 1 57  ? -10.623 -6.506  3.823   1.00 37.58 ? 56  PRO A C   1 
ATOM   429 O O   . PRO A 1 57  ? -11.422 -5.734  3.278   1.00 36.77 ? 56  PRO A O   1 
ATOM   430 C CB  . PRO A 1 57  ? -11.365 -8.869  3.475   1.00 39.79 ? 56  PRO A CB  1 
ATOM   431 C CG  . PRO A 1 57  ? -12.556 -9.622  3.932   1.00 40.45 ? 56  PRO A CG  1 
ATOM   432 C CD  . PRO A 1 57  ? -13.416 -8.652  4.681   1.00 41.34 ? 56  PRO A CD  1 
ATOM   433 N N   . LEU A 1 58  ? -9.297  -6.330  3.833   1.00 34.81 ? 57  LEU A N   1 
ATOM   434 C CA  . LEU A 1 58  ? -8.623  -5.226  3.146   1.00 33.54 ? 57  LEU A CA  1 
ATOM   435 C C   . LEU A 1 58  ? -7.516  -5.759  2.248   1.00 33.95 ? 57  LEU A C   1 
ATOM   436 O O   . LEU A 1 58  ? -6.583  -6.404  2.736   1.00 34.08 ? 57  LEU A O   1 
ATOM   437 C CB  . LEU A 1 58  ? -7.995  -4.260  4.153   1.00 32.96 ? 57  LEU A CB  1 
ATOM   438 C CG  . LEU A 1 58  ? -7.170  -3.092  3.581   1.00 32.41 ? 57  LEU A CG  1 
ATOM   439 C CD1 . LEU A 1 58  ? -7.972  -2.259  2.584   1.00 32.15 ? 57  LEU A CD1 1 
ATOM   440 C CD2 . LEU A 1 58  ? -6.640  -2.225  4.711   1.00 32.08 ? 57  LEU A CD2 1 
ATOM   441 N N   . GLU A 1 59  ? -7.583  -5.445  0.957   1.00 33.00 ? 58  GLU A N   1 
ATOM   442 C CA  . GLU A 1 59  ? -6.573  -5.899  0.011   1.00 32.10 ? 58  GLU A CA  1 
ATOM   443 C C   . GLU A 1 59  ? -5.864  -4.728  -0.658  1.00 30.58 ? 58  GLU A C   1 
ATOM   444 O O   . GLU A 1 59  ? -6.482  -3.709  -0.964  1.00 30.20 ? 58  GLU A O   1 
ATOM   445 C CB  . GLU A 1 59  ? -7.201  -6.832  -1.018  1.00 33.67 ? 58  GLU A CB  1 
ATOM   446 C CG  . GLU A 1 59  ? -7.904  -8.007  -0.351  1.00 35.18 ? 58  GLU A CG  1 
ATOM   447 C CD  . GLU A 1 59  ? -8.188  -9.190  -1.263  1.00 36.60 ? 58  GLU A CD  1 
ATOM   448 O OE1 . GLU A 1 59  ? -7.593  -9.315  -2.360  1.00 37.54 ? 58  GLU A OE1 1 
ATOM   449 O OE2 . GLU A 1 59  ? -9.018  -10.020 -0.848  1.00 37.96 ? 58  GLU A OE2 1 
ATOM   450 N N   . LEU A 1 60  ? -4.554  -4.875  -0.857  1.00 28.63 ? 59  LEU A N   1 
ATOM   451 C CA  . LEU A 1 60  ? -3.761  -3.874  -1.562  1.00 27.89 ? 59  LEU A CA  1 
ATOM   452 C C   . LEU A 1 60  ? -3.403  -4.352  -2.951  1.00 26.84 ? 59  LEU A C   1 
ATOM   453 O O   . LEU A 1 60  ? -2.997  -5.496  -3.135  1.00 24.74 ? 59  LEU A O   1 
ATOM   454 C CB  . LEU A 1 60  ? -2.488  -3.505  -0.787  1.00 27.85 ? 59  LEU A CB  1 
ATOM   455 C CG  . LEU A 1 60  ? -2.660  -2.291  0.126   1.00 27.50 ? 59  LEU A CG  1 
ATOM   456 C CD1 . LEU A 1 60  ? -3.648  -2.611  1.244   1.00 27.81 ? 59  LEU A CD1 1 
ATOM   457 C CD2 . LEU A 1 60  ? -1.317  -1.853  0.681   1.00 27.35 ? 59  LEU A CD2 1 
ATOM   458 N N   . ASP A 1 61  ? -3.537  -3.449  -3.917  1.00 27.53 ? 60  ASP A N   1 
ATOM   459 C CA  . ASP A 1 61  ? -3.278  -3.754  -5.312  1.00 28.84 ? 60  ASP A CA  1 
ATOM   460 C C   . ASP A 1 61  ? -2.348  -2.676  -5.842  1.00 28.27 ? 60  ASP A C   1 
ATOM   461 O O   . ASP A 1 61  ? -2.788  -1.575  -6.159  1.00 27.73 ? 60  ASP A O   1 
ATOM   462 C CB  . ASP A 1 61  ? -4.607  -3.791  -6.084  1.00 30.81 ? 60  ASP A CB  1 
ATOM   463 C CG  . ASP A 1 61  ? -4.729  -4.985  -6.996  1.00 32.73 ? 60  ASP A CG  1 
ATOM   464 O OD1 . ASP A 1 61  ? -3.708  -5.631  -7.311  1.00 32.59 ? 60  ASP A OD1 1 
ATOM   465 O OD2 . ASP A 1 61  ? -5.872  -5.276  -7.407  1.00 36.24 ? 60  ASP A OD2 1 
ATOM   466 N N   . LEU A 1 62  ? -1.057  -3.000  -5.921  1.00 28.43 ? 61  LEU A N   1 
ATOM   467 C CA  . LEU A 1 62  ? -0.020  -2.010  -6.174  1.00 28.64 ? 61  LEU A CA  1 
ATOM   468 C C   . LEU A 1 62  ? 0.570   -2.142  -7.562  1.00 29.28 ? 61  LEU A C   1 
ATOM   469 O O   . LEU A 1 62  ? 0.873   -3.239  -8.010  1.00 30.08 ? 61  LEU A O   1 
ATOM   470 C CB  . LEU A 1 62  ? 1.092   -2.146  -5.137  1.00 28.62 ? 61  LEU A CB  1 
ATOM   471 C CG  . LEU A 1 62  ? 0.663   -2.134  -3.668  1.00 28.49 ? 61  LEU A CG  1 
ATOM   472 C CD1 . LEU A 1 62  ? 1.892   -2.246  -2.781  1.00 28.09 ? 61  LEU A CD1 1 
ATOM   473 C CD2 . LEU A 1 62  ? -0.141  -0.884  -3.325  1.00 28.83 ? 61  LEU A CD2 1 
ATOM   474 N N   . ARG A 1 63  ? 0.751   -1.023  -8.214  1.00 30.57 ? 62  ARG A N   1 
ATOM   475 C CA  . ARG A 1 63  ? 1.389   -0.916  -9.492  1.00 31.54 ? 62  ARG A CA  1 
ATOM   476 C C   . ARG A 1 63  ? 2.348   0.255   -9.402  1.00 31.12 ? 62  ARG A C   1 
ATOM   477 O O   . ARG A 1 63  ? 2.267   1.198   -10.146 1.00 31.16 ? 62  ARG A O   1 
ATOM   478 C CB  . ARG A 1 63  ? 0.381   -0.671  -10.575 1.00 32.36 ? 62  ARG A CB  1 
ATOM   479 C CG  . ARG A 1 63  ? -0.868  -1.436  -10.398 1.00 34.13 ? 62  ARG A CG  1 
ATOM   480 C CD  . ARG A 1 63  ? -1.660  -1.418  -11.651 1.00 36.28 ? 62  ARG A CD  1 
ATOM   481 N NE  . ARG A 1 63  ? -2.562  -2.524  -11.691 1.00 38.80 ? 62  ARG A NE  1 
ATOM   482 C CZ  . ARG A 1 63  ? -2.386  -3.589  -12.443 1.00 41.97 ? 62  ARG A CZ  1 
ATOM   483 N NH1 . ARG A 1 63  ? -1.338  -3.697  -13.234 1.00 41.70 ? 62  ARG A NH1 1 
ATOM   484 N NH2 . ARG A 1 63  ? -3.269  -4.553  -12.402 1.00 43.82 ? 62  ARG A NH2 1 
ATOM   485 N N   . LEU A 1 64  ? 3.259   0.170   -8.452  1.00 30.22 ? 63  LEU A N   1 
ATOM   486 C CA  . LEU A 1 64  ? 4.257   1.195   -8.190  1.00 30.07 ? 63  LEU A CA  1 
ATOM   487 C C   . LEU A 1 64  ? 5.555   0.963   -8.893  1.00 30.78 ? 63  LEU A C   1 
ATOM   488 O O   . LEU A 1 64  ? 5.988   -0.131  -9.015  1.00 30.41 ? 63  LEU A O   1 
ATOM   489 C CB  . LEU A 1 64  ? 4.522   1.352   -6.699  1.00 29.64 ? 63  LEU A CB  1 
ATOM   490 C CG  . LEU A 1 64  ? 3.360   1.731   -5.815  1.00 28.73 ? 63  LEU A CG  1 
ATOM   491 C CD1 . LEU A 1 64  ? 3.724   1.510   -4.385  1.00 28.56 ? 63  LEU A CD1 1 
ATOM   492 C CD2 . LEU A 1 64  ? 2.842   3.117   -6.065  1.00 28.31 ? 63  LEU A CD2 1 
ATOM   493 N N   . LEU A 1 65  ? 6.163   2.029   -9.372  1.00 32.93 ? 64  LEU A N   1 
ATOM   494 C CA  . LEU A 1 65  ? 7.431   1.939   -10.105 1.00 34.31 ? 64  LEU A CA  1 
ATOM   495 C C   . LEU A 1 65  ? 8.706   2.379   -9.368  1.00 36.04 ? 64  LEU A C   1 
ATOM   496 O O   . LEU A 1 65  ? 9.482   1.527   -8.934  1.00 36.89 ? 64  LEU A O   1 
ATOM   497 C CB  . LEU A 1 65  ? 7.323   2.694   -11.435 1.00 34.04 ? 64  LEU A CB  1 
ATOM   498 C CG  . LEU A 1 65  ? 6.047   2.456   -12.246 1.00 33.55 ? 64  LEU A CG  1 
ATOM   499 C CD1 . LEU A 1 65  ? 5.827   3.584   -13.243 1.00 33.64 ? 64  LEU A CD1 1 
ATOM   500 C CD2 . LEU A 1 65  ? 6.104   1.112   -12.956 1.00 33.36 ? 64  LEU A CD2 1 
ATOM   501 N N   . TYR A 1 66  ? 8.916   3.660   -9.214  1.00 38.17 ? 65  TYR A N   1 
ATOM   502 C CA  . TYR A 1 66  ? 10.083  4.075   -8.519  1.00 39.55 ? 65  TYR A CA  1 
ATOM   503 C C   . TYR A 1 66  ? 9.630   4.559   -7.185  1.00 37.53 ? 65  TYR A C   1 
ATOM   504 O O   . TYR A 1 66  ? 8.604   5.147   -7.089  1.00 39.22 ? 65  TYR A O   1 
ATOM   505 C CB  . TYR A 1 66  ? 10.817  5.183   -9.244  1.00 42.16 ? 65  TYR A CB  1 
ATOM   506 C CG  . TYR A 1 66  ? 12.019  5.601   -8.451  1.00 45.26 ? 65  TYR A CG  1 
ATOM   507 C CD1 . TYR A 1 66  ? 12.972  4.684   -8.126  1.00 48.00 ? 65  TYR A CD1 1 
ATOM   508 C CD2 . TYR A 1 66  ? 12.153  6.871   -7.954  1.00 46.83 ? 65  TYR A CD2 1 
ATOM   509 C CE1 . TYR A 1 66  ? 14.065  5.014   -7.385  1.00 49.78 ? 65  TYR A CE1 1 
ATOM   510 C CE2 . TYR A 1 66  ? 13.244  7.218   -7.197  1.00 48.38 ? 65  TYR A CE2 1 
ATOM   511 C CZ  . TYR A 1 66  ? 14.196  6.278   -6.914  1.00 51.12 ? 65  TYR A CZ  1 
ATOM   512 O OH  . TYR A 1 66  ? 15.301  6.572   -6.150  1.00 52.41 ? 65  TYR A OH  1 
ATOM   513 N N   . LEU A 1 67  ? 10.393  4.272   -6.158  1.00 33.30 ? 66  LEU A N   1 
ATOM   514 C CA  . LEU A 1 67  ? 10.084  4.720   -4.847  1.00 30.97 ? 66  LEU A CA  1 
ATOM   515 C C   . LEU A 1 67  ? 11.326  5.322   -4.214  1.00 29.36 ? 66  LEU A C   1 
ATOM   516 O O   . LEU A 1 67  ? 12.293  4.669   -4.085  1.00 29.48 ? 66  LEU A O   1 
ATOM   517 C CB  . LEU A 1 67  ? 9.561   3.577   -3.966  1.00 30.71 ? 66  LEU A CB  1 
ATOM   518 C CG  . LEU A 1 67  ? 8.207   2.904   -4.136  1.00 30.24 ? 66  LEU A CG  1 
ATOM   519 C CD1 . LEU A 1 67  ? 7.900   2.096   -2.945  1.00 30.93 ? 66  LEU A CD1 1 
ATOM   520 C CD2 . LEU A 1 67  ? 7.058   3.822   -4.394  1.00 29.90 ? 66  LEU A CD2 1 
ATOM   521 N N   . ASN A 1 68  ? 11.293  6.564   -3.802  1.00 27.45 ? 67  ASN A N   1 
ATOM   522 C CA  . ASN A 1 68  ? 12.428  7.155   -3.092  1.00 26.27 ? 67  ASN A CA  1 
ATOM   523 C C   . ASN A 1 68  ? 12.513  6.602   -1.663  1.00 26.03 ? 67  ASN A C   1 
ATOM   524 O O   . ASN A 1 68  ? 11.600  5.909   -1.189  1.00 26.04 ? 67  ASN A O   1 
ATOM   525 C CB  . ASN A 1 68  ? 12.393  8.701   -3.132  1.00 25.91 ? 67  ASN A CB  1 
ATOM   526 C CG  . ASN A 1 68  ? 11.237  9.310   -2.350  1.00 25.91 ? 67  ASN A CG  1 
ATOM   527 O OD1 . ASN A 1 68  ? 10.311  8.622   -1.931  1.00 26.34 ? 67  ASN A OD1 1 
ATOM   528 N ND2 . ASN A 1 68  ? 11.282  10.623  -2.170  1.00 25.62 ? 67  ASN A ND2 1 
ATOM   529 N N   . THR A 1 69  ? 13.623  6.909   -1.001  1.00 25.60 ? 68  THR A N   1 
ATOM   530 C CA  . THR A 1 69  ? 13.907  6.471   0.366   1.00 25.41 ? 68  THR A CA  1 
ATOM   531 C C   . THR A 1 69  ? 12.725  6.671   1.309   1.00 25.53 ? 68  THR A C   1 
ATOM   532 O O   . THR A 1 69  ? 12.283  5.748   2.002   1.00 26.29 ? 68  THR A O   1 
ATOM   533 C CB  . THR A 1 69  ? 15.132  7.247   0.901   1.00 25.40 ? 68  THR A CB  1 
ATOM   534 O OG1 . THR A 1 69  ? 16.278  6.904   0.109   1.00 25.82 ? 68  THR A OG1 1 
ATOM   535 C CG2 . THR A 1 69  ? 15.412  6.941   2.373   1.00 25.19 ? 68  THR A CG2 1 
ATOM   536 N N   . SER A 1 70  ? 12.216  7.892   1.314   1.00 25.37 ? 69  SER A N   1 
ATOM   537 C CA  . SER A 1 70  ? 11.140  8.285   2.203   1.00 24.96 ? 69  SER A CA  1 
ATOM   538 C C   . SER A 1 70  ? 9.835   7.537   1.929   1.00 24.26 ? 69  SER A C   1 
ATOM   539 O O   . SER A 1 70  ? 9.078   7.254   2.856   1.00 24.09 ? 69  SER A O   1 
ATOM   540 C CB  . SER A 1 70  ? 10.922  9.790   2.087   1.00 25.69 ? 69  SER A CB  1 
ATOM   541 O OG  . SER A 1 70  ? 10.043  10.245  3.091   1.00 28.23 ? 69  SER A OG  1 
ATOM   542 N N   . SER A 1 71  ? 9.576   7.224   0.661   1.00 23.72 ? 70  SER A N   1 
ATOM   543 C CA  . SER A 1 71  ? 8.363   6.496   0.277   1.00 23.44 ? 70  SER A CA  1 
ATOM   544 C C   . SER A 1 71  ? 8.450   5.014   0.623   1.00 22.79 ? 70  SER A C   1 
ATOM   545 O O   . SER A 1 71  ? 7.432   4.378   0.846   1.00 22.17 ? 70  SER A O   1 
ATOM   546 C CB  . SER A 1 71  ? 8.064   6.686   -1.213  1.00 23.52 ? 70  SER A CB  1 
ATOM   547 O OG  . SER A 1 71  ? 7.762   8.046   -1.484  1.00 22.76 ? 70  SER A OG  1 
ATOM   548 N N   . ILE A 1 72  ? 9.667   4.478   0.666   1.00 23.06 ? 71  ILE A N   1 
ATOM   549 C CA  . ILE A 1 72  ? 9.911   3.114   1.145   1.00 23.17 ? 71  ILE A CA  1 
ATOM   550 C C   . ILE A 1 72  ? 9.514   2.986   2.614   1.00 23.85 ? 71  ILE A C   1 
ATOM   551 O O   . ILE A 1 72  ? 8.793   2.061   2.983   1.00 23.43 ? 71  ILE A O   1 
ATOM   552 C CB  . ILE A 1 72  ? 11.392  2.699   0.927   1.00 23.02 ? 71  ILE A CB  1 
ATOM   553 C CG1 . ILE A 1 72  ? 11.652  2.481   -0.570  1.00 22.72 ? 71  ILE A CG1 1 
ATOM   554 C CG2 . ILE A 1 72  ? 11.754  1.443   1.721   1.00 22.97 ? 71  ILE A CG2 1 
ATOM   555 C CD1 . ILE A 1 72  ? 13.113  2.496   -0.951  1.00 22.81 ? 71  ILE A CD1 1 
ATOM   556 N N   . LYS A 1 73  ? 9.975   3.928   3.434   1.00 24.81 ? 72  LYS A N   1 
ATOM   557 C CA  . LYS A 1 73  ? 9.635   3.950   4.857   1.00 25.40 ? 72  LYS A CA  1 
ATOM   558 C C   . LYS A 1 73  ? 8.138   4.101   5.067   1.00 25.15 ? 72  LYS A C   1 
ATOM   559 O O   . LYS A 1 73  ? 7.564   3.473   5.961   1.00 24.34 ? 72  LYS A O   1 
ATOM   560 C CB  . LYS A 1 73  ? 10.367  5.085   5.572   1.00 26.66 ? 72  LYS A CB  1 
ATOM   561 C CG  . LYS A 1 73  ? 11.862  4.863   5.615   1.00 28.23 ? 72  LYS A CG  1 
ATOM   562 C CD  . LYS A 1 73  ? 12.638  6.034   6.183   1.00 28.83 ? 72  LYS A CD  1 
ATOM   563 C CE  . LYS A 1 73  ? 14.096  5.630   6.297   1.00 29.47 ? 72  LYS A CE  1 
ATOM   564 N NZ  . LYS A 1 73  ? 14.951  6.731   6.806   1.00 31.37 ? 72  LYS A NZ  1 
ATOM   565 N N   . ALA A 1 74  ? 7.515   4.935   4.237   1.00 25.00 ? 73  ALA A N   1 
ATOM   566 C CA  . ALA A 1 74  ? 6.079   5.147   4.300   1.00 25.48 ? 73  ALA A CA  1 
ATOM   567 C C   . ALA A 1 74  ? 5.303   3.883   3.953   1.00 26.14 ? 73  ALA A C   1 
ATOM   568 O O   . ALA A 1 74  ? 4.324   3.565   4.616   1.00 25.77 ? 73  ALA A O   1 
ATOM   569 C CB  . ALA A 1 74  ? 5.672   6.284   3.380   1.00 25.90 ? 73  ALA A CB  1 
ATOM   570 N N   . MET A 1 75  ? 5.745   3.162   2.924   1.00 27.69 ? 74  MET A N   1 
ATOM   571 C CA  . MET A 1 75  ? 5.059   1.931   2.505   1.00 28.91 ? 74  MET A CA  1 
ATOM   572 C C   . MET A 1 75  ? 5.186   0.841   3.560   1.00 27.78 ? 74  MET A C   1 
ATOM   573 O O   . MET A 1 75  ? 4.268   0.059   3.756   1.00 26.33 ? 74  MET A O   1 
ATOM   574 C CB  . MET A 1 75  ? 5.595   1.402   1.166   1.00 30.48 ? 74  MET A CB  1 
ATOM   575 C CG  . MET A 1 75  ? 4.510   0.832   0.248   1.00 32.80 ? 74  MET A CG  1 
ATOM   576 S SD  . MET A 1 75  ? 3.244   2.011   -0.323  1.00 34.20 ? 74  MET A SD  1 
ATOM   577 C CE  . MET A 1 75  ? 4.226   3.500   -0.474  1.00 34.74 ? 74  MET A CE  1 
ATOM   578 N N   . MET A 1 76  ? 6.336   0.792   4.220   1.00 27.65 ? 75  MET A N   1 
ATOM   579 C CA  . MET A 1 76  ? 6.571   -0.173  5.278   1.00 27.64 ? 75  MET A CA  1 
ATOM   580 C C   . MET A 1 76  ? 5.715   0.108   6.505   1.00 26.13 ? 75  MET A C   1 
ATOM   581 O O   . MET A 1 76  ? 5.254   -0.834  7.154   1.00 24.67 ? 75  MET A O   1 
ATOM   582 C CB  . MET A 1 76  ? 8.055   -0.215  5.635   1.00 29.87 ? 75  MET A CB  1 
ATOM   583 C CG  . MET A 1 76  ? 8.894   -0.807  4.503   1.00 32.33 ? 75  MET A CG  1 
ATOM   584 S SD  . MET A 1 76  ? 10.469  -1.550  4.972   1.00 35.28 ? 75  MET A SD  1 
ATOM   585 C CE  . MET A 1 76  ? 9.898   -2.664  6.255   1.00 34.41 ? 75  MET A CE  1 
ATOM   586 N N   . ASP A 1 77  ? 5.494   1.390   6.810   1.00 24.40 ? 76  ASP A N   1 
ATOM   587 C CA  . ASP A 1 77  ? 4.567   1.778   7.873   1.00 23.68 ? 76  ASP A CA  1 
ATOM   588 C C   . ASP A 1 77  ? 3.151   1.291   7.554   1.00 23.75 ? 76  ASP A C   1 
ATOM   589 O O   . ASP A 1 77  ? 2.429   0.842   8.449   1.00 23.49 ? 76  ASP A O   1 
ATOM   590 C CB  . ASP A 1 77  ? 4.554   3.300   8.094   1.00 23.46 ? 76  ASP A CB  1 
ATOM   591 C CG  . ASP A 1 77  ? 5.857   3.842   8.690   1.00 23.34 ? 76  ASP A CG  1 
ATOM   592 O OD1 . ASP A 1 77  ? 6.783   3.063   9.004   1.00 23.08 ? 76  ASP A OD1 1 
ATOM   593 O OD2 . ASP A 1 77  ? 5.957   5.079   8.833   1.00 23.54 ? 76  ASP A OD2 1 
ATOM   594 N N   . ILE A 1 78  ? 2.761   1.380   6.283   1.00 23.88 ? 77  ILE A N   1 
ATOM   595 C CA  . ILE A 1 78  ? 1.489   0.815   5.813   1.00 23.60 ? 77  ILE A CA  1 
ATOM   596 C C   . ILE A 1 78  ? 1.475   -0.707  5.967   1.00 23.74 ? 77  ILE A C   1 
ATOM   597 O O   . ILE A 1 78  ? 0.505   -1.267  6.474   1.00 23.77 ? 77  ILE A O   1 
ATOM   598 C CB  . ILE A 1 78  ? 1.173   1.236   4.354   1.00 23.16 ? 77  ILE A CB  1 
ATOM   599 C CG1 . ILE A 1 78  ? 0.786   2.719   4.318   1.00 22.49 ? 77  ILE A CG1 1 
ATOM   600 C CG2 . ILE A 1 78  ? 0.048   0.389   3.757   1.00 23.30 ? 77  ILE A CG2 1 
ATOM   601 C CD1 . ILE A 1 78  ? 0.762   3.336   2.939   1.00 22.35 ? 77  ILE A CD1 1 
ATOM   602 N N   . LEU A 1 79  ? 2.545   -1.367  5.545   1.00 24.43 ? 78  LEU A N   1 
ATOM   603 C CA  . LEU A 1 79  ? 2.640   -2.825  5.675   1.00 25.75 ? 78  LEU A CA  1 
ATOM   604 C C   . LEU A 1 79  ? 2.579   -3.284  7.139   1.00 26.64 ? 78  LEU A C   1 
ATOM   605 O O   . LEU A 1 79  ? 2.016   -4.346  7.439   1.00 26.60 ? 78  LEU A O   1 
ATOM   606 C CB  . LEU A 1 79  ? 3.925   -3.353  5.028   1.00 25.77 ? 78  LEU A CB  1 
ATOM   607 C CG  . LEU A 1 79  ? 4.086   -3.187  3.516   1.00 26.27 ? 78  LEU A CG  1 
ATOM   608 C CD1 . LEU A 1 79  ? 5.465   -3.662  3.093   1.00 27.02 ? 78  LEU A CD1 1 
ATOM   609 C CD2 . LEU A 1 79  ? 3.015   -3.932  2.747   1.00 26.55 ? 78  LEU A CD2 1 
ATOM   610 N N   . ASP A 1 80  ? 3.156   -2.485  8.034   1.00 27.67 ? 79  ASP A N   1 
ATOM   611 C CA  . ASP A 1 80  ? 3.166   -2.803  9.451   1.00 29.38 ? 79  ASP A CA  1 
ATOM   612 C C   . ASP A 1 80  ? 1.757   -2.837  10.041  1.00 30.14 ? 79  ASP A C   1 
ATOM   613 O O   . ASP A 1 80  ? 1.444   -3.726  10.821  1.00 31.63 ? 79  ASP A O   1 
ATOM   614 C CB  . ASP A 1 80  ? 4.041   -1.817  10.226  1.00 30.15 ? 79  ASP A CB  1 
ATOM   615 C CG  . ASP A 1 80  ? 4.215   -2.222  11.683  1.00 31.39 ? 79  ASP A CG  1 
ATOM   616 O OD1 . ASP A 1 80  ? 4.613   -3.386  11.936  1.00 32.56 ? 79  ASP A OD1 1 
ATOM   617 O OD2 . ASP A 1 80  ? 3.941   -1.384  12.572  1.00 31.54 ? 79  ASP A OD2 1 
ATOM   618 N N   . LEU A 1 81  ? 0.914   -1.883  9.659   1.00 30.66 ? 80  LEU A N   1 
ATOM   619 C CA  . LEU A 1 81  ? -0.488  -1.872  10.081  1.00 31.90 ? 80  LEU A CA  1 
ATOM   620 C C   . LEU A 1 81  ? -1.269  -3.080  9.569   1.00 32.70 ? 80  LEU A C   1 
ATOM   621 O O   . LEU A 1 81  ? -2.139  -3.598  10.268  1.00 33.50 ? 80  LEU A O   1 
ATOM   622 C CB  . LEU A 1 81  ? -1.189  -0.596  9.608   1.00 32.66 ? 80  LEU A CB  1 
ATOM   623 C CG  . LEU A 1 81  ? -0.686  0.741   10.165  1.00 33.36 ? 80  LEU A CG  1 
ATOM   624 C CD1 . LEU A 1 81  ? -1.435  1.878   9.482   1.00 34.05 ? 80  LEU A CD1 1 
ATOM   625 C CD2 . LEU A 1 81  ? -0.834  0.814   11.682  1.00 33.39 ? 80  LEU A CD2 1 
ATOM   626 N N   . LEU A 1 82  ? -0.972  -3.515  8.349   1.00 33.86 ? 81  LEU A N   1 
ATOM   627 C CA  . LEU A 1 82  ? -1.595  -4.718  7.799   1.00 34.80 ? 81  LEU A CA  1 
ATOM   628 C C   . LEU A 1 82  ? -1.109  -5.956  8.537   1.00 35.30 ? 81  LEU A C   1 
ATOM   629 O O   . LEU A 1 82  ? -1.907  -6.837  8.857   1.00 34.62 ? 81  LEU A O   1 
ATOM   630 C CB  . LEU A 1 82  ? -1.294  -4.853  6.311   1.00 35.09 ? 81  LEU A CB  1 
ATOM   631 C CG  . LEU A 1 82  ? -1.836  -3.731  5.429   1.00 35.84 ? 81  LEU A CG  1 
ATOM   632 C CD1 . LEU A 1 82  ? -1.336  -3.929  4.010   1.00 36.74 ? 81  LEU A CD1 1 
ATOM   633 C CD2 . LEU A 1 82  ? -3.355  -3.679  5.471   1.00 35.89 ? 81  LEU A CD2 1 
ATOM   634 N N   . GLU A 1 83  ? 0.200   -6.003  8.802   1.00 36.10 ? 82  GLU A N   1 
ATOM   635 C CA  . GLU A 1 83  ? 0.831   -7.094  9.548   1.00 36.77 ? 82  GLU A CA  1 
ATOM   636 C C   . GLU A 1 83  ? 0.205   -7.246  10.928  1.00 37.72 ? 82  GLU A C   1 
ATOM   637 O O   . GLU A 1 83  ? -0.143  -8.354  11.334  1.00 37.59 ? 82  GLU A O   1 
ATOM   638 C CB  . GLU A 1 83  ? 2.349   -6.848  9.664   1.00 36.92 ? 82  GLU A CB  1 
ATOM   639 C CG  . GLU A 1 83  ? 3.163   -7.886  10.434  1.00 36.84 ? 82  GLU A CG  1 
ATOM   640 C CD  . GLU A 1 83  ? 3.251   -9.238  9.746   1.00 38.18 ? 82  GLU A CD  1 
ATOM   641 O OE1 . GLU A 1 83  ? 2.684   -9.409  8.646   1.00 38.70 ? 82  GLU A OE1 1 
ATOM   642 O OE2 . GLU A 1 83  ? 3.903   -10.149 10.304  1.00 39.37 ? 82  GLU A OE2 1 
ATOM   643 N N   . GLU A 1 84  ? 0.038   -6.128  11.631  1.00 38.63 ? 83  GLU A N   1 
ATOM   644 C CA  . GLU A 1 84  ? -0.508  -6.152  12.990  1.00 40.07 ? 83  GLU A CA  1 
ATOM   645 C C   . GLU A 1 84  ? -1.987  -6.540  12.992  1.00 39.28 ? 83  GLU A C   1 
ATOM   646 O O   . GLU A 1 84  ? -2.436  -7.249  13.886  1.00 39.11 ? 83  GLU A O   1 
ATOM   647 C CB  . GLU A 1 84  ? -0.281  -4.813  13.718  1.00 41.92 ? 83  GLU A CB  1 
ATOM   648 C CG  . GLU A 1 84  ? 0.172   -4.980  15.168  1.00 44.61 ? 83  GLU A CG  1 
ATOM   649 C CD  . GLU A 1 84  ? 1.578   -5.570  15.277  1.00 46.02 ? 83  GLU A CD  1 
ATOM   650 O OE1 . GLU A 1 84  ? 2.544   -4.895  14.850  1.00 47.32 ? 83  GLU A OE1 1 
ATOM   651 O OE2 . GLU A 1 84  ? 1.719   -6.707  15.788  1.00 45.80 ? 83  GLU A OE2 1 
ATOM   652 N N   . ALA A 1 85  ? -2.734  -6.084  11.989  1.00 38.69 ? 84  ALA A N   1 
ATOM   653 C CA  . ALA A 1 85  ? -4.114  -6.530  11.803  1.00 39.35 ? 84  ALA A CA  1 
ATOM   654 C C   . ALA A 1 85  ? -4.175  -8.028  11.491  1.00 38.16 ? 84  ALA A C   1 
ATOM   655 O O   . ALA A 1 85  ? -5.032  -8.731  12.019  1.00 36.83 ? 84  ALA A O   1 
ATOM   656 C CB  . ALA A 1 85  ? -4.798  -5.731  10.702  1.00 39.69 ? 84  ALA A CB  1 
ATOM   657 N N   . HIS A 1 86  ? -3.265  -8.505  10.642  1.00 38.76 ? 85  HIS A N   1 
ATOM   658 C CA  . HIS A 1 86  ? -3.204  -9.926  10.295  1.00 39.73 ? 85  HIS A CA  1 
ATOM   659 C C   . HIS A 1 86  ? -2.922  -10.800 11.517  1.00 40.39 ? 85  HIS A C   1 
ATOM   660 O O   . HIS A 1 86  ? -3.611  -11.799 11.724  1.00 40.80 ? 85  HIS A O   1 
ATOM   661 C CB  . HIS A 1 86  ? -2.155  -10.197 9.217   1.00 39.80 ? 85  HIS A CB  1 
ATOM   662 C CG  . HIS A 1 86  ? -2.112  -11.627 8.777   1.00 40.67 ? 85  HIS A CG  1 
ATOM   663 N ND1 . HIS A 1 86  ? -1.020  -12.439 8.993   1.00 40.52 ? 85  HIS A ND1 1 
ATOM   664 C CD2 . HIS A 1 86  ? -3.033  -12.394 8.148   1.00 41.06 ? 85  HIS A CD2 1 
ATOM   665 C CE1 . HIS A 1 86  ? -1.266  -13.642 8.507   1.00 41.16 ? 85  HIS A CE1 1 
ATOM   666 N NE2 . HIS A 1 86  ? -2.481  -13.642 7.990   1.00 42.20 ? 85  HIS A NE2 1 
ATOM   667 N N   . GLN A 1 87  ? -1.930  -10.406 12.320  1.00 40.00 ? 86  GLN A N   1 
ATOM   668 C CA  . GLN A 1 87  ? -1.605  -11.078 13.587  1.00 39.79 ? 86  GLN A CA  1 
ATOM   669 C C   . GLN A 1 87  ? -2.831  -11.227 14.501  1.00 38.95 ? 86  GLN A C   1 
ATOM   670 O O   . GLN A 1 87  ? -2.956  -12.224 15.212  1.00 39.34 ? 86  GLN A O   1 
ATOM   671 C CB  . GLN A 1 87  ? -0.498  -10.321 14.343  1.00 41.17 ? 86  GLN A CB  1 
ATOM   672 C CG  . GLN A 1 87  ? 0.888   -10.375 13.712  1.00 42.68 ? 86  GLN A CG  1 
ATOM   673 C CD  . GLN A 1 87  ? 1.491   -11.765 13.686  1.00 45.58 ? 86  GLN A CD  1 
ATOM   674 O OE1 . GLN A 1 87  ? 1.182   -12.605 14.532  1.00 49.24 ? 86  GLN A OE1 1 
ATOM   675 N NE2 . GLN A 1 87  ? 2.362   -12.017 12.709  1.00 46.39 ? 86  GLN A NE2 1 
ATOM   676 N N   . GLY A 1 88  ? -3.726  -10.236 14.466  1.00 37.69 ? 87  GLY A N   1 
ATOM   677 C CA  . GLY A 1 88  ? -5.006  -10.278 15.178  1.00 35.69 ? 87  GLY A CA  1 
ATOM   678 C C   . GLY A 1 88  ? -6.171  -10.946 14.450  1.00 35.42 ? 87  GLY A C   1 
ATOM   679 O O   . GLY A 1 88  ? -7.324  -10.787 14.862  1.00 34.60 ? 87  GLY A O   1 
ATOM   680 N N   . GLY A 1 89  ? -5.890  -11.690 13.378  1.00 34.59 ? 88  GLY A N   1 
ATOM   681 C CA  . GLY A 1 89  ? -6.912  -12.446 12.653  1.00 34.16 ? 88  GLY A CA  1 
ATOM   682 C C   . GLY A 1 89  ? -7.619  -11.739 11.513  1.00 33.20 ? 88  GLY A C   1 
ATOM   683 O O   . GLY A 1 89  ? -8.533  -12.310 10.919  1.00 32.51 ? 88  GLY A O   1 
ATOM   684 N N   . ARG A 1 90  ? -7.198  -10.519 11.184  1.00 33.20 ? 89  ARG A N   1 
ATOM   685 C CA  . ARG A 1 90  ? -7.826  -9.758  10.100  1.00 32.93 ? 89  ARG A CA  1 
ATOM   686 C C   . ARG A 1 90  ? -7.400  -10.293 8.718   1.00 31.66 ? 89  ARG A C   1 
ATOM   687 O O   . ARG A 1 90  ? -6.202  -10.388 8.439   1.00 30.72 ? 89  ARG A O   1 
ATOM   688 C CB  . ARG A 1 90  ? -7.472  -8.273  10.215  1.00 33.79 ? 89  ARG A CB  1 
ATOM   689 C CG  . ARG A 1 90  ? -8.314  -7.336  9.362   1.00 34.78 ? 89  ARG A CG  1 
ATOM   690 C CD  . ARG A 1 90  ? -9.788  -7.406  9.730   1.00 35.88 ? 89  ARG A CD  1 
ATOM   691 N NE  . ARG A 1 90  ? -10.548 -6.310  9.140   1.00 36.31 ? 89  ARG A NE  1 
ATOM   692 C CZ  . ARG A 1 90  ? -10.653 -5.080  9.644   1.00 36.41 ? 89  ARG A CZ  1 
ATOM   693 N NH1 . ARG A 1 90  ? -10.036 -4.735  10.773  1.00 35.74 ? 89  ARG A NH1 1 
ATOM   694 N NH2 . ARG A 1 90  ? -11.396 -4.180  9.003   1.00 37.31 ? 89  ARG A NH2 1 
ATOM   695 N N   . PRO A 1 91  ? -8.374  -10.656 7.857   1.00 30.86 ? 90  PRO A N   1 
ATOM   696 C CA  . PRO A 1 91  ? -8.008  -10.991 6.471   1.00 30.86 ? 90  PRO A CA  1 
ATOM   697 C C   . PRO A 1 91  ? -7.417  -9.795  5.706   1.00 30.75 ? 90  PRO A C   1 
ATOM   698 O O   . PRO A 1 91  ? -8.135  -8.830  5.398   1.00 29.99 ? 90  PRO A O   1 
ATOM   699 C CB  . PRO A 1 91  ? -9.339  -11.436 5.844   1.00 30.35 ? 90  PRO A CB  1 
ATOM   700 C CG  . PRO A 1 91  ? -10.209 -11.804 6.997   1.00 30.40 ? 90  PRO A CG  1 
ATOM   701 C CD  . PRO A 1 91  ? -9.809  -10.878 8.103   1.00 30.46 ? 90  PRO A CD  1 
ATOM   702 N N   . VAL A 1 92  ? -6.110  -9.853  5.444   1.00 29.57 ? 91  VAL A N   1 
ATOM   703 C CA  . VAL A 1 92  ? -5.441  -8.877  4.584   1.00 28.92 ? 91  VAL A CA  1 
ATOM   704 C C   . VAL A 1 92  ? -4.610  -9.594  3.522   1.00 28.08 ? 91  VAL A C   1 
ATOM   705 O O   . VAL A 1 92  ? -3.979  -10.607 3.803   1.00 28.70 ? 91  VAL A O   1 
ATOM   706 C CB  . VAL A 1 92  ? -4.579  -7.853  5.379   1.00 29.17 ? 91  VAL A CB  1 
ATOM   707 C CG1 . VAL A 1 92  ? -5.437  -7.098  6.390   1.00 29.15 ? 91  VAL A CG1 1 
ATOM   708 C CG2 . VAL A 1 92  ? -3.392  -8.513  6.066   1.00 29.07 ? 91  VAL A CG2 1 
ATOM   709 N N   . SER A 1 93  ? -4.637  -9.063  2.303   1.00 27.39 ? 92  SER A N   1 
ATOM   710 C CA  . SER A 1 93  ? -3.932  -9.644  1.161   1.00 27.32 ? 92  SER A CA  1 
ATOM   711 C C   . SER A 1 93  ? -3.269  -8.529  0.351   1.00 26.05 ? 92  SER A C   1 
ATOM   712 O O   . SER A 1 93  ? -3.683  -7.381  0.418   1.00 25.91 ? 92  SER A O   1 
ATOM   713 C CB  . SER A 1 93  ? -4.920  -10.427 0.291   1.00 27.79 ? 92  SER A CB  1 
ATOM   714 O OG  . SER A 1 93  ? -4.272  -11.067 -0.795  1.00 28.88 ? 92  SER A OG  1 
ATOM   715 N N   . LEU A 1 94  ? -2.232  -8.860  -0.405  1.00 25.21 ? 93  LEU A N   1 
ATOM   716 C CA  . LEU A 1 94  ? -1.538  -7.860  -1.206  1.00 24.19 ? 93  LEU A CA  1 
ATOM   717 C C   . LEU A 1 94  ? -1.079  -8.438  -2.520  1.00 24.22 ? 93  LEU A C   1 
ATOM   718 O O   . LEU A 1 94  ? -0.633  -9.582  -2.574  1.00 24.14 ? 93  LEU A O   1 
ATOM   719 C CB  . LEU A 1 94  ? -0.344  -7.297  -0.435  1.00 23.98 ? 93  LEU A CB  1 
ATOM   720 C CG  . LEU A 1 94  ? 0.423   -6.138  -1.097  1.00 23.53 ? 93  LEU A CG  1 
ATOM   721 C CD1 . LEU A 1 94  ? 0.873   -5.126  -0.056  1.00 23.60 ? 93  LEU A CD1 1 
ATOM   722 C CD2 . LEU A 1 94  ? 1.618   -6.617  -1.914  1.00 23.37 ? 93  LEU A CD2 1 
ATOM   723 N N   . ARG A 1 95  ? -1.191  -7.631  -3.570  1.00 25.12 ? 94  ARG A N   1 
ATOM   724 C CA  . ARG A 1 95  ? -0.682  -7.963  -4.893  1.00 26.40 ? 94  ARG A CA  1 
ATOM   725 C C   . ARG A 1 95  ? 0.219   -6.833  -5.358  1.00 26.40 ? 94  ARG A C   1 
ATOM   726 O O   . ARG A 1 95  ? -0.214  -5.683  -5.409  1.00 26.26 ? 94  ARG A O   1 
ATOM   727 C CB  . ARG A 1 95  ? -1.833  -8.144  -5.883  1.00 27.54 ? 94  ARG A CB  1 
ATOM   728 C CG  . ARG A 1 95  ? -2.604  -9.439  -5.714  1.00 28.55 ? 94  ARG A CG  1 
ATOM   729 C CD  . ARG A 1 95  ? -3.853  -9.463  -6.585  1.00 29.60 ? 94  ARG A CD  1 
ATOM   730 N NE  . ARG A 1 95  ? -4.873  -8.527  -6.109  1.00 31.23 ? 94  ARG A NE  1 
ATOM   731 C CZ  . ARG A 1 95  ? -5.651  -8.705  -5.036  1.00 32.58 ? 94  ARG A CZ  1 
ATOM   732 N NH1 . ARG A 1 95  ? -5.552  -9.801  -4.280  1.00 33.88 ? 94  ARG A NH1 1 
ATOM   733 N NH2 . ARG A 1 95  ? -6.540  -7.769  -4.710  1.00 33.32 ? 94  ARG A NH2 1 
ATOM   734 N N   . TRP A 1 96  ? 1.467   -7.169  -5.675  1.00 27.07 ? 95  TRP A N   1 
ATOM   735 C CA  . TRP A 1 96  ? 2.434   -6.233  -6.230  1.00 28.70 ? 95  TRP A CA  1 
ATOM   736 C C   . TRP A 1 96  ? 2.639   -6.544  -7.717  1.00 28.42 ? 95  TRP A C   1 
ATOM   737 O O   . TRP A 1 96  ? 3.316   -7.506  -8.083  1.00 26.67 ? 95  TRP A O   1 
ATOM   738 C CB  . TRP A 1 96  ? 3.757   -6.328  -5.470  1.00 30.28 ? 95  TRP A CB  1 
ATOM   739 C CG  . TRP A 1 96  ? 4.719   -5.221  -5.783  1.00 33.07 ? 95  TRP A CG  1 
ATOM   740 C CD1 . TRP A 1 96  ? 5.363   -4.995  -6.968  1.00 34.49 ? 95  TRP A CD1 1 
ATOM   741 C CD2 . TRP A 1 96  ? 5.159   -4.191  -4.887  1.00 34.86 ? 95  TRP A CD2 1 
ATOM   742 N NE1 . TRP A 1 96  ? 6.170   -3.884  -6.869  1.00 35.57 ? 95  TRP A NE1 1 
ATOM   743 C CE2 . TRP A 1 96  ? 6.063   -3.372  -5.602  1.00 35.71 ? 95  TRP A CE2 1 
ATOM   744 C CE3 . TRP A 1 96  ? 4.876   -3.882  -3.550  1.00 35.08 ? 95  TRP A CE3 1 
ATOM   745 C CZ2 . TRP A 1 96  ? 6.685   -2.258  -5.025  1.00 36.08 ? 95  TRP A CZ2 1 
ATOM   746 C CZ3 . TRP A 1 96  ? 5.494   -2.773  -2.975  1.00 35.66 ? 95  TRP A CZ3 1 
ATOM   747 C CH2 . TRP A 1 96  ? 6.386   -1.974  -3.716  1.00 36.36 ? 95  TRP A CH2 1 
ATOM   748 N N   . HIS A 1 97  ? 2.052   -5.708  -8.566  1.00 29.31 ? 96  HIS A N   1 
ATOM   749 C CA  . HIS A 1 97  ? 2.160   -5.850  -10.014 1.00 29.60 ? 96  HIS A CA  1 
ATOM   750 C C   . HIS A 1 97  ? 3.412   -5.150  -10.502 1.00 29.62 ? 96  HIS A C   1 
ATOM   751 O O   . HIS A 1 97  ? 3.662   -4.003  -10.133 1.00 29.39 ? 96  HIS A O   1 
ATOM   752 C CB  . HIS A 1 97  ? 0.946   -5.242  -10.693 1.00 29.80 ? 96  HIS A CB  1 
ATOM   753 C CG  . HIS A 1 97  ? -0.347  -5.826  -10.230 1.00 30.45 ? 96  HIS A CG  1 
ATOM   754 N ND1 . HIS A 1 97  ? -0.964  -6.869  -10.885 1.00 31.43 ? 96  HIS A ND1 1 
ATOM   755 C CD2 . HIS A 1 97  ? -1.127  -5.535  -9.164  1.00 30.41 ? 96  HIS A CD2 1 
ATOM   756 C CE1 . HIS A 1 97  ? -2.078  -7.184  -10.250 1.00 31.34 ? 96  HIS A CE1 1 
ATOM   757 N NE2 . HIS A 1 97  ? -2.198  -6.392  -9.201  1.00 30.88 ? 96  HIS A NE2 1 
ATOM   758 N N   . TYR A 1 98  ? 4.197   -5.841  -11.323 1.00 30.26 ? 97  TYR A N   1 
ATOM   759 C CA  . TYR A 1 98  ? 5.361   -5.234  -11.965 1.00 31.29 ? 97  TYR A CA  1 
ATOM   760 C C   . TYR A 1 98  ? 5.516   -5.733  -13.397 1.00 32.37 ? 97  TYR A C   1 
ATOM   761 O O   . TYR A 1 98  ? 5.164   -6.869  -13.710 1.00 31.91 ? 97  TYR A O   1 
ATOM   762 C CB  . TYR A 1 98  ? 6.636   -5.469  -11.139 1.00 31.15 ? 97  TYR A CB  1 
ATOM   763 C CG  . TYR A 1 98  ? 7.261   -6.844  -11.257 1.00 31.45 ? 97  TYR A CG  1 
ATOM   764 C CD1 . TYR A 1 98  ? 6.608   -7.976  -10.763 1.00 32.19 ? 97  TYR A CD1 1 
ATOM   765 C CD2 . TYR A 1 98  ? 8.519   -7.015  -11.846 1.00 31.16 ? 97  TYR A CD2 1 
ATOM   766 C CE1 . TYR A 1 98  ? 7.182   -9.239  -10.864 1.00 32.10 ? 97  TYR A CE1 1 
ATOM   767 C CE2 . TYR A 1 98  ? 9.101   -8.272  -11.952 1.00 31.09 ? 97  TYR A CE2 1 
ATOM   768 C CZ  . TYR A 1 98  ? 8.432   -9.382  -11.461 1.00 31.93 ? 97  TYR A CZ  1 
ATOM   769 O OH  . TYR A 1 98  ? 9.003   -10.637 -11.555 1.00 31.77 ? 97  TYR A OH  1 
ATOM   770 N N   . ASP A 1 99  ? 6.013   -4.857  -14.264 1.00 34.53 ? 98  ASP A N   1 
ATOM   771 C CA  . ASP A 1 99  ? 6.430   -5.244  -15.598 1.00 37.73 ? 98  ASP A CA  1 
ATOM   772 C C   . ASP A 1 99  ? 7.833   -5.837  -15.487 1.00 38.74 ? 98  ASP A C   1 
ATOM   773 O O   . ASP A 1 99  ? 8.716   -5.244  -14.868 1.00 39.09 ? 98  ASP A O   1 
ATOM   774 C CB  . ASP A 1 99  ? 6.416   -4.039  -16.540 1.00 39.94 ? 98  ASP A CB  1 
ATOM   775 C CG  . ASP A 1 99  ? 6.409   -4.446  -17.998 1.00 41.46 ? 98  ASP A CG  1 
ATOM   776 O OD1 . ASP A 1 99  ? 7.485   -4.807  -18.508 1.00 44.13 ? 98  ASP A OD1 1 
ATOM   777 O OD2 . ASP A 1 99  ? 5.333   -4.414  -18.631 1.00 41.70 ? 98  ASP A OD2 1 
ATOM   778 N N   . ARG A 1 100 ? 8.035   -7.012  -16.077 1.00 41.15 ? 99  ARG A N   1 
ATOM   779 C CA  . ARG A 1 100 ? 9.298   -7.733  -15.920 1.00 43.56 ? 99  ARG A CA  1 
ATOM   780 C C   . ARG A 1 100 ? 10.419  -7.203  -16.813 1.00 45.17 ? 99  ARG A C   1 
ATOM   781 O O   . ARG A 1 100 ? 11.588  -7.513  -16.581 1.00 44.56 ? 99  ARG A O   1 
ATOM   782 C CB  . ARG A 1 100 ? 9.088   -9.225  -16.137 1.00 44.71 ? 99  ARG A CB  1 
ATOM   783 C CG  . ARG A 1 100 ? 10.162  -10.099 -15.506 1.00 46.29 ? 99  ARG A CG  1 
ATOM   784 C CD  . ARG A 1 100 ? 9.585   -11.423 -15.042 1.00 48.19 ? 99  ARG A CD  1 
ATOM   785 N NE  . ARG A 1 100 ? 8.708   -12.014 -16.055 1.00 50.77 ? 99  ARG A NE  1 
ATOM   786 C CZ  . ARG A 1 100 ? 7.892   -13.049 -15.856 1.00 52.56 ? 99  ARG A CZ  1 
ATOM   787 N NH1 . ARG A 1 100 ? 7.819   -13.648 -14.665 1.00 54.34 ? 99  ARG A NH1 1 
ATOM   788 N NH2 . ARG A 1 100 ? 7.139   -13.490 -16.865 1.00 51.49 ? 99  ARG A NH2 1 
ATOM   789 N N   . ARG A 1 101 ? 10.073  -6.380  -17.804 1.00 48.71 ? 100 ARG A N   1 
ATOM   790 C CA  . ARG A 1 101 ? 11.060  -5.622  -18.584 1.00 52.12 ? 100 ARG A CA  1 
ATOM   791 C C   . ARG A 1 101 ? 11.543  -4.437  -17.740 1.00 55.75 ? 100 ARG A C   1 
ATOM   792 O O   . ARG A 1 101 ? 11.356  -3.280  -18.114 1.00 56.08 ? 100 ARG A O   1 
ATOM   793 C CB  . ARG A 1 101 ? 10.443  -5.142  -19.908 1.00 51.53 ? 100 ARG A CB  1 
ATOM   794 C CG  . ARG A 1 101 ? 9.946   -6.277  -20.797 1.00 51.55 ? 100 ARG A CG  1 
ATOM   795 C CD  . ARG A 1 101 ? 9.023   -5.822  -21.917 1.00 51.43 ? 100 ARG A CD  1 
ATOM   796 N NE  . ARG A 1 101 ? 7.722   -5.356  -21.440 1.00 50.55 ? 100 ARG A NE  1 
ATOM   797 C CZ  . ARG A 1 101 ? 6.671   -5.086  -22.219 1.00 51.54 ? 100 ARG A CZ  1 
ATOM   798 N NH1 . ARG A 1 101 ? 6.727   -5.246  -23.546 1.00 51.74 ? 100 ARG A NH1 1 
ATOM   799 N NH2 . ARG A 1 101 ? 5.539   -4.656  -21.663 1.00 50.72 ? 100 ARG A NH2 1 
ATOM   800 N N   . ASN A 1 102 ? 12.169  -4.743  -16.597 1.00 61.27 ? 101 ASN A N   1 
ATOM   801 C CA  . ASN A 1 102 ? 12.423  -3.760  -15.532 1.00 62.69 ? 101 ASN A CA  1 
ATOM   802 C C   . ASN A 1 102 ? 13.257  -4.383  -14.405 1.00 63.82 ? 101 ASN A C   1 
ATOM   803 O O   . ASN A 1 102 ? 12.906  -5.435  -13.856 1.00 63.96 ? 101 ASN A O   1 
ATOM   804 C CB  . ASN A 1 102 ? 11.090  -3.227  -14.958 1.00 63.13 ? 101 ASN A CB  1 
ATOM   805 C CG  . ASN A 1 102 ? 11.141  -1.749  -14.594 1.00 64.87 ? 101 ASN A CG  1 
ATOM   806 O OD1 . ASN A 1 102 ? 11.810  -0.949  -15.255 1.00 64.91 ? 101 ASN A OD1 1 
ATOM   807 N ND2 . ASN A 1 102 ? 10.400  -1.372  -13.554 1.00 63.24 ? 101 ASN A ND2 1 
ATOM   808 N N   . VAL A 1 105 ? 14.370  -9.629  -9.945  1.00 47.13 ? 104 VAL A N   1 
ATOM   809 C CA  . VAL A 1 105 ? 14.081  -8.431  -10.733 1.00 48.31 ? 104 VAL A CA  1 
ATOM   810 C C   . VAL A 1 105 ? 13.209  -7.406  -9.978  1.00 45.94 ? 104 VAL A C   1 
ATOM   811 O O   . VAL A 1 105 ? 13.423  -6.200  -10.121 1.00 46.96 ? 104 VAL A O   1 
ATOM   812 C CB  . VAL A 1 105 ? 13.454  -8.777  -12.119 1.00 50.29 ? 104 VAL A CB  1 
ATOM   813 C CG1 . VAL A 1 105 ? 14.531  -9.184  -13.119 1.00 50.58 ? 104 VAL A CG1 1 
ATOM   814 C CG2 . VAL A 1 105 ? 12.401  -9.874  -12.002 1.00 50.77 ? 104 VAL A CG2 1 
ATOM   815 N N   . ALA A 1 106 ? 12.239  -7.883  -9.193  1.00 43.69 ? 105 ALA A N   1 
ATOM   816 C CA  . ALA A 1 106 ? 11.420  -7.028  -8.306  1.00 41.59 ? 105 ALA A CA  1 
ATOM   817 C C   . ALA A 1 106 ? 11.926  -7.186  -6.874  1.00 38.45 ? 105 ALA A C   1 
ATOM   818 O O   . ALA A 1 106 ? 11.241  -7.717  -5.999  1.00 36.38 ? 105 ALA A O   1 
ATOM   819 C CB  . ALA A 1 106 ? 9.946   -7.400  -8.407  1.00 41.21 ? 105 ALA A CB  1 
ATOM   820 N N   . GLU A 1 107 ? 13.145  -6.708  -6.661  1.00 37.04 ? 106 GLU A N   1 
ATOM   821 C CA  . GLU A 1 107 ? 13.925  -7.026  -5.469  1.00 35.94 ? 106 GLU A CA  1 
ATOM   822 C C   . GLU A 1 107 ? 13.370  -6.369  -4.209  1.00 33.28 ? 106 GLU A C   1 
ATOM   823 O O   . GLU A 1 107 ? 13.337  -6.989  -3.144  1.00 31.71 ? 106 GLU A O   1 
ATOM   824 C CB  . GLU A 1 107 ? 15.390  -6.621  -5.693  1.00 37.89 ? 106 GLU A CB  1 
ATOM   825 C CG  . GLU A 1 107 ? 16.363  -7.034  -4.598  1.00 40.48 ? 106 GLU A CG  1 
ATOM   826 C CD  . GLU A 1 107 ? 16.357  -8.531  -4.304  1.00 42.47 ? 106 GLU A CD  1 
ATOM   827 O OE1 . GLU A 1 107 ? 16.205  -8.919  -3.116  1.00 44.31 ? 106 GLU A OE1 1 
ATOM   828 O OE2 . GLU A 1 107 ? 16.506  -9.321  -5.260  1.00 42.56 ? 106 GLU A OE2 1 
ATOM   829 N N   . LEU A 1 108 ? 12.939  -5.116  -4.337  1.00 31.01 ? 107 LEU A N   1 
ATOM   830 C CA  . LEU A 1 108 ? 12.329  -4.390  -3.232  1.00 28.99 ? 107 LEU A CA  1 
ATOM   831 C C   . LEU A 1 108 ? 11.054  -5.083  -2.739  1.00 28.04 ? 107 LEU A C   1 
ATOM   832 O O   . LEU A 1 108 ? 10.855  -5.250  -1.534  1.00 27.56 ? 107 LEU A O   1 
ATOM   833 C CB  . LEU A 1 108 ? 12.015  -2.956  -3.657  1.00 28.90 ? 107 LEU A CB  1 
ATOM   834 C CG  . LEU A 1 108 ? 11.408  -2.070  -2.567  1.00 29.05 ? 107 LEU A CG  1 
ATOM   835 C CD1 . LEU A 1 108 ? 12.496  -1.572  -1.628  1.00 29.92 ? 107 LEU A CD1 1 
ATOM   836 C CD2 . LEU A 1 108 ? 10.627  -0.913  -3.163  1.00 28.91 ? 107 LEU A CD2 1 
ATOM   837 N N   . ALA A 1 109 ? 10.191  -5.474  -3.670  1.00 27.57 ? 108 ALA A N   1 
ATOM   838 C CA  . ALA A 1 109 ? 8.960   -6.175  -3.321  1.00 27.60 ? 108 ALA A CA  1 
ATOM   839 C C   . ALA A 1 109 ? 9.235   -7.466  -2.560  1.00 28.46 ? 108 ALA A C   1 
ATOM   840 O O   . ALA A 1 109 ? 8.553   -7.768  -1.581  1.00 27.76 ? 108 ALA A O   1 
ATOM   841 C CB  . ALA A 1 109 ? 8.148   -6.467  -4.563  1.00 28.15 ? 108 ALA A CB  1 
ATOM   842 N N   . GLU A 1 110 ? 10.236  -8.221  -3.002  1.00 30.09 ? 109 GLU A N   1 
ATOM   843 C CA  . GLU A 1 110 ? 10.668  -9.420  -2.270  1.00 32.24 ? 109 GLU A CA  1 
ATOM   844 C C   . GLU A 1 110 ? 11.158  -9.093  -0.863  1.00 31.26 ? 109 GLU A C   1 
ATOM   845 O O   . GLU A 1 110 ? 10.845  -9.812  0.083   1.00 30.78 ? 109 GLU A O   1 
ATOM   846 C CB  . GLU A 1 110 ? 11.723  -10.217 -3.062  1.00 34.58 ? 109 GLU A CB  1 
ATOM   847 C CG  . GLU A 1 110 ? 11.100  -11.304 -3.937  1.00 37.29 ? 109 GLU A CG  1 
ATOM   848 C CD  . GLU A 1 110 ? 11.809  -11.503 -5.264  1.00 41.24 ? 109 GLU A CD  1 
ATOM   849 O OE1 . GLU A 1 110 ? 11.102  -11.714 -6.281  1.00 44.28 ? 109 GLU A OE1 1 
ATOM   850 O OE2 . GLU A 1 110 ? 13.061  -11.451 -5.296  1.00 42.47 ? 109 GLU A OE2 1 
ATOM   851 N N   . GLU A 1 111 ? 11.904  -8.001  -0.730  1.00 30.96 ? 110 GLU A N   1 
ATOM   852 C CA  . GLU A 1 111 ? 12.338  -7.531  0.586   1.00 31.27 ? 110 GLU A CA  1 
ATOM   853 C C   . GLU A 1 111 ? 11.152  -7.149  1.476   1.00 31.01 ? 110 GLU A C   1 
ATOM   854 O O   . GLU A 1 111 ? 11.160  -7.459  2.669   1.00 30.53 ? 110 GLU A O   1 
ATOM   855 C CB  . GLU A 1 111 ? 13.359  -6.396  0.459   1.00 31.37 ? 110 GLU A CB  1 
ATOM   856 C CG  . GLU A 1 111 ? 14.699  -6.884  -0.086  1.00 32.15 ? 110 GLU A CG  1 
ATOM   857 C CD  . GLU A 1 111 ? 15.643  -5.770  -0.510  1.00 33.16 ? 110 GLU A CD  1 
ATOM   858 O OE1 . GLU A 1 111 ? 15.210  -4.607  -0.627  1.00 34.95 ? 110 GLU A OE1 1 
ATOM   859 O OE2 . GLU A 1 111 ? 16.837  -6.058  -0.738  1.00 34.13 ? 110 GLU A OE2 1 
ATOM   860 N N   . PHE A 1 112 ? 10.131  -6.513  0.893   1.00 31.08 ? 111 PHE A N   1 
ATOM   861 C CA  . PHE A 1 112 ? 8.875   -6.254  1.613   1.00 31.03 ? 111 PHE A CA  1 
ATOM   862 C C   . PHE A 1 112 ? 8.112   -7.535  1.953   1.00 30.41 ? 111 PHE A C   1 
ATOM   863 O O   . PHE A 1 112 ? 7.600   -7.670  3.058   1.00 30.99 ? 111 PHE A O   1 
ATOM   864 C CB  . PHE A 1 112 ? 7.935   -5.354  0.805   1.00 32.05 ? 111 PHE A CB  1 
ATOM   865 C CG  . PHE A 1 112 ? 8.412   -3.934  0.619   1.00 32.71 ? 111 PHE A CG  1 
ATOM   866 C CD1 . PHE A 1 112 ? 9.107   -3.248  1.611   1.00 33.49 ? 111 PHE A CD1 1 
ATOM   867 C CD2 . PHE A 1 112 ? 8.092   -3.254  -0.552  1.00 33.49 ? 111 PHE A CD2 1 
ATOM   868 C CE1 . PHE A 1 112 ? 9.509   -1.934  1.410   1.00 34.71 ? 111 PHE A CE1 1 
ATOM   869 C CE2 . PHE A 1 112 ? 8.485   -1.944  -0.751  1.00 33.91 ? 111 PHE A CE2 1 
ATOM   870 C CZ  . PHE A 1 112 ? 9.199   -1.283  0.231   1.00 34.95 ? 111 PHE A CZ  1 
ATOM   871 N N   . ARG A 1 113 ? 8.025   -8.460  0.996   1.00 30.60 ? 112 ARG A N   1 
ATOM   872 C CA  . ARG A 1 113 ? 7.373   -9.766  1.200   1.00 30.83 ? 112 ARG A CA  1 
ATOM   873 C C   . ARG A 1 113 ? 7.962   -10.537 2.381   1.00 31.76 ? 112 ARG A C   1 
ATOM   874 O O   . ARG A 1 113 ? 7.217   -11.091 3.193   1.00 31.42 ? 112 ARG A O   1 
ATOM   875 C CB  . ARG A 1 113 ? 7.473   -10.608 -0.075  1.00 30.97 ? 112 ARG A CB  1 
ATOM   876 C CG  . ARG A 1 113 ? 6.809   -11.978 -0.005  1.00 30.79 ? 112 ARG A CG  1 
ATOM   877 C CD  . ARG A 1 113 ? 6.637   -12.561 -1.396  1.00 30.82 ? 112 ARG A CD  1 
ATOM   878 N NE  . ARG A 1 113 ? 5.933   -13.840 -1.372  1.00 31.19 ? 112 ARG A NE  1 
ATOM   879 C CZ  . ARG A 1 113 ? 6.485   -15.052 -1.477  1.00 31.66 ? 112 ARG A CZ  1 
ATOM   880 N NH1 . ARG A 1 113 ? 7.799   -15.216 -1.633  1.00 31.76 ? 112 ARG A NH1 1 
ATOM   881 N NH2 . ARG A 1 113 ? 5.699   -16.128 -1.437  1.00 31.62 ? 112 ARG A NH2 1 
ATOM   882 N N   . GLU A 1 114 ? 9.294   -10.540 2.478   1.00 32.89 ? 113 GLU A N   1 
ATOM   883 C CA  . GLU A 1 114 ? 10.015  -11.154 3.608   1.00 34.19 ? 113 GLU A CA  1 
ATOM   884 C C   . GLU A 1 114 ? 9.619   -10.606 4.991   1.00 33.16 ? 113 GLU A C   1 
ATOM   885 O O   . GLU A 1 114 ? 9.772   -11.307 5.984   1.00 34.88 ? 113 GLU A O   1 
ATOM   886 C CB  . GLU A 1 114 ? 11.541  -11.044 3.404   1.00 35.93 ? 113 GLU A CB  1 
ATOM   887 C CG  . GLU A 1 114 ? 12.074  -11.962 2.296   1.00 38.03 ? 113 GLU A CG  1 
ATOM   888 C CD  . GLU A 1 114 ? 13.467  -11.594 1.783   1.00 40.09 ? 113 GLU A CD  1 
ATOM   889 O OE1 . GLU A 1 114 ? 13.726  -10.411 1.492   1.00 39.91 ? 113 GLU A OE1 1 
ATOM   890 O OE2 . GLU A 1 114 ? 14.314  -12.502 1.638   1.00 42.90 ? 113 GLU A OE2 1 
ATOM   891 N N   . ASP A 1 115 ? 9.110   -9.377  5.056   1.00 32.11 ? 114 ASP A N   1 
ATOM   892 C CA  . ASP A 1 115 ? 8.676   -8.768  6.324   1.00 31.90 ? 114 ASP A CA  1 
ATOM   893 C C   . ASP A 1 115 ? 7.186   -8.934  6.652   1.00 30.95 ? 114 ASP A C   1 
ATOM   894 O O   . ASP A 1 115 ? 6.734   -8.405  7.667   1.00 30.75 ? 114 ASP A O   1 
ATOM   895 C CB  . ASP A 1 115 ? 9.017   -7.268  6.334   1.00 32.19 ? 114 ASP A CB  1 
ATOM   896 C CG  . ASP A 1 115 ? 10.471  -6.988  5.984   1.00 32.54 ? 114 ASP A CG  1 
ATOM   897 O OD1 . ASP A 1 115 ? 11.343  -7.864  6.184   1.00 32.19 ? 114 ASP A OD1 1 
ATOM   898 O OD2 . ASP A 1 115 ? 10.739  -5.877  5.490   1.00 32.95 ? 114 ASP A OD2 1 
ATOM   899 N N   . CYS A 1 116 ? 6.431   -9.663  5.823   1.00 30.65 ? 115 CYS A N   1 
ATOM   900 C CA  . CYS A 1 116 ? 4.977   -9.815  5.996   1.00 29.63 ? 115 CYS A CA  1 
ATOM   901 C C   . CYS A 1 116 ? 4.569   -11.283 6.128   1.00 28.81 ? 115 CYS A C   1 
ATOM   902 O O   . CYS A 1 116 ? 5.082   -12.130 5.404   1.00 28.91 ? 115 CYS A O   1 
ATOM   903 C CB  . CYS A 1 116 ? 4.246   -9.206  4.796   1.00 29.76 ? 115 CYS A CB  1 
ATOM   904 S SG  . CYS A 1 116 ? 4.603   -7.457  4.483   1.00 29.83 ? 115 CYS A SG  1 
ATOM   905 N N   . SER A 1 117 ? 3.638   -11.571 7.036   1.00 27.71 ? 116 SER A N   1 
ATOM   906 C CA  . SER A 1 117 ? 3.111   -12.927 7.234   1.00 27.60 ? 116 SER A CA  1 
ATOM   907 C C   . SER A 1 117 ? 1.834   -13.184 6.422   1.00 26.78 ? 116 SER A C   1 
ATOM   908 O O   . SER A 1 117 ? 1.541   -14.330 6.074   1.00 26.36 ? 116 SER A O   1 
ATOM   909 C CB  . SER A 1 117 ? 2.852   -13.202 8.724   1.00 27.56 ? 116 SER A CB  1 
ATOM   910 O OG  . SER A 1 117 ? 1.812   -12.382 9.232   1.00 28.08 ? 116 SER A OG  1 
ATOM   911 N N   . PHE A 1 118 ? 1.076   -12.122 6.146   1.00 25.88 ? 117 PHE A N   1 
ATOM   912 C CA  . PHE A 1 118 ? -0.120  -12.204 5.298   1.00 25.47 ? 117 PHE A CA  1 
ATOM   913 C C   . PHE A 1 118 ? 0.226   -12.471 3.819   1.00 24.69 ? 117 PHE A C   1 
ATOM   914 O O   . PHE A 1 118 ? 1.357   -12.215 3.398   1.00 24.77 ? 117 PHE A O   1 
ATOM   915 C CB  . PHE A 1 118 ? -0.980  -10.931 5.429   1.00 26.03 ? 117 PHE A CB  1 
ATOM   916 C CG  . PHE A 1 118 ? -0.274  -9.654  5.030   1.00 26.66 ? 117 PHE A CG  1 
ATOM   917 C CD1 . PHE A 1 118 ? -0.173  -9.279  3.686   1.00 26.85 ? 117 PHE A CD1 1 
ATOM   918 C CD2 . PHE A 1 118 ? 0.261   -8.806  5.999   1.00 26.47 ? 117 PHE A CD2 1 
ATOM   919 C CE1 . PHE A 1 118 ? 0.474   -8.108  3.320   1.00 26.49 ? 117 PHE A CE1 1 
ATOM   920 C CE2 . PHE A 1 118 ? 0.906   -7.635  5.638   1.00 26.65 ? 117 PHE A CE2 1 
ATOM   921 C CZ  . PHE A 1 118 ? 1.010   -7.284  4.297   1.00 26.71 ? 117 PHE A CZ  1 
ATOM   922 N N   . PRO A 1 119 ? -0.747  -12.977 3.025   1.00 24.15 ? 118 PRO A N   1 
ATOM   923 C CA  . PRO A 1 119 ? -0.546  -13.262 1.590   1.00 23.94 ? 118 PRO A CA  1 
ATOM   924 C C   . PRO A 1 119 ? -0.090  -12.074 0.729   1.00 23.46 ? 118 PRO A C   1 
ATOM   925 O O   . PRO A 1 119 ? -0.777  -11.052 0.658   1.00 23.21 ? 118 PRO A O   1 
ATOM   926 C CB  . PRO A 1 119 ? -1.927  -13.740 1.127   1.00 23.87 ? 118 PRO A CB  1 
ATOM   927 C CG  . PRO A 1 119 ? -2.550  -14.310 2.341   1.00 23.75 ? 118 PRO A CG  1 
ATOM   928 C CD  . PRO A 1 119 ? -2.037  -13.520 3.502   1.00 24.08 ? 118 PRO A CD  1 
ATOM   929 N N   . PHE A 1 120 ? 1.046   -12.259 0.059   1.00 23.20 ? 119 PHE A N   1 
ATOM   930 C CA  . PHE A 1 120 ? 1.758   -11.196 -0.654  1.00 23.67 ? 119 PHE A CA  1 
ATOM   931 C C   . PHE A 1 120 ? 2.207   -11.763 -2.011  1.00 23.59 ? 119 PHE A C   1 
ATOM   932 O O   . PHE A 1 120 ? 3.147   -12.548 -2.074  1.00 23.52 ? 119 PHE A O   1 
ATOM   933 C CB  . PHE A 1 120 ? 2.960   -10.774 0.212   1.00 23.40 ? 119 PHE A CB  1 
ATOM   934 C CG  . PHE A 1 120 ? 3.634   -9.480  -0.203  1.00 22.64 ? 119 PHE A CG  1 
ATOM   935 C CD1 . PHE A 1 120 ? 4.238   -9.335  -1.455  1.00 22.59 ? 119 PHE A CD1 1 
ATOM   936 C CD2 . PHE A 1 120 ? 3.745   -8.430  0.705   1.00 21.83 ? 119 PHE A CD2 1 
ATOM   937 C CE1 . PHE A 1 120 ? 4.886   -8.155  -1.802  1.00 22.29 ? 119 PHE A CE1 1 
ATOM   938 C CE2 . PHE A 1 120 ? 4.390   -7.255  0.362   1.00 21.75 ? 119 PHE A CE2 1 
ATOM   939 C CZ  . PHE A 1 120 ? 4.963   -7.115  -0.891  1.00 21.82 ? 119 PHE A CZ  1 
ATOM   940 N N   . ALA A 1 121 ? 1.529   -11.370 -3.086  1.00 24.03 ? 120 ALA A N   1 
ATOM   941 C CA  . ALA A 1 121 ? 1.793   -11.905 -4.421  1.00 24.28 ? 120 ALA A CA  1 
ATOM   942 C C   . ALA A 1 121 ? 2.569   -10.884 -5.236  1.00 25.05 ? 120 ALA A C   1 
ATOM   943 O O   . ALA A 1 121 ? 2.179   -9.728  -5.285  1.00 24.40 ? 120 ALA A O   1 
ATOM   944 C CB  . ALA A 1 121 ? 0.484   -12.255 -5.118  1.00 24.32 ? 120 ALA A CB  1 
ATOM   945 N N   . ILE A 1 122 ? 3.669   -11.315 -5.853  1.00 26.93 ? 121 ILE A N   1 
ATOM   946 C CA  . ILE A 1 122 ? 4.439   -10.492 -6.794  1.00 28.83 ? 121 ILE A CA  1 
ATOM   947 C C   . ILE A 1 122 ? 4.151   -11.015 -8.206  1.00 30.01 ? 121 ILE A C   1 
ATOM   948 O O   . ILE A 1 122 ? 4.584   -12.113 -8.553  1.00 29.24 ? 121 ILE A O   1 
ATOM   949 C CB  . ILE A 1 122 ? 5.951   -10.521 -6.455  1.00 29.24 ? 121 ILE A CB  1 
ATOM   950 C CG1 . ILE A 1 122 ? 6.200   -9.778  -5.129  1.00 29.63 ? 121 ILE A CG1 1 
ATOM   951 C CG2 . ILE A 1 122 ? 6.786   -9.897  -7.573  1.00 28.87 ? 121 ILE A CG2 1 
ATOM   952 C CD1 . ILE A 1 122 ? 7.470   -10.179 -4.413  1.00 29.81 ? 121 ILE A CD1 1 
ATOM   953 N N   . GLN A 1 123 ? 3.422   -10.217 -8.996  1.00 32.16 ? 122 GLN A N   1 
ATOM   954 C CA  . GLN A 1 123 ? 2.826   -10.647 -10.274 1.00 33.31 ? 122 GLN A CA  1 
ATOM   955 C C   . GLN A 1 123 ? 3.407   -9.904  -11.483 1.00 33.54 ? 122 GLN A C   1 
ATOM   956 O O   . GLN A 1 123 ? 3.377   -8.670  -11.531 1.00 32.06 ? 122 GLN A O   1 
ATOM   957 C CB  . GLN A 1 123 ? 1.311   -10.428 -10.238 1.00 34.77 ? 122 GLN A CB  1 
ATOM   958 C CG  . GLN A 1 123 ? 0.632   -11.003 -9.001  1.00 36.36 ? 122 GLN A CG  1 
ATOM   959 C CD  . GLN A 1 123 ? -0.872  -11.181 -9.177  1.00 37.63 ? 122 GLN A CD  1 
ATOM   960 O OE1 . GLN A 1 123 ? -1.588  -10.241 -9.535  1.00 38.26 ? 122 GLN A OE1 1 
ATOM   961 N NE2 . GLN A 1 123 ? -1.357  -12.392 -8.928  1.00 38.45 ? 122 GLN A NE2 1 
ATOM   962 N N   . ALA A 1 124 ? 3.886   -10.664 -12.470 1.00 34.48 ? 123 ALA A N   1 
ATOM   963 C CA  . ALA A 1 124 ? 4.642   -10.116 -13.609 1.00 34.81 ? 123 ALA A CA  1 
ATOM   964 C C   . ALA A 1 124 ? 3.758   -9.688  -14.783 1.00 34.05 ? 123 ALA A C   1 
ATOM   965 O O   . ALA A 1 124 ? 2.626   -10.148 -14.922 1.00 34.88 ? 123 ALA A O   1 
ATOM   966 C CB  . ALA A 1 124 ? 5.674   -11.129 -14.076 1.00 35.57 ? 123 ALA A CB  1 
HETATM 967 O O   . HOH B 2 .   ? 13.232  -5.105  5.650   1.00 21.79 ? 201 HOH A O   1 
HETATM 968 O O   . HOH B 2 .   ? -0.328  11.916  -5.978  1.00 14.24 ? 202 HOH A O   1 
HETATM 969 O O   . HOH B 2 .   ? -1.263  13.160  4.609   1.00 20.56 ? 203 HOH A O   1 
HETATM 970 O O   . HOH B 2 .   ? -6.570  8.513   -7.612  1.00 25.55 ? 204 HOH A O   1 
HETATM 971 O O   . HOH B 2 .   ? -7.004  -2.104  -8.176  1.00 24.88 ? 205 HOH A O   1 
HETATM 972 O O   . HOH B 2 .   ? -6.621  1.137   13.439  1.00 31.12 ? 206 HOH A O   1 
HETATM 973 O O   . HOH B 2 .   ? 13.302  10.347  0.148   1.00 24.64 ? 207 HOH A O   1 
HETATM 974 O O   . HOH B 2 .   ? 3.328   8.805   -10.539 1.00 39.26 ? 208 HOH A O   1 
HETATM 975 O O   . HOH B 2 .   ? 0.152   13.857  6.897   1.00 22.34 ? 209 HOH A O   1 
HETATM 976 O O   . HOH B 2 .   ? -0.865  19.706  3.128   1.00 35.30 ? 210 HOH A O   1 
HETATM 977 O O   . HOH B 2 .   ? -4.247  -11.720 -9.923  1.00 28.70 ? 211 HOH A O   1 
# 
loop_
_pdbx_poly_seq_scheme.asym_id 
_pdbx_poly_seq_scheme.entity_id 
_pdbx_poly_seq_scheme.seq_id 
_pdbx_poly_seq_scheme.mon_id 
_pdbx_poly_seq_scheme.ndb_seq_num 
_pdbx_poly_seq_scheme.pdb_seq_num 
_pdbx_poly_seq_scheme.auth_seq_num 
_pdbx_poly_seq_scheme.pdb_mon_id 
_pdbx_poly_seq_scheme.auth_mon_id 
_pdbx_poly_seq_scheme.pdb_strand_id 
_pdbx_poly_seq_scheme.pdb_ins_code 
_pdbx_poly_seq_scheme.hetero 
A 1 1   SER 1   0   ?   ?   ?   A . n 
A 1 2   MET 2   1   1   MET MET A . n 
A 1 3   SER 3   2   2   SER SER A . n 
A 1 4   ASP 4   3   3   ASP ASP A . n 
A 1 5   LEU 5   4   4   LEU LEU A . n 
A 1 6   HIS 6   5   5   HIS HIS A . n 
A 1 7   ILE 7   6   6   ILE ILE A . n 
A 1 8   PRO 8   7   7   PRO PRO A . n 
A 1 9   GLY 9   8   8   GLY GLY A . n 
A 1 10  THR 10  9   9   THR THR A . n 
A 1 11  GLN 11  10  10  GLN GLN A . n 
A 1 12  SER 12  11  11  SER SER A . n 
A 1 13  THR 13  12  12  THR THR A . n 
A 1 14  PRO 14  13  13  PRO PRO A . n 
A 1 15  ALA 15  14  14  ALA ALA A . n 
A 1 16  ILE 16  15  15  ILE ILE A . n 
A 1 17  GLN 17  16  16  GLN GLN A . n 
A 1 18  GLY 18  17  17  GLY GLY A . n 
A 1 19  ASP 19  18  18  ASP ASP A . n 
A 1 20  TRP 20  19  19  TRP TRP A . n 
A 1 21  GLN 21  20  20  GLN GLN A . n 
A 1 22  ALA 22  21  21  ALA ALA A . n 
A 1 23  GLY 23  22  22  GLY GLY A . n 
A 1 24  ARG 24  23  23  ARG ARG A . n 
A 1 25  LEU 25  24  24  LEU LEU A . n 
A 1 26  SER 26  25  25  SER SER A . n 
A 1 27  MET 27  26  26  MET MET A . n 
A 1 28  GLN 28  27  27  GLN GLN A . n 
A 1 29  GLY 29  28  28  GLY GLY A . n 
A 1 30  ASP 30  29  29  ASP ASP A . n 
A 1 31  SER 31  30  30  SER SER A . n 
A 1 32  TYR 32  31  31  TYR TYR A . n 
A 1 33  PRO 33  32  32  PRO PRO A . n 
A 1 34  GLU 34  33  33  GLU GLU A . n 
A 1 35  ASN 35  34  34  ASN ASN A . n 
A 1 36  SER 36  35  35  SER SER A . n 
A 1 37  TYR 37  36  36  TYR TYR A . n 
A 1 38  GLU 38  37  37  GLU GLU A . n 
A 1 39  LEU 39  38  38  LEU LEU A . n 
A 1 40  PHE 40  39  39  PHE PHE A . n 
A 1 41  GLY 41  40  40  GLY GLY A . n 
A 1 42  GLN 42  41  41  GLN GLN A . n 
A 1 43  VAL 43  42  42  VAL VAL A . n 
A 1 44  ILE 44  43  43  ILE ILE A . n 
A 1 45  ASP 45  44  44  ASP ASP A . n 
A 1 46  TRP 46  45  45  TRP TRP A . n 
A 1 47  VAL 47  46  46  VAL VAL A . n 
A 1 48  GLU 48  47  47  GLU GLU A . n 
A 1 49  ARG 49  48  48  ARG ARG A . n 
A 1 50  PHE 50  49  49  PHE PHE A . n 
A 1 51  LEU 51  50  50  LEU LEU A . n 
A 1 52  ALA 52  51  51  ALA ALA A . n 
A 1 53  ASP 53  52  52  ASP ASP A . n 
A 1 54  GLY 54  53  53  GLY GLY A . n 
A 1 55  GLN 55  54  54  GLN GLN A . n 
A 1 56  ARG 56  55  55  ARG ARG A . n 
A 1 57  PRO 57  56  56  PRO PRO A . n 
A 1 58  LEU 58  57  57  LEU LEU A . n 
A 1 59  GLU 59  58  58  GLU GLU A . n 
A 1 60  LEU 60  59  59  LEU LEU A . n 
A 1 61  ASP 61  60  60  ASP ASP A . n 
A 1 62  LEU 62  61  61  LEU LEU A . n 
A 1 63  ARG 63  62  62  ARG ARG A . n 
A 1 64  LEU 64  63  63  LEU LEU A . n 
A 1 65  LEU 65  64  64  LEU LEU A . n 
A 1 66  TYR 66  65  65  TYR TYR A . n 
A 1 67  LEU 67  66  66  LEU LEU A . n 
A 1 68  ASN 68  67  67  ASN ASN A . n 
A 1 69  THR 69  68  68  THR THR A . n 
A 1 70  SER 70  69  69  SER SER A . n 
A 1 71  SER 71  70  70  SER SER A . n 
A 1 72  ILE 72  71  71  ILE ILE A . n 
A 1 73  LYS 73  72  72  LYS LYS A . n 
A 1 74  ALA 74  73  73  ALA ALA A . n 
A 1 75  MET 75  74  74  MET MET A . n 
A 1 76  MET 76  75  75  MET MET A . n 
A 1 77  ASP 77  76  76  ASP ASP A . n 
A 1 78  ILE 78  77  77  ILE ILE A . n 
A 1 79  LEU 79  78  78  LEU LEU A . n 
A 1 80  ASP 80  79  79  ASP ASP A . n 
A 1 81  LEU 81  80  80  LEU LEU A . n 
A 1 82  LEU 82  81  81  LEU LEU A . n 
A 1 83  GLU 83  82  82  GLU GLU A . n 
A 1 84  GLU 84  83  83  GLU GLU A . n 
A 1 85  ALA 85  84  84  ALA ALA A . n 
A 1 86  HIS 86  85  85  HIS HIS A . n 
A 1 87  GLN 87  86  86  GLN GLN A . n 
A 1 88  GLY 88  87  87  GLY GLY A . n 
A 1 89  GLY 89  88  88  GLY GLY A . n 
A 1 90  ARG 90  89  89  ARG ARG A . n 
A 1 91  PRO 91  90  90  PRO PRO A . n 
A 1 92  VAL 92  91  91  VAL VAL A . n 
A 1 93  SER 93  92  92  SER SER A . n 
A 1 94  LEU 94  93  93  LEU LEU A . n 
A 1 95  ARG 95  94  94  ARG ARG A . n 
A 1 96  TRP 96  95  95  TRP TRP A . n 
A 1 97  HIS 97  96  96  HIS HIS A . n 
A 1 98  TYR 98  97  97  TYR TYR A . n 
A 1 99  ASP 99  98  98  ASP ASP A . n 
A 1 100 ARG 100 99  99  ARG ARG A . n 
A 1 101 ARG 101 100 100 ARG ARG A . n 
A 1 102 ASN 102 101 101 ASN ASN A . n 
A 1 103 GLU 103 102 ?   ?   ?   A . n 
A 1 104 ARG 104 103 ?   ?   ?   A . n 
A 1 105 VAL 105 104 104 VAL VAL A . n 
A 1 106 ALA 106 105 105 ALA ALA A . n 
A 1 107 GLU 107 106 106 GLU GLU A . n 
A 1 108 LEU 108 107 107 LEU LEU A . n 
A 1 109 ALA 109 108 108 ALA ALA A . n 
A 1 110 GLU 110 109 109 GLU GLU A . n 
A 1 111 GLU 111 110 110 GLU GLU A . n 
A 1 112 PHE 112 111 111 PHE PHE A . n 
A 1 113 ARG 113 112 112 ARG ARG A . n 
A 1 114 GLU 114 113 113 GLU GLU A . n 
A 1 115 ASP 115 114 114 ASP ASP A . n 
A 1 116 CYS 116 115 115 CYS CYS A . n 
A 1 117 SER 117 116 116 SER SER A . n 
A 1 118 PHE 118 117 117 PHE PHE A . n 
A 1 119 PRO 119 118 118 PRO PRO A . n 
A 1 120 PHE 120 119 119 PHE PHE A . n 
A 1 121 ALA 121 120 120 ALA ALA A . n 
A 1 122 ILE 122 121 121 ILE ILE A . n 
A 1 123 GLN 123 122 122 GLN GLN A . n 
A 1 124 ALA 124 123 123 ALA ALA A . n 
A 1 125 HIS 125 124 ?   ?   ?   A . n 
A 1 126 ASP 126 125 ?   ?   ?   A . n 
A 1 127 GLU 127 126 ?   ?   ?   A . n 
# 
loop_
_pdbx_nonpoly_scheme.asym_id 
_pdbx_nonpoly_scheme.entity_id 
_pdbx_nonpoly_scheme.mon_id 
_pdbx_nonpoly_scheme.ndb_seq_num 
_pdbx_nonpoly_scheme.pdb_seq_num 
_pdbx_nonpoly_scheme.auth_seq_num 
_pdbx_nonpoly_scheme.pdb_mon_id 
_pdbx_nonpoly_scheme.auth_mon_id 
_pdbx_nonpoly_scheme.pdb_strand_id 
_pdbx_nonpoly_scheme.pdb_ins_code 
B 2 HOH 1  201 10 HOH HOH A . 
B 2 HOH 2  202 1  HOH HOH A . 
B 2 HOH 3  203 3  HOH HOH A . 
B 2 HOH 4  204 2  HOH HOH A . 
B 2 HOH 5  205 6  HOH HOH A . 
B 2 HOH 6  206 7  HOH HOH A . 
B 2 HOH 7  207 8  HOH HOH A . 
B 2 HOH 8  208 9  HOH HOH A . 
B 2 HOH 9  209 11 HOH HOH A . 
B 2 HOH 10 210 5  HOH HOH A . 
B 2 HOH 11 211 4  HOH HOH A . 
# 
_pdbx_struct_assembly.id                   1 
_pdbx_struct_assembly.details              author_defined_assembly 
_pdbx_struct_assembly.method_details       ? 
_pdbx_struct_assembly.oligomeric_details   monomeric 
_pdbx_struct_assembly.oligomeric_count     1 
# 
_pdbx_struct_assembly_gen.assembly_id       1 
_pdbx_struct_assembly_gen.oper_expression   1 
_pdbx_struct_assembly_gen.asym_id_list      A,B 
# 
loop_
_pdbx_struct_assembly_prop.biol_id 
_pdbx_struct_assembly_prop.type 
_pdbx_struct_assembly_prop.value 
_pdbx_struct_assembly_prop.details 
1 'ABSA (A^2)' 0    ? 
1 MORE         0    ? 
1 'SSA (A^2)'  6520 ? 
# 
_pdbx_struct_oper_list.id                   1 
_pdbx_struct_oper_list.type                 'identity operation' 
_pdbx_struct_oper_list.name                 1_555 
_pdbx_struct_oper_list.symmetry_operation   x,y,z 
_pdbx_struct_oper_list.matrix[1][1]         1.0000000000 
_pdbx_struct_oper_list.matrix[1][2]         0.0000000000 
_pdbx_struct_oper_list.matrix[1][3]         0.0000000000 
_pdbx_struct_oper_list.vector[1]            0.0000000000 
_pdbx_struct_oper_list.matrix[2][1]         0.0000000000 
_pdbx_struct_oper_list.matrix[2][2]         1.0000000000 
_pdbx_struct_oper_list.matrix[2][3]         0.0000000000 
_pdbx_struct_oper_list.vector[2]            0.0000000000 
_pdbx_struct_oper_list.matrix[3][1]         0.0000000000 
_pdbx_struct_oper_list.matrix[3][2]         0.0000000000 
_pdbx_struct_oper_list.matrix[3][3]         1.0000000000 
_pdbx_struct_oper_list.vector[3]            0.0000000000 
# 
loop_
_pdbx_audit_revision_history.ordinal 
_pdbx_audit_revision_history.data_content_type 
_pdbx_audit_revision_history.major_revision 
_pdbx_audit_revision_history.minor_revision 
_pdbx_audit_revision_history.revision_date 
1 'Structure model' 1 0 2020-06-10 
2 'Structure model' 1 1 2023-11-22 
# 
_pdbx_audit_revision_details.ordinal             1 
_pdbx_audit_revision_details.revision_ordinal    1 
_pdbx_audit_revision_details.data_content_type   'Structure model' 
_pdbx_audit_revision_details.provider            repository 
_pdbx_audit_revision_details.type                'Initial release' 
_pdbx_audit_revision_details.description         ? 
_pdbx_audit_revision_details.details             ? 
# 
loop_
_pdbx_audit_revision_group.ordinal 
_pdbx_audit_revision_group.revision_ordinal 
_pdbx_audit_revision_group.data_content_type 
_pdbx_audit_revision_group.group 
1 2 'Structure model' 'Data collection'        
2 2 'Structure model' 'Database references'    
3 2 'Structure model' 'Refinement description' 
# 
loop_
_pdbx_audit_revision_category.ordinal 
_pdbx_audit_revision_category.revision_ordinal 
_pdbx_audit_revision_category.data_content_type 
_pdbx_audit_revision_category.category 
1 2 'Structure model' chem_comp_atom                
2 2 'Structure model' chem_comp_bond                
3 2 'Structure model' database_2                    
4 2 'Structure model' pdbx_initial_refinement_model 
# 
loop_
_pdbx_audit_revision_item.ordinal 
_pdbx_audit_revision_item.revision_ordinal 
_pdbx_audit_revision_item.data_content_type 
_pdbx_audit_revision_item.item 
1 2 'Structure model' '_database_2.pdbx_DOI'                
2 2 'Structure model' '_database_2.pdbx_database_accession' 
# 
loop_
_software.citation_id 
_software.classification 
_software.compiler_name 
_software.compiler_version 
_software.contact_author 
_software.contact_author_email 
_software.date 
_software.description 
_software.dependencies 
_software.hardware 
_software.language 
_software.location 
_software.mods 
_software.name 
_software.os 
_software.os_version 
_software.type 
_software.version 
_software.pdbx_ordinal 
? refinement        ? ? ? ? ? ? ? ? ? ? ? REFMAC      ? ? ? 5.8.0135 1 
? 'data extraction' ? ? ? ? ? ? ? ? ? ? ? PDB_EXTRACT ? ? ? 3.25     2 
? 'data reduction'  ? ? ? ? ? ? ? ? ? ? ? HKL-2000    ? ? ? .        3 
? 'data scaling'    ? ? ? ? ? ? ? ? ? ? ? HKL-2000    ? ? ? .        4 
? phasing           ? ? ? ? ? ? ? ? ? ? ? PHASER      ? ? ? .        5 
# 
loop_
_pdbx_validate_torsion.id 
_pdbx_validate_torsion.PDB_model_num 
_pdbx_validate_torsion.auth_comp_id 
_pdbx_validate_torsion.auth_asym_id 
_pdbx_validate_torsion.auth_seq_id 
_pdbx_validate_torsion.PDB_ins_code 
_pdbx_validate_torsion.label_alt_id 
_pdbx_validate_torsion.phi 
_pdbx_validate_torsion.psi 
1 1 LEU A 64  ? ? -105.13 -75.52 
2 1 ALA A 105 ? ? -102.64 66.95  
# 
loop_
_pdbx_unobs_or_zero_occ_atoms.id 
_pdbx_unobs_or_zero_occ_atoms.PDB_model_num 
_pdbx_unobs_or_zero_occ_atoms.polymer_flag 
_pdbx_unobs_or_zero_occ_atoms.occupancy_flag 
_pdbx_unobs_or_zero_occ_atoms.auth_asym_id 
_pdbx_unobs_or_zero_occ_atoms.auth_comp_id 
_pdbx_unobs_or_zero_occ_atoms.auth_seq_id 
_pdbx_unobs_or_zero_occ_atoms.PDB_ins_code 
_pdbx_unobs_or_zero_occ_atoms.auth_atom_id 
_pdbx_unobs_or_zero_occ_atoms.label_alt_id 
_pdbx_unobs_or_zero_occ_atoms.label_asym_id 
_pdbx_unobs_or_zero_occ_atoms.label_comp_id 
_pdbx_unobs_or_zero_occ_atoms.label_seq_id 
_pdbx_unobs_or_zero_occ_atoms.label_atom_id 
1  1 Y 1 A MET 1  ? CG  ? A MET 2  CG  
2  1 Y 1 A MET 1  ? SD  ? A MET 2  SD  
3  1 Y 1 A MET 1  ? CE  ? A MET 2  CE  
4  1 Y 1 A GLN 20 ? CG  ? A GLN 21 CG  
5  1 Y 1 A GLN 20 ? CD  ? A GLN 21 CD  
6  1 Y 1 A GLN 20 ? OE1 ? A GLN 21 OE1 
7  1 Y 1 A GLN 20 ? NE2 ? A GLN 21 NE2 
8  1 Y 1 A GLU 33 ? CG  ? A GLU 34 CG  
9  1 Y 1 A GLU 33 ? CD  ? A GLU 34 CD  
10 1 Y 1 A GLU 33 ? OE1 ? A GLU 34 OE1 
11 1 Y 1 A GLU 33 ? OE2 ? A GLU 34 OE2 
# 
loop_
_pdbx_unobs_or_zero_occ_residues.id 
_pdbx_unobs_or_zero_occ_residues.PDB_model_num 
_pdbx_unobs_or_zero_occ_residues.polymer_flag 
_pdbx_unobs_or_zero_occ_residues.occupancy_flag 
_pdbx_unobs_or_zero_occ_residues.auth_asym_id 
_pdbx_unobs_or_zero_occ_residues.auth_comp_id 
_pdbx_unobs_or_zero_occ_residues.auth_seq_id 
_pdbx_unobs_or_zero_occ_residues.PDB_ins_code 
_pdbx_unobs_or_zero_occ_residues.label_asym_id 
_pdbx_unobs_or_zero_occ_residues.label_comp_id 
_pdbx_unobs_or_zero_occ_residues.label_seq_id 
1 1 Y 1 A SER 0   ? A SER 1   
2 1 Y 1 A GLU 102 ? A GLU 103 
3 1 Y 1 A ARG 103 ? A ARG 104 
4 1 Y 1 A HIS 124 ? A HIS 125 
5 1 Y 1 A ASP 125 ? A ASP 126 
6 1 Y 1 A GLU 126 ? A GLU 127 
# 
loop_
_chem_comp_atom.comp_id 
_chem_comp_atom.atom_id 
_chem_comp_atom.type_symbol 
_chem_comp_atom.pdbx_aromatic_flag 
_chem_comp_atom.pdbx_stereo_config 
_chem_comp_atom.pdbx_ordinal 
ALA N    N N N 1   
ALA CA   C N S 2   
ALA C    C N N 3   
ALA O    O N N 4   
ALA CB   C N N 5   
ALA OXT  O N N 6   
ALA H    H N N 7   
ALA H2   H N N 8   
ALA HA   H N N 9   
ALA HB1  H N N 10  
ALA HB2  H N N 11  
ALA HB3  H N N 12  
ALA HXT  H N N 13  
ARG N    N N N 14  
ARG CA   C N S 15  
ARG C    C N N 16  
ARG O    O N N 17  
ARG CB   C N N 18  
ARG CG   C N N 19  
ARG CD   C N N 20  
ARG NE   N N N 21  
ARG CZ   C N N 22  
ARG NH1  N N N 23  
ARG NH2  N N N 24  
ARG OXT  O N N 25  
ARG H    H N N 26  
ARG H2   H N N 27  
ARG HA   H N N 28  
ARG HB2  H N N 29  
ARG HB3  H N N 30  
ARG HG2  H N N 31  
ARG HG3  H N N 32  
ARG HD2  H N N 33  
ARG HD3  H N N 34  
ARG HE   H N N 35  
ARG HH11 H N N 36  
ARG HH12 H N N 37  
ARG HH21 H N N 38  
ARG HH22 H N N 39  
ARG HXT  H N N 40  
ASN N    N N N 41  
ASN CA   C N S 42  
ASN C    C N N 43  
ASN O    O N N 44  
ASN CB   C N N 45  
ASN CG   C N N 46  
ASN OD1  O N N 47  
ASN ND2  N N N 48  
ASN OXT  O N N 49  
ASN H    H N N 50  
ASN H2   H N N 51  
ASN HA   H N N 52  
ASN HB2  H N N 53  
ASN HB3  H N N 54  
ASN HD21 H N N 55  
ASN HD22 H N N 56  
ASN HXT  H N N 57  
ASP N    N N N 58  
ASP CA   C N S 59  
ASP C    C N N 60  
ASP O    O N N 61  
ASP CB   C N N 62  
ASP CG   C N N 63  
ASP OD1  O N N 64  
ASP OD2  O N N 65  
ASP OXT  O N N 66  
ASP H    H N N 67  
ASP H2   H N N 68  
ASP HA   H N N 69  
ASP HB2  H N N 70  
ASP HB3  H N N 71  
ASP HD2  H N N 72  
ASP HXT  H N N 73  
CYS N    N N N 74  
CYS CA   C N R 75  
CYS C    C N N 76  
CYS O    O N N 77  
CYS CB   C N N 78  
CYS SG   S N N 79  
CYS OXT  O N N 80  
CYS H    H N N 81  
CYS H2   H N N 82  
CYS HA   H N N 83  
CYS HB2  H N N 84  
CYS HB3  H N N 85  
CYS HG   H N N 86  
CYS HXT  H N N 87  
GLN N    N N N 88  
GLN CA   C N S 89  
GLN C    C N N 90  
GLN O    O N N 91  
GLN CB   C N N 92  
GLN CG   C N N 93  
GLN CD   C N N 94  
GLN OE1  O N N 95  
GLN NE2  N N N 96  
GLN OXT  O N N 97  
GLN H    H N N 98  
GLN H2   H N N 99  
GLN HA   H N N 100 
GLN HB2  H N N 101 
GLN HB3  H N N 102 
GLN HG2  H N N 103 
GLN HG3  H N N 104 
GLN HE21 H N N 105 
GLN HE22 H N N 106 
GLN HXT  H N N 107 
GLU N    N N N 108 
GLU CA   C N S 109 
GLU C    C N N 110 
GLU O    O N N 111 
GLU CB   C N N 112 
GLU CG   C N N 113 
GLU CD   C N N 114 
GLU OE1  O N N 115 
GLU OE2  O N N 116 
GLU OXT  O N N 117 
GLU H    H N N 118 
GLU H2   H N N 119 
GLU HA   H N N 120 
GLU HB2  H N N 121 
GLU HB3  H N N 122 
GLU HG2  H N N 123 
GLU HG3  H N N 124 
GLU HE2  H N N 125 
GLU HXT  H N N 126 
GLY N    N N N 127 
GLY CA   C N N 128 
GLY C    C N N 129 
GLY O    O N N 130 
GLY OXT  O N N 131 
GLY H    H N N 132 
GLY H2   H N N 133 
GLY HA2  H N N 134 
GLY HA3  H N N 135 
GLY HXT  H N N 136 
HIS N    N N N 137 
HIS CA   C N S 138 
HIS C    C N N 139 
HIS O    O N N 140 
HIS CB   C N N 141 
HIS CG   C Y N 142 
HIS ND1  N Y N 143 
HIS CD2  C Y N 144 
HIS CE1  C Y N 145 
HIS NE2  N Y N 146 
HIS OXT  O N N 147 
HIS H    H N N 148 
HIS H2   H N N 149 
HIS HA   H N N 150 
HIS HB2  H N N 151 
HIS HB3  H N N 152 
HIS HD1  H N N 153 
HIS HD2  H N N 154 
HIS HE1  H N N 155 
HIS HE2  H N N 156 
HIS HXT  H N N 157 
HOH O    O N N 158 
HOH H1   H N N 159 
HOH H2   H N N 160 
ILE N    N N N 161 
ILE CA   C N S 162 
ILE C    C N N 163 
ILE O    O N N 164 
ILE CB   C N S 165 
ILE CG1  C N N 166 
ILE CG2  C N N 167 
ILE CD1  C N N 168 
ILE OXT  O N N 169 
ILE H    H N N 170 
ILE H2   H N N 171 
ILE HA   H N N 172 
ILE HB   H N N 173 
ILE HG12 H N N 174 
ILE HG13 H N N 175 
ILE HG21 H N N 176 
ILE HG22 H N N 177 
ILE HG23 H N N 178 
ILE HD11 H N N 179 
ILE HD12 H N N 180 
ILE HD13 H N N 181 
ILE HXT  H N N 182 
LEU N    N N N 183 
LEU CA   C N S 184 
LEU C    C N N 185 
LEU O    O N N 186 
LEU CB   C N N 187 
LEU CG   C N N 188 
LEU CD1  C N N 189 
LEU CD2  C N N 190 
LEU OXT  O N N 191 
LEU H    H N N 192 
LEU H2   H N N 193 
LEU HA   H N N 194 
LEU HB2  H N N 195 
LEU HB3  H N N 196 
LEU HG   H N N 197 
LEU HD11 H N N 198 
LEU HD12 H N N 199 
LEU HD13 H N N 200 
LEU HD21 H N N 201 
LEU HD22 H N N 202 
LEU HD23 H N N 203 
LEU HXT  H N N 204 
LYS N    N N N 205 
LYS CA   C N S 206 
LYS C    C N N 207 
LYS O    O N N 208 
LYS CB   C N N 209 
LYS CG   C N N 210 
LYS CD   C N N 211 
LYS CE   C N N 212 
LYS NZ   N N N 213 
LYS OXT  O N N 214 
LYS H    H N N 215 
LYS H2   H N N 216 
LYS HA   H N N 217 
LYS HB2  H N N 218 
LYS HB3  H N N 219 
LYS HG2  H N N 220 
LYS HG3  H N N 221 
LYS HD2  H N N 222 
LYS HD3  H N N 223 
LYS HE2  H N N 224 
LYS HE3  H N N 225 
LYS HZ1  H N N 226 
LYS HZ2  H N N 227 
LYS HZ3  H N N 228 
LYS HXT  H N N 229 
MET N    N N N 230 
MET CA   C N S 231 
MET C    C N N 232 
MET O    O N N 233 
MET CB   C N N 234 
MET CG   C N N 235 
MET SD   S N N 236 
MET CE   C N N 237 
MET OXT  O N N 238 
MET H    H N N 239 
MET H2   H N N 240 
MET HA   H N N 241 
MET HB2  H N N 242 
MET HB3  H N N 243 
MET HG2  H N N 244 
MET HG3  H N N 245 
MET HE1  H N N 246 
MET HE2  H N N 247 
MET HE3  H N N 248 
MET HXT  H N N 249 
PHE N    N N N 250 
PHE CA   C N S 251 
PHE C    C N N 252 
PHE O    O N N 253 
PHE CB   C N N 254 
PHE CG   C Y N 255 
PHE CD1  C Y N 256 
PHE CD2  C Y N 257 
PHE CE1  C Y N 258 
PHE CE2  C Y N 259 
PHE CZ   C Y N 260 
PHE OXT  O N N 261 
PHE H    H N N 262 
PHE H2   H N N 263 
PHE HA   H N N 264 
PHE HB2  H N N 265 
PHE HB3  H N N 266 
PHE HD1  H N N 267 
PHE HD2  H N N 268 
PHE HE1  H N N 269 
PHE HE2  H N N 270 
PHE HZ   H N N 271 
PHE HXT  H N N 272 
PRO N    N N N 273 
PRO CA   C N S 274 
PRO C    C N N 275 
PRO O    O N N 276 
PRO CB   C N N 277 
PRO CG   C N N 278 
PRO CD   C N N 279 
PRO OXT  O N N 280 
PRO H    H N N 281 
PRO HA   H N N 282 
PRO HB2  H N N 283 
PRO HB3  H N N 284 
PRO HG2  H N N 285 
PRO HG3  H N N 286 
PRO HD2  H N N 287 
PRO HD3  H N N 288 
PRO HXT  H N N 289 
SER N    N N N 290 
SER CA   C N S 291 
SER C    C N N 292 
SER O    O N N 293 
SER CB   C N N 294 
SER OG   O N N 295 
SER OXT  O N N 296 
SER H    H N N 297 
SER H2   H N N 298 
SER HA   H N N 299 
SER HB2  H N N 300 
SER HB3  H N N 301 
SER HG   H N N 302 
SER HXT  H N N 303 
THR N    N N N 304 
THR CA   C N S 305 
THR C    C N N 306 
THR O    O N N 307 
THR CB   C N R 308 
THR OG1  O N N 309 
THR CG2  C N N 310 
THR OXT  O N N 311 
THR H    H N N 312 
THR H2   H N N 313 
THR HA   H N N 314 
THR HB   H N N 315 
THR HG1  H N N 316 
THR HG21 H N N 317 
THR HG22 H N N 318 
THR HG23 H N N 319 
THR HXT  H N N 320 
TRP N    N N N 321 
TRP CA   C N S 322 
TRP C    C N N 323 
TRP O    O N N 324 
TRP CB   C N N 325 
TRP CG   C Y N 326 
TRP CD1  C Y N 327 
TRP CD2  C Y N 328 
TRP NE1  N Y N 329 
TRP CE2  C Y N 330 
TRP CE3  C Y N 331 
TRP CZ2  C Y N 332 
TRP CZ3  C Y N 333 
TRP CH2  C Y N 334 
TRP OXT  O N N 335 
TRP H    H N N 336 
TRP H2   H N N 337 
TRP HA   H N N 338 
TRP HB2  H N N 339 
TRP HB3  H N N 340 
TRP HD1  H N N 341 
TRP HE1  H N N 342 
TRP HE3  H N N 343 
TRP HZ2  H N N 344 
TRP HZ3  H N N 345 
TRP HH2  H N N 346 
TRP HXT  H N N 347 
TYR N    N N N 348 
TYR CA   C N S 349 
TYR C    C N N 350 
TYR O    O N N 351 
TYR CB   C N N 352 
TYR CG   C Y N 353 
TYR CD1  C Y N 354 
TYR CD2  C Y N 355 
TYR CE1  C Y N 356 
TYR CE2  C Y N 357 
TYR CZ   C Y N 358 
TYR OH   O N N 359 
TYR OXT  O N N 360 
TYR H    H N N 361 
TYR H2   H N N 362 
TYR HA   H N N 363 
TYR HB2  H N N 364 
TYR HB3  H N N 365 
TYR HD1  H N N 366 
TYR HD2  H N N 367 
TYR HE1  H N N 368 
TYR HE2  H N N 369 
TYR HH   H N N 370 
TYR HXT  H N N 371 
VAL N    N N N 372 
VAL CA   C N S 373 
VAL C    C N N 374 
VAL O    O N N 375 
VAL CB   C N N 376 
VAL CG1  C N N 377 
VAL CG2  C N N 378 
VAL OXT  O N N 379 
VAL H    H N N 380 
VAL H2   H N N 381 
VAL HA   H N N 382 
VAL HB   H N N 383 
VAL HG11 H N N 384 
VAL HG12 H N N 385 
VAL HG13 H N N 386 
VAL HG21 H N N 387 
VAL HG22 H N N 388 
VAL HG23 H N N 389 
VAL HXT  H N N 390 
# 
loop_
_chem_comp_bond.comp_id 
_chem_comp_bond.atom_id_1 
_chem_comp_bond.atom_id_2 
_chem_comp_bond.value_order 
_chem_comp_bond.pdbx_aromatic_flag 
_chem_comp_bond.pdbx_stereo_config 
_chem_comp_bond.pdbx_ordinal 
ALA N   CA   sing N N 1   
ALA N   H    sing N N 2   
ALA N   H2   sing N N 3   
ALA CA  C    sing N N 4   
ALA CA  CB   sing N N 5   
ALA CA  HA   sing N N 6   
ALA C   O    doub N N 7   
ALA C   OXT  sing N N 8   
ALA CB  HB1  sing N N 9   
ALA CB  HB2  sing N N 10  
ALA CB  HB3  sing N N 11  
ALA OXT HXT  sing N N 12  
ARG N   CA   sing N N 13  
ARG N   H    sing N N 14  
ARG N   H2   sing N N 15  
ARG CA  C    sing N N 16  
ARG CA  CB   sing N N 17  
ARG CA  HA   sing N N 18  
ARG C   O    doub N N 19  
ARG C   OXT  sing N N 20  
ARG CB  CG   sing N N 21  
ARG CB  HB2  sing N N 22  
ARG CB  HB3  sing N N 23  
ARG CG  CD   sing N N 24  
ARG CG  HG2  sing N N 25  
ARG CG  HG3  sing N N 26  
ARG CD  NE   sing N N 27  
ARG CD  HD2  sing N N 28  
ARG CD  HD3  sing N N 29  
ARG NE  CZ   sing N N 30  
ARG NE  HE   sing N N 31  
ARG CZ  NH1  sing N N 32  
ARG CZ  NH2  doub N N 33  
ARG NH1 HH11 sing N N 34  
ARG NH1 HH12 sing N N 35  
ARG NH2 HH21 sing N N 36  
ARG NH2 HH22 sing N N 37  
ARG OXT HXT  sing N N 38  
ASN N   CA   sing N N 39  
ASN N   H    sing N N 40  
ASN N   H2   sing N N 41  
ASN CA  C    sing N N 42  
ASN CA  CB   sing N N 43  
ASN CA  HA   sing N N 44  
ASN C   O    doub N N 45  
ASN C   OXT  sing N N 46  
ASN CB  CG   sing N N 47  
ASN CB  HB2  sing N N 48  
ASN CB  HB3  sing N N 49  
ASN CG  OD1  doub N N 50  
ASN CG  ND2  sing N N 51  
ASN ND2 HD21 sing N N 52  
ASN ND2 HD22 sing N N 53  
ASN OXT HXT  sing N N 54  
ASP N   CA   sing N N 55  
ASP N   H    sing N N 56  
ASP N   H2   sing N N 57  
ASP CA  C    sing N N 58  
ASP CA  CB   sing N N 59  
ASP CA  HA   sing N N 60  
ASP C   O    doub N N 61  
ASP C   OXT  sing N N 62  
ASP CB  CG   sing N N 63  
ASP CB  HB2  sing N N 64  
ASP CB  HB3  sing N N 65  
ASP CG  OD1  doub N N 66  
ASP CG  OD2  sing N N 67  
ASP OD2 HD2  sing N N 68  
ASP OXT HXT  sing N N 69  
CYS N   CA   sing N N 70  
CYS N   H    sing N N 71  
CYS N   H2   sing N N 72  
CYS CA  C    sing N N 73  
CYS CA  CB   sing N N 74  
CYS CA  HA   sing N N 75  
CYS C   O    doub N N 76  
CYS C   OXT  sing N N 77  
CYS CB  SG   sing N N 78  
CYS CB  HB2  sing N N 79  
CYS CB  HB3  sing N N 80  
CYS SG  HG   sing N N 81  
CYS OXT HXT  sing N N 82  
GLN N   CA   sing N N 83  
GLN N   H    sing N N 84  
GLN N   H2   sing N N 85  
GLN CA  C    sing N N 86  
GLN CA  CB   sing N N 87  
GLN CA  HA   sing N N 88  
GLN C   O    doub N N 89  
GLN C   OXT  sing N N 90  
GLN CB  CG   sing N N 91  
GLN CB  HB2  sing N N 92  
GLN CB  HB3  sing N N 93  
GLN CG  CD   sing N N 94  
GLN CG  HG2  sing N N 95  
GLN CG  HG3  sing N N 96  
GLN CD  OE1  doub N N 97  
GLN CD  NE2  sing N N 98  
GLN NE2 HE21 sing N N 99  
GLN NE2 HE22 sing N N 100 
GLN OXT HXT  sing N N 101 
GLU N   CA   sing N N 102 
GLU N   H    sing N N 103 
GLU N   H2   sing N N 104 
GLU CA  C    sing N N 105 
GLU CA  CB   sing N N 106 
GLU CA  HA   sing N N 107 
GLU C   O    doub N N 108 
GLU C   OXT  sing N N 109 
GLU CB  CG   sing N N 110 
GLU CB  HB2  sing N N 111 
GLU CB  HB3  sing N N 112 
GLU CG  CD   sing N N 113 
GLU CG  HG2  sing N N 114 
GLU CG  HG3  sing N N 115 
GLU CD  OE1  doub N N 116 
GLU CD  OE2  sing N N 117 
GLU OE2 HE2  sing N N 118 
GLU OXT HXT  sing N N 119 
GLY N   CA   sing N N 120 
GLY N   H    sing N N 121 
GLY N   H2   sing N N 122 
GLY CA  C    sing N N 123 
GLY CA  HA2  sing N N 124 
GLY CA  HA3  sing N N 125 
GLY C   O    doub N N 126 
GLY C   OXT  sing N N 127 
GLY OXT HXT  sing N N 128 
HIS N   CA   sing N N 129 
HIS N   H    sing N N 130 
HIS N   H2   sing N N 131 
HIS CA  C    sing N N 132 
HIS CA  CB   sing N N 133 
HIS CA  HA   sing N N 134 
HIS C   O    doub N N 135 
HIS C   OXT  sing N N 136 
HIS CB  CG   sing N N 137 
HIS CB  HB2  sing N N 138 
HIS CB  HB3  sing N N 139 
HIS CG  ND1  sing Y N 140 
HIS CG  CD2  doub Y N 141 
HIS ND1 CE1  doub Y N 142 
HIS ND1 HD1  sing N N 143 
HIS CD2 NE2  sing Y N 144 
HIS CD2 HD2  sing N N 145 
HIS CE1 NE2  sing Y N 146 
HIS CE1 HE1  sing N N 147 
HIS NE2 HE2  sing N N 148 
HIS OXT HXT  sing N N 149 
HOH O   H1   sing N N 150 
HOH O   H2   sing N N 151 
ILE N   CA   sing N N 152 
ILE N   H    sing N N 153 
ILE N   H2   sing N N 154 
ILE CA  C    sing N N 155 
ILE CA  CB   sing N N 156 
ILE CA  HA   sing N N 157 
ILE C   O    doub N N 158 
ILE C   OXT  sing N N 159 
ILE CB  CG1  sing N N 160 
ILE CB  CG2  sing N N 161 
ILE CB  HB   sing N N 162 
ILE CG1 CD1  sing N N 163 
ILE CG1 HG12 sing N N 164 
ILE CG1 HG13 sing N N 165 
ILE CG2 HG21 sing N N 166 
ILE CG2 HG22 sing N N 167 
ILE CG2 HG23 sing N N 168 
ILE CD1 HD11 sing N N 169 
ILE CD1 HD12 sing N N 170 
ILE CD1 HD13 sing N N 171 
ILE OXT HXT  sing N N 172 
LEU N   CA   sing N N 173 
LEU N   H    sing N N 174 
LEU N   H2   sing N N 175 
LEU CA  C    sing N N 176 
LEU CA  CB   sing N N 177 
LEU CA  HA   sing N N 178 
LEU C   O    doub N N 179 
LEU C   OXT  sing N N 180 
LEU CB  CG   sing N N 181 
LEU CB  HB2  sing N N 182 
LEU CB  HB3  sing N N 183 
LEU CG  CD1  sing N N 184 
LEU CG  CD2  sing N N 185 
LEU CG  HG   sing N N 186 
LEU CD1 HD11 sing N N 187 
LEU CD1 HD12 sing N N 188 
LEU CD1 HD13 sing N N 189 
LEU CD2 HD21 sing N N 190 
LEU CD2 HD22 sing N N 191 
LEU CD2 HD23 sing N N 192 
LEU OXT HXT  sing N N 193 
LYS N   CA   sing N N 194 
LYS N   H    sing N N 195 
LYS N   H2   sing N N 196 
LYS CA  C    sing N N 197 
LYS CA  CB   sing N N 198 
LYS CA  HA   sing N N 199 
LYS C   O    doub N N 200 
LYS C   OXT  sing N N 201 
LYS CB  CG   sing N N 202 
LYS CB  HB2  sing N N 203 
LYS CB  HB3  sing N N 204 
LYS CG  CD   sing N N 205 
LYS CG  HG2  sing N N 206 
LYS CG  HG3  sing N N 207 
LYS CD  CE   sing N N 208 
LYS CD  HD2  sing N N 209 
LYS CD  HD3  sing N N 210 
LYS CE  NZ   sing N N 211 
LYS CE  HE2  sing N N 212 
LYS CE  HE3  sing N N 213 
LYS NZ  HZ1  sing N N 214 
LYS NZ  HZ2  sing N N 215 
LYS NZ  HZ3  sing N N 216 
LYS OXT HXT  sing N N 217 
MET N   CA   sing N N 218 
MET N   H    sing N N 219 
MET N   H2   sing N N 220 
MET CA  C    sing N N 221 
MET CA  CB   sing N N 222 
MET CA  HA   sing N N 223 
MET C   O    doub N N 224 
MET C   OXT  sing N N 225 
MET CB  CG   sing N N 226 
MET CB  HB2  sing N N 227 
MET CB  HB3  sing N N 228 
MET CG  SD   sing N N 229 
MET CG  HG2  sing N N 230 
MET CG  HG3  sing N N 231 
MET SD  CE   sing N N 232 
MET CE  HE1  sing N N 233 
MET CE  HE2  sing N N 234 
MET CE  HE3  sing N N 235 
MET OXT HXT  sing N N 236 
PHE N   CA   sing N N 237 
PHE N   H    sing N N 238 
PHE N   H2   sing N N 239 
PHE CA  C    sing N N 240 
PHE CA  CB   sing N N 241 
PHE CA  HA   sing N N 242 
PHE C   O    doub N N 243 
PHE C   OXT  sing N N 244 
PHE CB  CG   sing N N 245 
PHE CB  HB2  sing N N 246 
PHE CB  HB3  sing N N 247 
PHE CG  CD1  doub Y N 248 
PHE CG  CD2  sing Y N 249 
PHE CD1 CE1  sing Y N 250 
PHE CD1 HD1  sing N N 251 
PHE CD2 CE2  doub Y N 252 
PHE CD2 HD2  sing N N 253 
PHE CE1 CZ   doub Y N 254 
PHE CE1 HE1  sing N N 255 
PHE CE2 CZ   sing Y N 256 
PHE CE2 HE2  sing N N 257 
PHE CZ  HZ   sing N N 258 
PHE OXT HXT  sing N N 259 
PRO N   CA   sing N N 260 
PRO N   CD   sing N N 261 
PRO N   H    sing N N 262 
PRO CA  C    sing N N 263 
PRO CA  CB   sing N N 264 
PRO CA  HA   sing N N 265 
PRO C   O    doub N N 266 
PRO C   OXT  sing N N 267 
PRO CB  CG   sing N N 268 
PRO CB  HB2  sing N N 269 
PRO CB  HB3  sing N N 270 
PRO CG  CD   sing N N 271 
PRO CG  HG2  sing N N 272 
PRO CG  HG3  sing N N 273 
PRO CD  HD2  sing N N 274 
PRO CD  HD3  sing N N 275 
PRO OXT HXT  sing N N 276 
SER N   CA   sing N N 277 
SER N   H    sing N N 278 
SER N   H2   sing N N 279 
SER CA  C    sing N N 280 
SER CA  CB   sing N N 281 
SER CA  HA   sing N N 282 
SER C   O    doub N N 283 
SER C   OXT  sing N N 284 
SER CB  OG   sing N N 285 
SER CB  HB2  sing N N 286 
SER CB  HB3  sing N N 287 
SER OG  HG   sing N N 288 
SER OXT HXT  sing N N 289 
THR N   CA   sing N N 290 
THR N   H    sing N N 291 
THR N   H2   sing N N 292 
THR CA  C    sing N N 293 
THR CA  CB   sing N N 294 
THR CA  HA   sing N N 295 
THR C   O    doub N N 296 
THR C   OXT  sing N N 297 
THR CB  OG1  sing N N 298 
THR CB  CG2  sing N N 299 
THR CB  HB   sing N N 300 
THR OG1 HG1  sing N N 301 
THR CG2 HG21 sing N N 302 
THR CG2 HG22 sing N N 303 
THR CG2 HG23 sing N N 304 
THR OXT HXT  sing N N 305 
TRP N   CA   sing N N 306 
TRP N   H    sing N N 307 
TRP N   H2   sing N N 308 
TRP CA  C    sing N N 309 
TRP CA  CB   sing N N 310 
TRP CA  HA   sing N N 311 
TRP C   O    doub N N 312 
TRP C   OXT  sing N N 313 
TRP CB  CG   sing N N 314 
TRP CB  HB2  sing N N 315 
TRP CB  HB3  sing N N 316 
TRP CG  CD1  doub Y N 317 
TRP CG  CD2  sing Y N 318 
TRP CD1 NE1  sing Y N 319 
TRP CD1 HD1  sing N N 320 
TRP CD2 CE2  doub Y N 321 
TRP CD2 CE3  sing Y N 322 
TRP NE1 CE2  sing Y N 323 
TRP NE1 HE1  sing N N 324 
TRP CE2 CZ2  sing Y N 325 
TRP CE3 CZ3  doub Y N 326 
TRP CE3 HE3  sing N N 327 
TRP CZ2 CH2  doub Y N 328 
TRP CZ2 HZ2  sing N N 329 
TRP CZ3 CH2  sing Y N 330 
TRP CZ3 HZ3  sing N N 331 
TRP CH2 HH2  sing N N 332 
TRP OXT HXT  sing N N 333 
TYR N   CA   sing N N 334 
TYR N   H    sing N N 335 
TYR N   H2   sing N N 336 
TYR CA  C    sing N N 337 
TYR CA  CB   sing N N 338 
TYR CA  HA   sing N N 339 
TYR C   O    doub N N 340 
TYR C   OXT  sing N N 341 
TYR CB  CG   sing N N 342 
TYR CB  HB2  sing N N 343 
TYR CB  HB3  sing N N 344 
TYR CG  CD1  doub Y N 345 
TYR CG  CD2  sing Y N 346 
TYR CD1 CE1  sing Y N 347 
TYR CD1 HD1  sing N N 348 
TYR CD2 CE2  doub Y N 349 
TYR CD2 HD2  sing N N 350 
TYR CE1 CZ   doub Y N 351 
TYR CE1 HE1  sing N N 352 
TYR CE2 CZ   sing Y N 353 
TYR CE2 HE2  sing N N 354 
TYR CZ  OH   sing N N 355 
TYR OH  HH   sing N N 356 
TYR OXT HXT  sing N N 357 
VAL N   CA   sing N N 358 
VAL N   H    sing N N 359 
VAL N   H2   sing N N 360 
VAL CA  C    sing N N 361 
VAL CA  CB   sing N N 362 
VAL CA  HA   sing N N 363 
VAL C   O    doub N N 364 
VAL C   OXT  sing N N 365 
VAL CB  CG1  sing N N 366 
VAL CB  CG2  sing N N 367 
VAL CB  HB   sing N N 368 
VAL CG1 HG11 sing N N 369 
VAL CG1 HG12 sing N N 370 
VAL CG1 HG13 sing N N 371 
VAL CG2 HG21 sing N N 372 
VAL CG2 HG22 sing N N 373 
VAL CG2 HG23 sing N N 374 
VAL OXT HXT  sing N N 375 
# 
_pdbx_entity_nonpoly.entity_id   2 
_pdbx_entity_nonpoly.name        water 
_pdbx_entity_nonpoly.comp_id     HOH 
# 
_pdbx_initial_refinement_model.id               1 
_pdbx_initial_refinement_model.entity_id_list   ? 
_pdbx_initial_refinement_model.type             'experimental model' 
_pdbx_initial_refinement_model.source_name      PDB 
_pdbx_initial_refinement_model.accession_code   6KKO 
_pdbx_initial_refinement_model.details          ? 
# 
_pdbx_struct_assembly_auth_evidence.id                     1 
_pdbx_struct_assembly_auth_evidence.assembly_id            1 
_pdbx_struct_assembly_auth_evidence.experimental_support   none 
_pdbx_struct_assembly_auth_evidence.details                ? 
# 
